data_9R21
#
_entry.id   9R21
#
_cell.length_a   1.00
_cell.length_b   1.00
_cell.length_c   1.00
_cell.angle_alpha   90.00
_cell.angle_beta   90.00
_cell.angle_gamma   90.00
#
_symmetry.space_group_name_H-M   'P 1'
#
loop_
_entity.id
_entity.type
_entity.pdbx_description
1 polymer 'flotillin-associated rhodopsin'
2 non-polymer EICOSANE
3 water water
#
_entity_poly.entity_id   1
_entity_poly.type   'polypeptide(L)'
_entity_poly.pdbx_seq_one_letter_code
;MNSTLLPTDIVGGTFWLLSMALIGASIFFLLERNRVDGRWHTTMTLLGVTMLISAIFYYYVQGMWVDTGKAPIVLRYLDW
ILTHSMQVVMFYVILTAVTKVSSALFWRLLIGALVMVIGEFLGAAGYMSATLGFIIGVVGWLYILGEIYMGEASRCNIES
GNEATHMAFNGLRLILTIGWAIYPLGYFINNLGGGVDANSLNIIYNLTDFLNKIIFGFVVYRAAMNDTQARLDEIKKLEH
HHHHH
;
_entity_poly.pdbx_strand_id   A,B,C,D,E
#
loop_
_chem_comp.id
_chem_comp.type
_chem_comp.name
_chem_comp.formula
LFA non-polymer EICOSANE 'C20 H42'
#
# COMPACT_ATOMS: atom_id res chain seq x y z
N ASN A 2 20.60 -35.55 3.40
CA ASN A 2 20.00 -34.77 4.53
C ASN A 2 18.82 -35.57 5.09
N SER A 3 18.11 -34.98 6.08
CA SER A 3 16.90 -35.57 6.63
C SER A 3 15.68 -34.96 5.94
N THR A 4 14.79 -35.80 5.42
CA THR A 4 13.78 -35.33 4.50
C THR A 4 13.00 -34.22 5.18
N LEU A 5 12.56 -33.24 4.39
CA LEU A 5 11.60 -32.28 4.90
C LEU A 5 10.29 -33.03 5.11
N LEU A 6 9.53 -32.62 6.13
CA LEU A 6 8.23 -33.21 6.39
C LEU A 6 7.17 -32.49 5.58
N PRO A 7 6.04 -33.15 5.22
CA PRO A 7 5.04 -32.50 4.38
C PRO A 7 4.44 -31.30 5.07
N THR A 8 4.45 -31.31 6.40
CA THR A 8 4.05 -30.15 7.18
C THR A 8 4.94 -28.94 6.87
N ASP A 9 6.24 -29.18 6.63
CA ASP A 9 7.20 -28.13 6.32
C ASP A 9 6.96 -27.63 4.90
N ILE A 10 6.60 -28.55 4.01
CA ILE A 10 6.29 -28.19 2.64
C ILE A 10 4.96 -27.43 2.57
N VAL A 11 3.95 -27.86 3.34
CA VAL A 11 2.68 -27.19 3.33
C VAL A 11 2.82 -25.70 3.67
N GLY A 12 3.67 -25.40 4.65
CA GLY A 12 3.75 -24.06 5.16
C GLY A 12 4.53 -23.16 4.22
N GLY A 13 5.56 -23.75 3.56
CA GLY A 13 6.46 -23.02 2.68
C GLY A 13 5.80 -22.68 1.35
N THR A 14 4.99 -23.62 0.86
CA THR A 14 4.20 -23.42 -0.33
C THR A 14 3.10 -22.37 -0.07
N PHE A 15 2.64 -22.18 1.15
CA PHE A 15 1.73 -21.07 1.37
C PHE A 15 2.51 -19.77 1.21
N TRP A 16 3.73 -19.72 1.70
CA TRP A 16 4.52 -18.52 1.53
C TRP A 16 4.87 -18.29 0.06
N LEU A 17 5.27 -19.37 -0.61
CA LEU A 17 5.63 -19.31 -2.00
C LEU A 17 4.47 -18.71 -2.79
N LEU A 18 3.28 -19.26 -2.55
CA LEU A 18 2.11 -18.83 -3.29
C LEU A 18 1.82 -17.38 -3.01
N SER A 19 1.87 -17.03 -1.76
CA SER A 19 1.63 -15.68 -1.31
C SER A 19 2.52 -14.70 -2.07
N MET A 20 3.82 -15.01 -2.12
CA MET A 20 4.81 -14.16 -2.76
C MET A 20 4.59 -14.09 -4.27
N ALA A 21 4.45 -15.25 -4.91
CA ALA A 21 4.29 -15.27 -6.34
C ALA A 21 3.05 -14.47 -6.72
N LEU A 22 2.01 -14.54 -5.92
CA LEU A 22 0.74 -13.97 -6.32
C LEU A 22 0.76 -12.47 -6.12
N ILE A 23 1.30 -12.00 -5.00
CA ILE A 23 1.44 -10.55 -4.86
C ILE A 23 2.34 -9.98 -5.95
N GLY A 24 3.35 -10.78 -6.36
CA GLY A 24 4.22 -10.43 -7.46
C GLY A 24 3.46 -10.25 -8.76
N ALA A 25 2.74 -11.31 -9.12
CA ALA A 25 1.93 -11.31 -10.34
C ALA A 25 0.92 -10.17 -10.36
N SER A 26 0.33 -9.91 -9.22
CA SER A 26 -0.68 -8.88 -9.11
C SER A 26 -0.10 -7.54 -9.51
N ILE A 27 0.98 -7.14 -8.79
CA ILE A 27 1.64 -5.86 -8.96
C ILE A 27 2.15 -5.72 -10.39
N PHE A 28 2.73 -6.77 -10.94
CA PHE A 28 3.15 -6.73 -12.32
C PHE A 28 2.01 -6.46 -13.30
N PHE A 29 0.91 -7.21 -13.16
CA PHE A 29 -0.23 -7.03 -14.01
C PHE A 29 -0.82 -5.64 -13.82
N LEU A 30 -0.76 -5.08 -12.62
CA LEU A 30 -1.39 -3.80 -12.41
C LEU A 30 -0.51 -2.65 -12.86
N LEU A 31 0.80 -2.84 -12.94
CA LEU A 31 1.67 -1.79 -13.42
C LEU A 31 1.81 -1.85 -14.94
N GLU A 32 1.55 -3.00 -15.52
CA GLU A 32 1.62 -3.17 -16.95
C GLU A 32 0.27 -2.84 -17.59
N ARG A 33 -0.70 -2.44 -16.76
CA ARG A 33 -2.03 -2.05 -17.19
C ARG A 33 -1.99 -0.77 -18.01
N ASN A 34 -0.91 -0.01 -17.88
CA ASN A 34 -0.87 1.32 -18.46
C ASN A 34 -0.15 1.28 -19.80
N ARG A 35 0.48 0.16 -20.10
CA ARG A 35 1.26 0.05 -21.32
C ARG A 35 0.49 -0.71 -22.40
N VAL A 36 -0.65 -1.29 -22.06
CA VAL A 36 -1.50 -1.94 -23.06
C VAL A 36 -2.46 -0.89 -23.57
N ASP A 37 -3.08 -1.13 -24.75
CA ASP A 37 -4.15 -0.30 -25.22
C ASP A 37 -5.22 -0.14 -24.15
N GLY A 38 -6.10 0.85 -24.31
CA GLY A 38 -7.12 1.08 -23.31
C GLY A 38 -8.19 0.03 -23.42
N ARG A 39 -8.28 -0.65 -24.58
CA ARG A 39 -9.26 -1.70 -24.78
C ARG A 39 -8.93 -2.87 -23.86
N TRP A 40 -7.74 -2.85 -23.27
CA TRP A 40 -7.25 -3.99 -22.52
C TRP A 40 -7.21 -3.71 -21.04
N HIS A 41 -7.58 -2.52 -20.64
CA HIS A 41 -7.42 -2.02 -19.28
C HIS A 41 -8.26 -2.77 -18.24
N THR A 42 -9.52 -3.10 -18.56
CA THR A 42 -10.35 -3.88 -17.67
C THR A 42 -9.84 -5.29 -17.52
N THR A 43 -9.34 -5.87 -18.61
CA THR A 43 -8.76 -7.19 -18.58
C THR A 43 -7.59 -7.20 -17.63
N MET A 44 -6.79 -6.16 -17.64
CA MET A 44 -5.58 -6.16 -16.87
C MET A 44 -5.87 -5.86 -15.40
N THR A 45 -6.90 -5.07 -15.15
CA THR A 45 -7.30 -4.74 -13.79
C THR A 45 -7.91 -5.97 -13.15
N LEU A 46 -8.75 -6.66 -13.90
CA LEU A 46 -9.39 -7.85 -13.42
C LEU A 46 -8.32 -8.93 -13.17
N LEU A 47 -7.39 -9.07 -14.08
CA LEU A 47 -6.30 -9.99 -13.88
C LEU A 47 -5.57 -9.73 -12.56
N GLY A 48 -5.10 -8.49 -12.37
CA GLY A 48 -4.27 -8.13 -11.25
C GLY A 48 -5.02 -8.19 -9.94
N VAL A 49 -6.34 -8.02 -10.02
CA VAL A 49 -7.13 -8.02 -8.81
C VAL A 49 -7.39 -9.47 -8.44
N THR A 50 -7.62 -10.32 -9.43
CA THR A 50 -7.71 -11.75 -9.22
C THR A 50 -6.47 -12.25 -8.47
N MET A 51 -5.27 -11.84 -8.91
CA MET A 51 -4.04 -12.29 -8.26
C MET A 51 -3.97 -11.80 -6.81
N LEU A 52 -4.49 -10.60 -6.57
CA LEU A 52 -4.42 -9.99 -5.27
C LEU A 52 -5.36 -10.69 -4.30
N ILE A 53 -6.56 -11.05 -4.75
CA ILE A 53 -7.52 -11.70 -3.88
C ILE A 53 -6.88 -12.99 -3.43
N SER A 54 -6.29 -13.65 -4.40
CA SER A 54 -5.68 -14.93 -4.21
C SER A 54 -4.56 -14.82 -3.18
N ALA A 55 -3.82 -13.73 -3.27
CA ALA A 55 -2.67 -13.53 -2.41
C ALA A 55 -3.13 -13.31 -0.98
N ILE A 56 -4.23 -12.59 -0.84
CA ILE A 56 -4.79 -12.28 0.47
C ILE A 56 -5.34 -13.55 1.11
N PHE A 57 -5.95 -14.41 0.33
CA PHE A 57 -6.26 -15.73 0.82
C PHE A 57 -5.02 -16.39 1.41
N TYR A 58 -3.95 -16.51 0.62
CA TYR A 58 -2.80 -17.28 1.04
C TYR A 58 -2.19 -16.65 2.28
N TYR A 59 -2.34 -15.35 2.45
CA TYR A 59 -1.90 -14.70 3.65
C TYR A 59 -2.74 -15.11 4.85
N TYR A 60 -4.06 -15.12 4.69
CA TYR A 60 -4.98 -15.58 5.70
C TYR A 60 -4.67 -17.03 6.05
N VAL A 61 -4.37 -17.85 5.06
CA VAL A 61 -4.21 -19.26 5.32
C VAL A 61 -2.88 -19.51 6.02
N GLN A 62 -1.84 -18.76 5.67
CA GLN A 62 -0.53 -19.08 6.22
C GLN A 62 -0.57 -18.72 7.70
N GLY A 63 -1.35 -17.72 8.08
CA GLY A 63 -1.40 -17.34 9.48
C GLY A 63 -2.14 -18.38 10.29
N MET A 64 -3.20 -18.94 9.70
CA MET A 64 -3.98 -19.98 10.33
C MET A 64 -3.06 -21.16 10.59
N TRP A 65 -2.17 -21.44 9.65
CA TRP A 65 -1.32 -22.60 9.65
C TRP A 65 -0.22 -22.43 10.67
N VAL A 66 0.39 -21.24 10.62
CA VAL A 66 1.44 -20.92 11.56
C VAL A 66 0.90 -21.01 12.98
N ASP A 67 -0.32 -20.53 13.19
CA ASP A 67 -0.90 -20.52 14.53
C ASP A 67 -1.32 -21.92 14.94
N THR A 68 -1.90 -22.70 14.04
CA THR A 68 -2.66 -23.86 14.42
C THR A 68 -2.09 -25.16 13.84
N GLY A 69 -1.42 -25.09 12.70
CA GLY A 69 -0.92 -26.29 12.05
C GLY A 69 -2.04 -27.01 11.33
N LYS A 70 -3.16 -26.34 11.16
CA LYS A 70 -4.28 -26.87 10.41
C LYS A 70 -4.62 -25.86 9.33
N ALA A 71 -4.92 -26.41 8.15
CA ALA A 71 -5.37 -25.65 7.00
C ALA A 71 -6.40 -26.50 6.30
N PRO A 72 -7.65 -26.50 6.77
CA PRO A 72 -8.67 -27.34 6.15
C PRO A 72 -8.70 -27.10 4.63
N ILE A 73 -9.16 -28.12 3.90
CA ILE A 73 -9.36 -28.00 2.48
C ILE A 73 -10.60 -27.16 2.15
N VAL A 74 -11.64 -27.23 2.98
CA VAL A 74 -12.89 -26.51 2.78
C VAL A 74 -12.63 -25.00 2.72
N LEU A 75 -11.52 -24.53 3.28
CA LEU A 75 -11.16 -23.13 3.21
C LEU A 75 -10.91 -22.72 1.77
N ARG A 76 -10.68 -23.66 0.87
CA ARG A 76 -10.28 -23.32 -0.49
C ARG A 76 -11.45 -22.70 -1.24
N TYR A 77 -12.67 -22.96 -0.78
CA TYR A 77 -13.86 -22.46 -1.45
C TYR A 77 -14.05 -20.96 -1.26
N LEU A 78 -13.42 -20.39 -0.26
CA LEU A 78 -13.42 -18.95 -0.11
C LEU A 78 -12.72 -18.27 -1.26
N ASP A 79 -11.53 -18.81 -1.62
CA ASP A 79 -10.74 -18.33 -2.74
C ASP A 79 -11.53 -18.61 -4.02
N TRP A 80 -11.87 -19.86 -4.26
CA TRP A 80 -12.51 -20.24 -5.51
C TRP A 80 -13.85 -19.59 -5.76
N ILE A 81 -14.63 -19.27 -4.73
CA ILE A 81 -15.88 -18.60 -5.00
C ILE A 81 -15.60 -17.26 -5.69
N LEU A 82 -14.53 -16.60 -5.26
CA LEU A 82 -14.18 -15.34 -5.89
C LEU A 82 -13.35 -15.55 -7.15
N THR A 83 -12.21 -16.21 -7.04
CA THR A 83 -11.25 -16.20 -8.14
C THR A 83 -11.65 -17.17 -9.27
N HIS A 84 -12.42 -18.22 -9.04
CA HIS A 84 -12.78 -19.03 -10.19
C HIS A 84 -13.82 -18.34 -11.05
N SER A 85 -14.61 -17.48 -10.41
CA SER A 85 -15.63 -16.67 -11.06
C SER A 85 -14.95 -15.58 -11.87
N MET A 86 -13.93 -14.97 -11.28
CA MET A 86 -13.19 -13.94 -11.97
C MET A 86 -12.47 -14.54 -13.17
N GLN A 87 -11.96 -15.76 -13.05
CA GLN A 87 -11.25 -16.32 -14.18
C GLN A 87 -12.18 -16.74 -15.29
N VAL A 88 -13.45 -17.08 -15.00
CA VAL A 88 -14.29 -17.65 -16.05
C VAL A 88 -14.81 -16.49 -16.86
N VAL A 89 -15.00 -15.39 -16.18
CA VAL A 89 -15.64 -14.23 -16.75
C VAL A 89 -14.60 -13.47 -17.57
N MET A 90 -13.34 -13.81 -17.37
CA MET A 90 -12.27 -13.28 -18.18
C MET A 90 -12.50 -13.63 -19.65
N PHE A 91 -13.05 -14.80 -19.93
CA PHE A 91 -13.32 -15.11 -21.31
C PHE A 91 -14.18 -13.99 -21.90
N TYR A 92 -15.22 -13.61 -21.21
CA TYR A 92 -16.10 -12.54 -21.70
C TYR A 92 -15.32 -11.23 -21.79
N VAL A 93 -14.61 -10.85 -20.73
CA VAL A 93 -13.91 -9.57 -20.72
C VAL A 93 -12.97 -9.42 -21.92
N ILE A 94 -12.19 -10.45 -22.23
CA ILE A 94 -11.26 -10.44 -23.33
C ILE A 94 -12.00 -10.36 -24.66
N LEU A 95 -13.21 -10.92 -24.74
CA LEU A 95 -13.96 -10.86 -25.98
C LEU A 95 -14.56 -9.47 -26.15
N THR A 96 -14.99 -8.89 -25.05
CA THR A 96 -15.53 -7.58 -25.18
C THR A 96 -14.40 -6.59 -25.45
N ALA A 97 -13.14 -6.99 -25.34
CA ALA A 97 -12.08 -6.06 -25.66
C ALA A 97 -11.96 -5.92 -27.18
N VAL A 98 -12.42 -6.89 -27.97
CA VAL A 98 -11.99 -6.94 -29.36
C VAL A 98 -13.12 -7.21 -30.33
N THR A 99 -14.33 -7.43 -29.83
CA THR A 99 -15.45 -7.85 -30.67
C THR A 99 -16.71 -7.49 -29.93
N LYS A 100 -17.87 -7.77 -30.52
CA LYS A 100 -19.15 -7.52 -29.85
C LYS A 100 -19.71 -8.87 -29.41
N VAL A 101 -20.17 -8.91 -28.16
CA VAL A 101 -20.67 -10.16 -27.62
C VAL A 101 -21.86 -9.89 -26.70
N SER A 102 -22.85 -10.79 -26.72
CA SER A 102 -24.04 -10.63 -25.92
C SER A 102 -23.66 -10.58 -24.44
N SER A 103 -24.29 -9.70 -23.67
CA SER A 103 -23.97 -9.58 -22.26
C SER A 103 -24.48 -10.81 -21.53
N ALA A 104 -25.40 -11.53 -22.19
CA ALA A 104 -25.89 -12.80 -21.67
C ALA A 104 -24.74 -13.72 -21.38
N LEU A 105 -23.75 -13.71 -22.26
CA LEU A 105 -22.63 -14.60 -22.10
C LEU A 105 -21.99 -14.36 -20.72
N PHE A 106 -21.81 -13.12 -20.33
CA PHE A 106 -21.23 -12.89 -19.01
C PHE A 106 -21.89 -13.71 -17.93
N TRP A 107 -23.19 -13.98 -18.07
CA TRP A 107 -24.01 -14.49 -16.98
C TRP A 107 -24.00 -16.00 -17.06
N ARG A 108 -24.21 -16.53 -18.25
CA ARG A 108 -23.94 -17.92 -18.49
C ARG A 108 -22.64 -18.30 -17.79
N LEU A 109 -21.57 -17.63 -18.17
CA LEU A 109 -20.27 -17.97 -17.66
C LEU A 109 -20.26 -17.89 -16.14
N LEU A 110 -20.79 -16.85 -15.55
CA LEU A 110 -20.61 -16.62 -14.12
C LEU A 110 -21.44 -17.62 -13.33
N ILE A 111 -22.59 -18.02 -13.86
CA ILE A 111 -23.45 -18.97 -13.20
C ILE A 111 -22.75 -20.30 -13.18
N GLY A 112 -22.24 -20.74 -14.31
CA GLY A 112 -21.49 -21.99 -14.32
C GLY A 112 -20.40 -21.97 -13.26
N ALA A 113 -19.63 -20.90 -13.19
CA ALA A 113 -18.59 -20.86 -12.19
C ALA A 113 -19.21 -21.01 -10.81
N LEU A 114 -20.27 -20.25 -10.49
CA LEU A 114 -20.85 -20.29 -9.15
C LEU A 114 -21.45 -21.67 -8.86
N VAL A 115 -22.11 -22.29 -9.84
CA VAL A 115 -22.62 -23.61 -9.62
C VAL A 115 -21.50 -24.58 -9.29
N MET A 116 -20.40 -24.46 -10.04
CA MET A 116 -19.32 -25.41 -9.90
C MET A 116 -18.65 -25.25 -8.53
N VAL A 117 -18.49 -24.03 -8.03
CA VAL A 117 -17.89 -23.86 -6.72
C VAL A 117 -18.89 -24.13 -5.60
N ILE A 118 -20.12 -23.64 -5.73
CA ILE A 118 -21.05 -23.70 -4.61
C ILE A 118 -21.55 -25.12 -4.43
N GLY A 119 -21.65 -25.87 -5.50
CA GLY A 119 -22.11 -27.25 -5.40
C GLY A 119 -21.08 -28.11 -4.68
N GLU A 120 -19.83 -27.95 -5.05
CA GLU A 120 -18.75 -28.71 -4.44
C GLU A 120 -18.54 -28.26 -2.99
N PHE A 121 -18.83 -27.00 -2.66
CA PHE A 121 -18.79 -26.51 -1.29
C PHE A 121 -19.91 -27.08 -0.43
N LEU A 122 -21.08 -27.32 -0.99
CA LEU A 122 -22.12 -27.93 -0.19
C LEU A 122 -21.75 -29.38 0.17
N GLY A 123 -21.36 -30.20 -0.81
CA GLY A 123 -20.89 -31.54 -0.49
C GLY A 123 -19.68 -31.57 0.47
N ALA A 124 -18.81 -30.57 0.38
CA ALA A 124 -17.61 -30.59 1.19
C ALA A 124 -17.92 -30.27 2.65
N ALA A 125 -18.84 -29.32 2.86
CA ALA A 125 -19.18 -28.82 4.17
C ALA A 125 -20.36 -29.61 4.78
N GLY A 126 -20.78 -30.73 4.20
CA GLY A 126 -21.76 -31.57 4.85
C GLY A 126 -23.21 -31.15 4.63
N TYR A 127 -23.49 -30.11 3.86
CA TYR A 127 -24.87 -29.67 3.68
C TYR A 127 -25.62 -30.58 2.71
N MET A 128 -24.94 -31.23 1.75
CA MET A 128 -25.63 -32.20 0.92
C MET A 128 -24.67 -33.35 0.65
N SER A 129 -25.16 -34.42 0.01
CA SER A 129 -24.33 -35.60 -0.14
C SER A 129 -23.09 -35.18 -0.90
N ALA A 130 -21.93 -35.73 -0.50
CA ALA A 130 -20.69 -35.53 -1.23
C ALA A 130 -20.85 -36.02 -2.66
N THR A 131 -21.60 -37.10 -2.86
CA THR A 131 -21.83 -37.50 -4.22
C THR A 131 -22.44 -36.38 -5.01
N LEU A 132 -23.40 -35.67 -4.42
CA LEU A 132 -24.23 -34.80 -5.22
C LEU A 132 -23.44 -33.53 -5.49
N GLY A 133 -22.66 -33.11 -4.53
CA GLY A 133 -21.84 -31.95 -4.73
C GLY A 133 -20.77 -32.16 -5.79
N PHE A 134 -20.35 -33.40 -6.00
CA PHE A 134 -19.42 -33.74 -7.06
C PHE A 134 -20.10 -33.57 -8.42
N ILE A 135 -21.18 -34.32 -8.61
CA ILE A 135 -21.99 -34.22 -9.79
C ILE A 135 -22.29 -32.77 -10.15
N ILE A 136 -22.69 -31.96 -9.17
CA ILE A 136 -23.06 -30.59 -9.49
C ILE A 136 -21.80 -29.83 -9.86
N GLY A 137 -20.72 -30.00 -9.12
CA GLY A 137 -19.49 -29.32 -9.45
C GLY A 137 -18.97 -29.68 -10.85
N VAL A 138 -19.09 -30.96 -11.21
CA VAL A 138 -18.67 -31.47 -12.49
C VAL A 138 -19.62 -30.97 -13.57
N VAL A 139 -20.86 -30.65 -13.21
CA VAL A 139 -21.80 -30.21 -14.22
C VAL A 139 -21.52 -28.76 -14.50
N GLY A 140 -21.32 -28.01 -13.44
CA GLY A 140 -21.00 -26.61 -13.58
C GLY A 140 -19.73 -26.39 -14.37
N TRP A 141 -18.86 -27.40 -14.49
CA TRP A 141 -17.57 -27.29 -15.15
C TRP A 141 -17.69 -27.68 -16.64
N LEU A 142 -18.32 -28.83 -16.90
CA LEU A 142 -18.65 -29.23 -18.25
C LEU A 142 -19.52 -28.19 -18.94
N TYR A 143 -20.31 -27.42 -18.20
CA TYR A 143 -21.05 -26.35 -18.83
C TYR A 143 -20.06 -25.31 -19.32
N ILE A 144 -19.25 -24.78 -18.40
CA ILE A 144 -18.26 -23.79 -18.80
C ILE A 144 -17.45 -24.25 -20.02
N LEU A 145 -17.13 -25.55 -20.10
CA LEU A 145 -16.37 -26.09 -21.22
C LEU A 145 -17.23 -26.04 -22.46
N GLY A 146 -18.49 -26.42 -22.35
CA GLY A 146 -19.32 -26.31 -23.54
C GLY A 146 -19.44 -24.87 -24.00
N GLU A 147 -19.48 -23.93 -23.06
CA GLU A 147 -19.53 -22.54 -23.49
C GLU A 147 -18.35 -22.25 -24.40
N ILE A 148 -17.15 -22.62 -23.94
CA ILE A 148 -15.91 -22.12 -24.53
C ILE A 148 -15.42 -23.02 -25.65
N TYR A 149 -15.95 -24.23 -25.76
CA TYR A 149 -15.54 -25.08 -26.87
C TYR A 149 -16.61 -25.03 -27.96
N MET A 150 -17.89 -24.99 -27.59
CA MET A 150 -18.92 -25.19 -28.60
C MET A 150 -19.97 -24.10 -28.61
N GLY A 151 -19.85 -23.08 -27.75
CA GLY A 151 -20.94 -22.13 -27.51
C GLY A 151 -20.59 -20.75 -28.04
N GLU A 152 -21.24 -19.72 -27.52
CA GLU A 152 -21.10 -18.39 -28.11
C GLU A 152 -19.66 -17.92 -27.97
N ALA A 153 -19.13 -17.86 -26.75
CA ALA A 153 -17.72 -17.54 -26.56
C ALA A 153 -16.83 -18.19 -27.63
N SER A 154 -17.05 -19.47 -27.96
CA SER A 154 -16.24 -20.09 -28.99
C SER A 154 -16.42 -19.38 -30.32
N ARG A 155 -17.67 -19.15 -30.73
CA ARG A 155 -17.97 -18.56 -32.03
C ARG A 155 -17.40 -17.14 -32.09
N CYS A 156 -17.79 -16.30 -31.13
CA CYS A 156 -17.25 -14.95 -30.98
C CYS A 156 -15.73 -14.93 -31.15
N ASN A 157 -15.08 -15.98 -30.69
CA ASN A 157 -13.65 -16.05 -30.73
C ASN A 157 -13.24 -16.26 -32.18
N ILE A 158 -13.87 -17.21 -32.85
CA ILE A 158 -13.53 -17.54 -34.23
C ILE A 158 -13.83 -16.34 -35.13
N GLU A 159 -14.91 -15.62 -34.85
CA GLU A 159 -15.35 -14.51 -35.67
C GLU A 159 -14.75 -13.19 -35.23
N SER A 160 -13.87 -13.18 -34.22
CA SER A 160 -13.25 -11.93 -33.78
C SER A 160 -12.29 -11.46 -34.86
N GLY A 161 -11.44 -12.38 -35.32
CA GLY A 161 -10.39 -12.06 -36.26
C GLY A 161 -9.09 -11.67 -35.56
N ASN A 162 -9.15 -11.42 -34.24
CA ASN A 162 -7.99 -11.00 -33.49
C ASN A 162 -7.11 -12.23 -33.26
N GLU A 163 -5.83 -12.15 -33.62
CA GLU A 163 -4.96 -13.29 -33.48
C GLU A 163 -4.39 -13.38 -32.07
N ALA A 164 -4.49 -12.33 -31.27
CA ALA A 164 -4.06 -12.36 -29.90
C ALA A 164 -5.07 -13.11 -29.08
N THR A 165 -6.32 -12.91 -29.45
CA THR A 165 -7.42 -13.51 -28.74
C THR A 165 -7.51 -14.96 -29.19
N HIS A 166 -7.19 -15.26 -30.45
CA HIS A 166 -7.20 -16.65 -30.85
C HIS A 166 -6.28 -17.41 -29.90
N MET A 167 -5.12 -16.84 -29.61
CA MET A 167 -4.14 -17.53 -28.78
C MET A 167 -4.56 -17.55 -27.32
N ALA A 168 -5.08 -16.46 -26.77
CA ALA A 168 -5.53 -16.48 -25.39
C ALA A 168 -6.62 -17.52 -25.17
N PHE A 169 -7.62 -17.50 -26.04
CA PHE A 169 -8.75 -18.37 -25.87
C PHE A 169 -8.29 -19.80 -25.81
N ASN A 170 -7.40 -20.17 -26.72
CA ASN A 170 -6.92 -21.54 -26.79
C ASN A 170 -6.15 -21.93 -25.55
N GLY A 171 -5.37 -21.00 -25.03
CA GLY A 171 -4.49 -21.31 -23.92
C GLY A 171 -5.25 -21.34 -22.63
N LEU A 172 -6.21 -20.44 -22.50
CA LEU A 172 -7.03 -20.35 -21.31
C LEU A 172 -7.97 -21.54 -21.29
N ARG A 173 -8.34 -22.00 -22.45
CA ARG A 173 -9.27 -23.09 -22.57
C ARG A 173 -8.58 -24.37 -22.19
N LEU A 174 -7.32 -24.48 -22.55
CA LEU A 174 -6.56 -25.68 -22.26
C LEU A 174 -6.24 -25.78 -20.77
N ILE A 175 -6.12 -24.64 -20.10
CA ILE A 175 -5.85 -24.62 -18.69
C ILE A 175 -7.12 -25.02 -17.98
N LEU A 176 -8.27 -24.52 -18.43
CA LEU A 176 -9.53 -24.89 -17.81
C LEU A 176 -9.84 -26.37 -18.09
N THR A 177 -9.62 -26.84 -19.29
CA THR A 177 -9.80 -28.25 -19.60
C THR A 177 -8.87 -29.16 -18.80
N ILE A 178 -7.61 -28.78 -18.61
CA ILE A 178 -6.64 -29.70 -18.02
C ILE A 178 -6.29 -29.25 -16.62
N GLY A 179 -5.69 -28.08 -16.50
CA GLY A 179 -5.42 -27.47 -15.21
C GLY A 179 -6.57 -27.62 -14.23
N TRP A 180 -7.79 -27.33 -14.64
CA TRP A 180 -8.87 -27.23 -13.66
C TRP A 180 -9.47 -28.60 -13.41
N ALA A 181 -8.97 -29.64 -14.08
CA ALA A 181 -9.40 -30.99 -13.79
C ALA A 181 -8.97 -31.36 -12.38
N ILE A 182 -7.92 -30.73 -11.91
CA ILE A 182 -7.43 -30.99 -10.58
C ILE A 182 -8.56 -30.83 -9.57
N TYR A 183 -9.54 -29.93 -9.79
CA TYR A 183 -10.46 -29.56 -8.72
C TYR A 183 -11.49 -30.68 -8.54
N PRO A 184 -12.21 -31.12 -9.59
CA PRO A 184 -13.02 -32.33 -9.51
C PRO A 184 -12.29 -33.56 -8.95
N LEU A 185 -11.00 -33.66 -9.20
CA LEU A 185 -10.33 -34.87 -8.81
C LEU A 185 -9.87 -34.77 -7.37
N GLY A 186 -9.42 -33.60 -6.96
CA GLY A 186 -9.21 -33.33 -5.55
C GLY A 186 -10.43 -33.73 -4.75
N TYR A 187 -11.58 -33.18 -5.15
CA TYR A 187 -12.86 -33.42 -4.54
C TYR A 187 -13.17 -34.92 -4.55
N PHE A 188 -13.12 -35.52 -5.71
CA PHE A 188 -13.46 -36.92 -5.78
C PHE A 188 -12.67 -37.72 -4.75
N ILE A 189 -11.37 -37.48 -4.65
CA ILE A 189 -10.54 -38.32 -3.80
C ILE A 189 -10.78 -37.95 -2.35
N ASN A 190 -10.66 -36.65 -2.06
CA ASN A 190 -10.79 -36.22 -0.69
C ASN A 190 -12.13 -36.70 -0.11
N ASN A 191 -13.22 -36.70 -0.89
CA ASN A 191 -14.56 -36.90 -0.34
C ASN A 191 -15.13 -38.25 -0.76
N LEU A 192 -15.22 -38.46 -2.06
CA LEU A 192 -16.02 -39.57 -2.54
C LEU A 192 -15.18 -40.84 -2.61
N GLY A 193 -13.89 -40.68 -2.43
CA GLY A 193 -12.97 -41.76 -2.73
C GLY A 193 -12.30 -42.24 -1.46
N GLY A 194 -11.16 -42.89 -1.62
CA GLY A 194 -10.43 -43.40 -0.48
C GLY A 194 -10.28 -42.33 0.61
N GLY A 195 -10.00 -41.10 0.17
CA GLY A 195 -9.53 -40.06 1.07
C GLY A 195 -8.07 -39.73 0.75
N VAL A 196 -7.61 -38.58 1.24
CA VAL A 196 -6.28 -38.09 0.94
C VAL A 196 -5.84 -37.25 2.13
N ASP A 197 -4.57 -37.39 2.49
CA ASP A 197 -3.97 -36.56 3.53
C ASP A 197 -4.22 -35.10 3.17
N ALA A 198 -4.51 -34.27 4.17
CA ALA A 198 -4.80 -32.89 3.88
C ALA A 198 -3.53 -32.14 3.56
N ASN A 199 -2.42 -32.59 4.16
CA ASN A 199 -1.12 -32.01 3.87
C ASN A 199 -0.81 -32.22 2.41
N SER A 200 -1.03 -33.44 1.93
CA SER A 200 -0.72 -33.76 0.56
C SER A 200 -1.54 -32.86 -0.35
N LEU A 201 -2.83 -32.75 -0.04
CA LEU A 201 -3.76 -32.05 -0.89
C LEU A 201 -3.52 -30.54 -0.81
N ASN A 202 -3.02 -30.04 0.31
CA ASN A 202 -2.73 -28.63 0.33
C ASN A 202 -1.54 -28.35 -0.59
N ILE A 203 -0.57 -29.26 -0.59
CA ILE A 203 0.61 -29.14 -1.42
C ILE A 203 0.16 -29.12 -2.88
N ILE A 204 -0.65 -30.10 -3.24
CA ILE A 204 -1.16 -30.20 -4.61
C ILE A 204 -1.94 -28.97 -5.04
N TYR A 205 -2.79 -28.44 -4.19
CA TYR A 205 -3.59 -27.30 -4.56
C TYR A 205 -2.74 -26.05 -4.63
N ASN A 206 -1.71 -25.96 -3.80
CA ASN A 206 -0.78 -24.85 -3.83
C ASN A 206 0.05 -24.86 -5.11
N LEU A 207 0.66 -25.99 -5.39
CA LEU A 207 1.45 -26.10 -6.59
C LEU A 207 0.62 -26.03 -7.87
N THR A 208 -0.69 -26.22 -7.85
CA THR A 208 -1.41 -26.12 -9.12
C THR A 208 -1.89 -24.70 -9.36
N ASP A 209 -1.99 -23.86 -8.33
CA ASP A 209 -2.23 -22.43 -8.49
C ASP A 209 -1.08 -21.72 -9.20
N PHE A 210 0.00 -22.41 -9.50
CA PHE A 210 0.99 -21.87 -10.41
C PHE A 210 0.45 -21.90 -11.82
N LEU A 211 -0.08 -23.04 -12.21
CA LEU A 211 -0.72 -23.13 -13.50
C LEU A 211 -2.02 -22.34 -13.52
N ASN A 212 -2.90 -22.74 -12.63
CA ASN A 212 -4.28 -22.39 -12.77
C ASN A 212 -4.40 -20.87 -12.55
N LYS A 213 -3.53 -20.25 -11.75
CA LYS A 213 -3.64 -18.80 -11.62
C LYS A 213 -2.55 -18.05 -12.37
N ILE A 214 -1.32 -18.50 -12.32
CA ILE A 214 -0.27 -17.63 -12.77
C ILE A 214 -0.07 -17.78 -14.28
N ILE A 215 0.07 -18.98 -14.77
CA ILE A 215 0.18 -19.16 -16.19
C ILE A 215 -1.10 -18.66 -16.87
N PHE A 216 -2.22 -18.78 -16.19
CA PHE A 216 -3.45 -18.24 -16.72
C PHE A 216 -3.32 -16.73 -16.93
N GLY A 217 -2.69 -16.08 -15.96
CA GLY A 217 -2.48 -14.66 -16.00
C GLY A 217 -1.58 -14.26 -17.13
N PHE A 218 -0.44 -14.94 -17.26
CA PHE A 218 0.57 -14.61 -18.24
C PHE A 218 0.02 -14.78 -19.64
N VAL A 219 -0.91 -15.71 -19.81
CA VAL A 219 -1.52 -15.91 -21.10
C VAL A 219 -2.35 -14.69 -21.46
N VAL A 220 -3.02 -14.11 -20.48
CA VAL A 220 -3.91 -12.98 -20.69
C VAL A 220 -3.00 -11.80 -20.98
N TYR A 221 -1.95 -11.68 -20.20
CA TYR A 221 -1.02 -10.58 -20.34
C TYR A 221 -0.37 -10.60 -21.72
N ARG A 222 0.01 -11.75 -22.23
CA ARG A 222 0.64 -11.76 -23.52
C ARG A 222 -0.36 -11.38 -24.61
N ALA A 223 -1.66 -11.63 -24.40
CA ALA A 223 -2.61 -11.29 -25.42
C ALA A 223 -2.74 -9.78 -25.49
N ALA A 224 -2.86 -9.18 -24.32
CA ALA A 224 -3.03 -7.76 -24.27
C ALA A 224 -1.80 -7.09 -24.85
N MET A 225 -0.63 -7.62 -24.54
CA MET A 225 0.63 -7.09 -25.05
C MET A 225 0.72 -7.36 -26.55
N ASN A 226 0.50 -8.58 -26.92
CA ASN A 226 0.59 -8.83 -28.32
C ASN A 226 -0.25 -7.88 -29.15
N ASP A 227 -1.49 -7.71 -28.74
CA ASP A 227 -2.47 -6.96 -29.49
C ASP A 227 -2.07 -5.50 -29.50
N THR A 228 -1.71 -4.96 -28.33
CA THR A 228 -1.37 -3.56 -28.23
C THR A 228 -0.35 -3.22 -29.30
N GLN A 229 0.60 -4.13 -29.48
CA GLN A 229 1.73 -3.99 -30.38
C GLN A 229 1.32 -4.17 -31.84
N ALA A 230 0.37 -5.05 -32.11
CA ALA A 230 -0.04 -5.32 -33.46
C ALA A 230 -0.76 -4.11 -34.02
N ARG A 231 -1.31 -3.32 -33.11
CA ARG A 231 -2.09 -2.16 -33.47
C ARG A 231 -1.12 -1.01 -33.72
N LEU A 232 0.02 -1.04 -33.03
CA LEU A 232 1.05 -0.04 -33.22
C LEU A 232 1.77 -0.32 -34.53
N ASP A 233 2.04 -1.60 -34.79
CA ASP A 233 2.72 -2.02 -36.00
C ASP A 233 1.85 -1.74 -37.23
N GLU A 234 0.53 -1.71 -37.09
CA GLU A 234 -0.32 -1.44 -38.24
C GLU A 234 -0.52 0.06 -38.41
N ILE A 235 -0.35 0.84 -37.33
CA ILE A 235 -0.43 2.29 -37.41
C ILE A 235 0.78 2.79 -38.20
N LYS A 236 1.94 2.18 -37.98
CA LYS A 236 3.15 2.53 -38.72
C LYS A 236 2.93 2.38 -40.23
N LYS A 237 2.18 1.35 -40.65
CA LYS A 237 1.84 1.18 -42.06
C LYS A 237 0.60 2.03 -42.37
N ASN B 2 33.59 -2.91 23.80
CA ASN B 2 32.21 -3.34 24.17
C ASN B 2 32.16 -4.87 24.24
N SER B 3 30.97 -5.43 24.48
CA SER B 3 30.76 -6.88 24.47
C SER B 3 30.24 -7.30 23.09
N THR B 4 30.91 -8.25 22.45
CA THR B 4 30.68 -8.49 21.04
C THR B 4 29.20 -8.78 20.84
N LEU B 5 28.67 -8.37 19.70
CA LEU B 5 27.36 -8.81 19.32
C LEU B 5 27.46 -10.30 19.00
N LEU B 6 26.39 -11.06 19.30
CA LEU B 6 26.37 -12.48 19.00
C LEU B 6 25.83 -12.68 17.59
N PRO B 7 26.19 -13.79 16.90
CA PRO B 7 25.76 -13.97 15.52
C PRO B 7 24.25 -14.06 15.43
N THR B 8 23.61 -14.52 16.50
CA THR B 8 22.16 -14.51 16.59
C THR B 8 21.60 -13.08 16.45
N ASP B 9 22.32 -12.09 17.01
CA ASP B 9 21.92 -10.69 16.95
C ASP B 9 22.15 -10.16 15.56
N ILE B 10 23.23 -10.61 14.92
CA ILE B 10 23.51 -10.22 13.56
C ILE B 10 22.54 -10.86 12.58
N VAL B 11 22.19 -12.13 12.80
CA VAL B 11 21.26 -12.81 11.92
C VAL B 11 19.92 -12.06 11.83
N GLY B 12 19.47 -11.56 12.97
CA GLY B 12 18.14 -10.98 13.03
C GLY B 12 18.11 -9.60 12.43
N GLY B 13 19.24 -8.85 12.61
CA GLY B 13 19.35 -7.47 12.17
C GLY B 13 19.54 -7.38 10.66
N THR B 14 20.29 -8.33 10.11
CA THR B 14 20.46 -8.45 8.69
C THR B 14 19.16 -8.87 8.01
N PHE B 15 18.25 -9.55 8.70
CA PHE B 15 16.97 -9.79 8.09
C PHE B 15 16.24 -8.45 7.99
N TRP B 16 16.33 -7.62 9.01
CA TRP B 16 15.68 -6.33 8.93
C TRP B 16 16.34 -5.44 7.88
N LEU B 17 17.67 -5.46 7.85
CA LEU B 17 18.42 -4.66 6.92
C LEU B 17 17.97 -5.01 5.51
N LEU B 18 17.93 -6.32 5.23
CA LEU B 18 17.57 -6.79 3.91
C LEU B 18 16.17 -6.37 3.55
N SER B 19 15.28 -6.57 4.48
CA SER B 19 13.88 -6.23 4.32
C SER B 19 13.74 -4.77 3.90
N MET B 20 14.42 -3.88 4.64
CA MET B 20 14.36 -2.45 4.40
C MET B 20 14.98 -2.08 3.05
N ALA B 21 16.19 -2.56 2.80
CA ALA B 21 16.86 -2.21 1.58
C ALA B 21 16.02 -2.66 0.38
N LEU B 22 15.35 -3.80 0.51
CA LEU B 22 14.70 -4.36 -0.65
C LEU B 22 13.38 -3.66 -0.91
N ILE B 23 12.62 -3.37 0.13
CA ILE B 23 11.40 -2.59 -0.10
C ILE B 23 11.77 -1.20 -0.66
N GLY B 24 12.92 -0.68 -0.23
CA GLY B 24 13.45 0.56 -0.76
C GLY B 24 13.72 0.49 -2.25
N ALA B 25 14.53 -0.48 -2.62
CA ALA B 25 14.89 -0.72 -4.02
C ALA B 25 13.66 -0.94 -4.89
N SER B 26 12.70 -1.66 -4.37
CA SER B 26 11.51 -1.97 -5.11
C SER B 26 10.79 -0.70 -5.51
N ILE B 27 10.45 0.12 -4.49
CA ILE B 27 9.69 1.34 -4.65
C ILE B 27 10.45 2.31 -5.55
N PHE B 28 11.76 2.42 -5.39
CA PHE B 28 12.53 3.23 -6.28
C PHE B 28 12.45 2.80 -7.74
N PHE B 29 12.65 1.51 -7.97
CA PHE B 29 12.57 0.97 -9.31
C PHE B 29 11.17 1.14 -9.88
N LEU B 30 10.14 1.09 -9.04
CA LEU B 30 8.81 1.16 -9.58
C LEU B 30 8.38 2.59 -9.81
N LEU B 31 8.97 3.56 -9.12
CA LEU B 31 8.61 4.96 -9.36
C LEU B 31 9.45 5.54 -10.48
N GLU B 32 10.60 4.94 -10.74
CA GLU B 32 11.46 5.40 -11.81
C GLU B 32 11.10 4.71 -13.12
N ARG B 33 10.06 3.86 -13.08
CA ARG B 33 9.55 3.14 -14.24
C ARG B 33 8.92 4.09 -15.25
N ASN B 34 8.58 5.29 -14.81
CA ASN B 34 7.79 6.18 -15.63
C ASN B 34 8.70 7.18 -16.31
N ARG B 35 9.97 7.21 -15.92
CA ARG B 35 10.90 8.18 -16.43
C ARG B 35 11.83 7.56 -17.47
N VAL B 36 11.77 6.25 -17.65
CA VAL B 36 12.53 5.59 -18.71
C VAL B 36 11.63 5.53 -19.93
N ASP B 37 12.22 5.33 -21.12
CA ASP B 37 11.45 5.05 -22.31
C ASP B 37 10.45 3.93 -22.06
N GLY B 38 9.45 3.80 -22.92
CA GLY B 38 8.46 2.77 -22.73
C GLY B 38 9.03 1.41 -23.07
N ARG B 39 10.14 1.39 -23.86
CA ARG B 39 10.78 0.15 -24.24
C ARG B 39 11.37 -0.49 -22.99
N TRP B 40 11.43 0.25 -21.89
CA TRP B 40 12.13 -0.20 -20.71
C TRP B 40 11.17 -0.51 -19.58
N HIS B 41 9.89 -0.33 -19.80
CA HIS B 41 8.88 -0.40 -18.76
C HIS B 41 8.71 -1.79 -18.15
N THR B 42 8.75 -2.85 -18.98
CA THR B 42 8.68 -4.20 -18.49
C THR B 42 9.91 -4.57 -17.69
N THR B 43 11.08 -4.11 -18.14
CA THR B 43 12.31 -4.34 -17.44
C THR B 43 12.22 -3.74 -16.05
N MET B 44 11.63 -2.57 -15.94
CA MET B 44 11.63 -1.86 -14.68
C MET B 44 10.58 -2.44 -13.75
N THR B 45 9.49 -2.93 -14.31
CA THR B 45 8.42 -3.52 -13.53
C THR B 45 8.91 -4.87 -12.98
N LEU B 46 9.57 -5.63 -13.83
CA LEU B 46 10.11 -6.90 -13.43
C LEU B 46 11.19 -6.70 -12.36
N LEU B 47 12.05 -5.72 -12.56
CA LEU B 47 13.04 -5.40 -11.58
C LEU B 47 12.41 -5.14 -10.22
N GLY B 48 11.45 -4.20 -10.19
CA GLY B 48 10.87 -3.71 -8.97
C GLY B 48 10.03 -4.78 -8.28
N VAL B 49 9.50 -5.70 -9.07
CA VAL B 49 8.67 -6.75 -8.51
C VAL B 49 9.59 -7.81 -7.93
N THR B 50 10.68 -8.10 -8.61
CA THR B 50 11.71 -8.97 -8.07
C THR B 50 12.13 -8.49 -6.69
N MET B 51 12.40 -7.18 -6.52
CA MET B 51 12.82 -6.67 -5.22
C MET B 51 11.72 -6.84 -4.16
N LEU B 52 10.46 -6.71 -4.59
CA LEU B 52 9.34 -6.79 -3.68
C LEU B 52 9.14 -8.23 -3.19
N ILE B 53 9.30 -9.21 -4.09
CA ILE B 53 9.09 -10.59 -3.69
C ILE B 53 10.12 -10.89 -2.61
N SER B 54 11.31 -10.43 -2.89
CA SER B 54 12.45 -10.66 -2.05
C SER B 54 12.19 -10.06 -0.67
N ALA B 55 11.59 -8.89 -0.66
CA ALA B 55 11.35 -8.17 0.56
C ALA B 55 10.33 -8.90 1.40
N ILE B 56 9.33 -9.46 0.74
CA ILE B 56 8.26 -10.19 1.40
C ILE B 56 8.80 -11.48 2.00
N PHE B 57 9.70 -12.14 1.31
CA PHE B 57 10.43 -13.21 1.92
C PHE B 57 11.06 -12.77 3.22
N TYR B 58 11.87 -11.73 3.19
CA TYR B 58 12.65 -11.33 4.35
C TYR B 58 11.72 -10.95 5.48
N TYR B 59 10.53 -10.46 5.15
CA TYR B 59 9.54 -10.18 6.18
C TYR B 59 9.02 -11.48 6.81
N TYR B 60 8.70 -12.46 5.98
CA TYR B 60 8.29 -13.76 6.45
C TYR B 60 9.39 -14.38 7.30
N VAL B 61 10.65 -14.22 6.90
CA VAL B 61 11.72 -14.90 7.61
C VAL B 61 11.98 -14.20 8.93
N GLN B 62 11.86 -12.89 8.98
CA GLN B 62 12.25 -12.20 10.20
C GLN B 62 11.21 -12.54 11.27
N GLY B 63 9.98 -12.79 10.88
CA GLY B 63 8.96 -13.10 11.86
C GLY B 63 9.18 -14.50 12.42
N MET B 64 9.59 -15.41 11.54
CA MET B 64 9.87 -16.78 11.93
C MET B 64 10.99 -16.75 12.96
N TRP B 65 11.95 -15.86 12.75
CA TRP B 65 13.17 -15.79 13.54
C TRP B 65 12.85 -15.18 14.88
N VAL B 66 12.11 -14.07 14.83
CA VAL B 66 11.73 -13.39 16.05
C VAL B 66 10.92 -14.35 16.92
N ASP B 67 10.05 -15.14 16.31
CA ASP B 67 9.20 -16.05 17.06
C ASP B 67 9.99 -17.25 17.58
N THR B 68 10.87 -17.81 16.75
CA THR B 68 11.39 -19.14 17.01
C THR B 68 12.90 -19.14 17.23
N GLY B 69 13.60 -18.18 16.65
CA GLY B 69 15.04 -18.16 16.75
C GLY B 69 15.67 -19.15 15.78
N LYS B 70 14.86 -19.65 14.86
CA LYS B 70 15.33 -20.53 13.83
C LYS B 70 14.96 -19.93 12.48
N ALA B 71 15.90 -20.04 11.54
CA ALA B 71 15.70 -19.63 10.17
C ALA B 71 16.43 -20.64 9.32
N PRO B 72 15.81 -21.80 9.04
CA PRO B 72 16.49 -22.82 8.25
C PRO B 72 17.02 -22.23 6.95
N ILE B 73 18.07 -22.85 6.42
CA ILE B 73 18.61 -22.48 5.13
C ILE B 73 17.70 -22.93 3.99
N VAL B 74 17.03 -24.07 4.12
CA VAL B 74 16.15 -24.62 3.10
C VAL B 74 15.05 -23.62 2.75
N LEU B 75 14.73 -22.70 3.65
CA LEU B 75 13.74 -21.69 3.38
C LEU B 75 14.19 -20.78 2.25
N ARG B 76 15.48 -20.77 1.91
CA ARG B 76 15.99 -19.82 0.94
C ARG B 76 15.50 -20.20 -0.46
N TYR B 77 15.11 -21.44 -0.66
CA TYR B 77 14.67 -21.92 -1.97
C TYR B 77 13.29 -21.37 -2.35
N LEU B 78 12.54 -20.91 -1.38
CA LEU B 78 11.29 -20.24 -1.68
C LEU B 78 11.53 -18.94 -2.42
N ASP B 79 12.50 -18.16 -1.93
CA ASP B 79 12.91 -16.90 -2.54
C ASP B 79 13.53 -17.24 -3.90
N TRP B 80 14.56 -18.07 -3.93
CA TRP B 80 15.29 -18.34 -5.14
C TRP B 80 14.47 -18.99 -6.24
N ILE B 81 13.46 -19.79 -5.91
CA ILE B 81 12.67 -20.35 -6.98
C ILE B 81 12.01 -19.21 -7.76
N LEU B 82 11.59 -18.17 -7.06
CA LEU B 82 10.98 -17.04 -7.74
C LEU B 82 12.03 -16.07 -8.26
N THR B 83 12.87 -15.54 -7.38
CA THR B 83 13.71 -14.40 -7.74
C THR B 83 14.92 -14.83 -8.59
N HIS B 84 15.42 -16.05 -8.50
CA HIS B 84 16.55 -16.36 -9.38
C HIS B 84 16.09 -16.55 -10.82
N SER B 85 14.83 -16.96 -10.97
CA SER B 85 14.18 -17.14 -12.26
C SER B 85 13.91 -15.77 -12.86
N MET B 86 13.43 -14.85 -12.03
CA MET B 86 13.17 -13.51 -12.51
C MET B 86 14.48 -12.83 -12.91
N GLN B 87 15.56 -13.09 -12.18
CA GLN B 87 16.80 -12.42 -12.55
C GLN B 87 17.39 -13.02 -13.81
N VAL B 88 17.14 -14.28 -14.15
CA VAL B 88 17.86 -14.88 -15.26
C VAL B 88 17.15 -14.43 -16.53
N VAL B 89 15.87 -14.26 -16.40
CA VAL B 89 15.01 -13.98 -17.52
C VAL B 89 15.11 -12.51 -17.85
N MET B 90 15.68 -11.73 -16.94
CA MET B 90 15.99 -10.34 -17.17
C MET B 90 16.92 -10.21 -18.37
N PHE B 91 17.84 -11.15 -18.54
CA PHE B 91 18.69 -11.06 -19.71
C PHE B 91 17.82 -10.97 -20.94
N TYR B 92 16.84 -11.83 -21.06
CA TYR B 92 15.94 -11.82 -22.20
C TYR B 92 15.17 -10.52 -22.26
N VAL B 93 14.54 -10.11 -21.14
CA VAL B 93 13.72 -8.91 -21.14
C VAL B 93 14.49 -7.69 -21.65
N ILE B 94 15.72 -7.49 -21.19
CA ILE B 94 16.55 -6.37 -21.58
C ILE B 94 16.90 -6.47 -23.06
N LEU B 95 17.02 -7.69 -23.60
CA LEU B 95 17.37 -7.84 -25.01
C LEU B 95 16.13 -7.55 -25.86
N THR B 96 14.99 -7.97 -25.37
CA THR B 96 13.81 -7.68 -26.14
C THR B 96 13.50 -6.20 -26.04
N ALA B 97 14.15 -5.45 -25.17
CA ALA B 97 13.88 -4.02 -25.15
C ALA B 97 14.56 -3.34 -26.34
N VAL B 98 15.60 -3.93 -26.94
CA VAL B 98 16.47 -3.14 -27.80
C VAL B 98 16.82 -3.85 -29.10
N THR B 99 16.37 -5.09 -29.27
CA THR B 99 16.79 -5.90 -30.41
C THR B 99 15.73 -6.97 -30.58
N LYS B 100 15.89 -7.84 -31.59
CA LYS B 100 14.96 -8.94 -31.80
C LYS B 100 15.66 -10.23 -31.34
N VAL B 101 14.94 -11.03 -30.57
CA VAL B 101 15.54 -12.24 -30.04
C VAL B 101 14.49 -13.36 -30.00
N SER B 102 14.93 -14.59 -30.29
CA SER B 102 14.02 -15.73 -30.31
C SER B 102 13.38 -15.91 -28.95
N SER B 103 12.08 -16.21 -28.91
CA SER B 103 11.38 -16.37 -27.64
C SER B 103 11.86 -17.64 -26.98
N ALA B 104 12.49 -18.52 -27.78
CA ALA B 104 13.11 -19.73 -27.26
C ALA B 104 14.08 -19.38 -26.15
N LEU B 105 14.81 -18.30 -26.34
CA LEU B 105 15.79 -17.91 -25.36
C LEU B 105 15.11 -17.74 -24.00
N PHE B 106 13.96 -17.11 -23.94
CA PHE B 106 13.31 -16.97 -22.66
C PHE B 106 13.23 -18.28 -21.89
N TRP B 107 13.12 -19.40 -22.61
CA TRP B 107 12.74 -20.67 -22.02
C TRP B 107 14.00 -21.41 -21.65
N ARG B 108 14.96 -21.45 -22.56
CA ARG B 108 16.29 -21.86 -22.21
C ARG B 108 16.66 -21.25 -20.85
N LEU B 109 16.63 -19.93 -20.79
CA LEU B 109 17.06 -19.25 -19.60
C LEU B 109 16.25 -19.71 -18.40
N LEU B 110 14.94 -19.80 -18.50
CA LEU B 110 14.11 -20.03 -17.33
C LEU B 110 14.27 -21.47 -16.85
N ILE B 111 14.50 -22.40 -17.78
CA ILE B 111 14.67 -23.78 -17.42
C ILE B 111 15.96 -23.90 -16.64
N GLY B 112 17.05 -23.34 -17.15
CA GLY B 112 18.29 -23.38 -16.41
C GLY B 112 18.08 -22.87 -14.99
N ALA B 113 17.42 -21.74 -14.84
CA ALA B 113 17.22 -21.23 -13.51
C ALA B 113 16.46 -22.27 -12.68
N LEU B 114 15.35 -22.82 -13.20
CA LEU B 114 14.55 -23.75 -12.42
C LEU B 114 15.33 -25.02 -12.10
N VAL B 115 16.11 -25.53 -13.05
CA VAL B 115 16.92 -26.69 -12.77
C VAL B 115 17.89 -26.39 -11.64
N MET B 116 18.50 -25.22 -11.70
CA MET B 116 19.54 -24.88 -10.75
C MET B 116 18.95 -24.75 -9.34
N VAL B 117 17.76 -24.15 -9.20
CA VAL B 117 17.16 -24.03 -7.89
C VAL B 117 16.52 -25.34 -7.43
N ILE B 118 15.80 -26.03 -8.32
CA ILE B 118 15.01 -27.17 -7.90
C ILE B 118 15.92 -28.35 -7.59
N GLY B 119 17.04 -28.45 -8.30
CA GLY B 119 17.97 -29.53 -8.07
C GLY B 119 18.61 -29.39 -6.69
N GLU B 120 19.06 -28.20 -6.37
CA GLU B 120 19.70 -27.92 -5.10
C GLU B 120 18.69 -28.05 -3.97
N PHE B 121 17.40 -27.75 -4.22
CA PHE B 121 16.34 -27.92 -3.24
C PHE B 121 16.05 -29.39 -2.98
N LEU B 122 16.16 -30.25 -3.96
CA LEU B 122 15.93 -31.66 -3.69
C LEU B 122 17.05 -32.23 -2.81
N GLY B 123 18.31 -32.00 -3.13
CA GLY B 123 19.39 -32.42 -2.24
C GLY B 123 19.31 -31.80 -0.84
N ALA B 124 18.83 -30.58 -0.74
CA ALA B 124 18.80 -29.92 0.54
C ALA B 124 17.72 -30.49 1.46
N ALA B 125 16.56 -30.81 0.87
CA ALA B 125 15.39 -31.28 1.59
C ALA B 125 15.37 -32.81 1.69
N GLY B 126 16.44 -33.51 1.32
CA GLY B 126 16.49 -34.94 1.57
C GLY B 126 15.81 -35.81 0.50
N TYR B 127 15.28 -35.23 -0.57
CA TYR B 127 14.59 -36.04 -1.56
C TYR B 127 15.57 -36.76 -2.48
N MET B 128 16.77 -36.23 -2.69
CA MET B 128 17.78 -36.97 -3.45
C MET B 128 19.13 -36.70 -2.82
N SER B 129 20.16 -37.40 -3.28
CA SER B 129 21.45 -37.29 -2.62
C SER B 129 21.88 -35.83 -2.70
N ALA B 130 22.50 -35.34 -1.62
CA ALA B 130 23.08 -34.02 -1.61
C ALA B 130 24.13 -33.91 -2.71
N THR B 131 24.87 -34.99 -2.96
CA THR B 131 25.81 -34.91 -4.05
C THR B 131 25.10 -34.59 -5.34
N LEU B 132 23.92 -35.16 -5.55
CA LEU B 132 23.34 -35.11 -6.88
C LEU B 132 22.68 -33.74 -7.06
N GLY B 133 22.12 -33.23 -5.99
CA GLY B 133 21.52 -31.91 -6.06
C GLY B 133 22.55 -30.81 -6.28
N PHE B 134 23.80 -31.06 -5.87
CA PHE B 134 24.89 -30.13 -6.13
C PHE B 134 25.21 -30.13 -7.62
N ILE B 135 25.57 -31.30 -8.13
CA ILE B 135 25.83 -31.49 -9.53
C ILE B 135 24.73 -30.89 -10.39
N ILE B 136 23.47 -31.10 -10.05
CA ILE B 136 22.40 -30.60 -10.88
C ILE B 136 22.35 -29.08 -10.74
N GLY B 137 22.46 -28.57 -9.54
CA GLY B 137 22.45 -27.13 -9.35
C GLY B 137 23.59 -26.43 -10.09
N VAL B 138 24.76 -27.06 -10.08
CA VAL B 138 25.96 -26.54 -10.72
C VAL B 138 25.82 -26.70 -12.23
N VAL B 139 24.98 -27.62 -12.68
CA VAL B 139 24.85 -27.81 -14.11
C VAL B 139 23.87 -26.78 -14.63
N GLY B 140 22.81 -26.58 -13.88
CA GLY B 140 21.84 -25.59 -14.24
C GLY B 140 22.43 -24.19 -14.27
N TRP B 141 23.57 -23.97 -13.60
CA TRP B 141 24.21 -22.66 -13.50
C TRP B 141 25.23 -22.47 -14.62
N LEU B 142 26.09 -23.46 -14.84
CA LEU B 142 26.99 -23.48 -15.97
C LEU B 142 26.22 -23.41 -17.28
N TYR B 143 24.98 -23.89 -17.33
CA TYR B 143 24.21 -23.73 -18.53
C TYR B 143 23.90 -22.25 -18.71
N ILE B 144 23.27 -21.65 -17.70
CA ILE B 144 22.98 -20.23 -17.79
C ILE B 144 24.21 -19.41 -18.20
N LEU B 145 25.39 -19.77 -17.72
CA LEU B 145 26.62 -19.08 -18.06
C LEU B 145 26.93 -19.32 -19.51
N GLY B 146 26.80 -20.55 -19.99
CA GLY B 146 27.04 -20.76 -21.40
C GLY B 146 26.06 -19.96 -22.26
N GLU B 147 24.82 -19.83 -21.80
CA GLU B 147 23.89 -19.02 -22.57
C GLU B 147 24.46 -17.63 -22.76
N ILE B 148 24.91 -17.01 -21.65
CA ILE B 148 25.18 -15.59 -21.62
C ILE B 148 26.61 -15.28 -22.00
N TYR B 149 27.49 -16.27 -22.02
CA TYR B 149 28.85 -16.01 -22.45
C TYR B 149 29.03 -16.45 -23.89
N MET B 150 28.43 -17.59 -24.27
CA MET B 150 28.76 -18.16 -25.57
C MET B 150 27.55 -18.44 -26.44
N GLY B 151 26.34 -18.10 -25.98
CA GLY B 151 25.12 -18.57 -26.63
C GLY B 151 24.37 -17.42 -27.29
N GLU B 152 23.07 -17.59 -27.50
CA GLU B 152 22.32 -16.62 -28.28
C GLU B 152 22.32 -15.28 -27.56
N ALA B 153 21.82 -15.24 -26.31
CA ALA B 153 21.91 -14.02 -25.52
C ALA B 153 23.24 -13.29 -25.72
N SER B 154 24.37 -13.99 -25.72
CA SER B 154 25.64 -13.32 -25.94
C SER B 154 25.66 -12.65 -27.31
N ARG B 155 25.30 -13.38 -28.37
CA ARG B 155 25.39 -12.88 -29.72
C ARG B 155 24.44 -11.71 -29.89
N CYS B 156 23.14 -11.91 -29.58
CA CYS B 156 22.15 -10.85 -29.55
C CYS B 156 22.68 -9.58 -28.93
N ASN B 157 23.50 -9.74 -27.91
CA ASN B 157 24.02 -8.62 -27.16
C ASN B 157 25.04 -7.93 -28.04
N ILE B 158 25.95 -8.68 -28.64
CA ILE B 158 26.99 -8.11 -29.47
C ILE B 158 26.39 -7.44 -30.69
N GLU B 159 25.33 -8.03 -31.24
CA GLU B 159 24.69 -7.54 -32.45
C GLU B 159 23.60 -6.54 -32.17
N SER B 160 23.36 -6.17 -30.91
CA SER B 160 22.32 -5.19 -30.60
C SER B 160 22.76 -3.83 -31.08
N GLY B 161 24.00 -3.46 -30.73
CA GLY B 161 24.54 -2.14 -31.03
C GLY B 161 24.25 -1.15 -29.90
N ASN B 162 23.39 -1.53 -28.94
CA ASN B 162 23.03 -0.64 -27.84
C ASN B 162 24.18 -0.64 -26.85
N GLU B 163 24.68 0.52 -26.49
CA GLU B 163 25.82 0.59 -25.60
C GLU B 163 25.38 0.53 -24.14
N ALA B 164 24.10 0.71 -23.87
CA ALA B 164 23.58 0.58 -22.52
C ALA B 164 23.47 -0.88 -22.18
N THR B 165 23.09 -1.65 -23.19
CA THR B 165 22.89 -3.06 -23.01
C THR B 165 24.26 -3.72 -23.00
N HIS B 166 25.22 -3.20 -23.78
CA HIS B 166 26.54 -3.77 -23.70
C HIS B 166 26.97 -3.76 -22.23
N MET B 167 26.74 -2.64 -21.56
CA MET B 167 27.21 -2.50 -20.20
C MET B 167 26.39 -3.32 -19.22
N ALA B 168 25.06 -3.36 -19.37
CA ALA B 168 24.25 -4.18 -18.48
C ALA B 168 24.65 -5.65 -18.58
N PHE B 169 24.74 -6.15 -19.81
CA PHE B 169 25.01 -7.54 -20.02
C PHE B 169 26.30 -7.93 -19.32
N ASN B 170 27.33 -7.11 -19.47
CA ASN B 170 28.62 -7.41 -18.88
C ASN B 170 28.54 -7.40 -17.38
N GLY B 171 27.78 -6.49 -16.81
CA GLY B 171 27.75 -6.31 -15.38
C GLY B 171 26.90 -7.37 -14.72
N LEU B 172 25.80 -7.72 -15.38
CA LEU B 172 24.87 -8.71 -14.88
C LEU B 172 25.53 -10.06 -15.00
N ARG B 173 26.37 -10.20 -15.99
CA ARG B 173 27.02 -11.46 -16.26
C ARG B 173 28.10 -11.69 -15.25
N LEU B 174 28.76 -10.63 -14.85
CA LEU B 174 29.83 -10.73 -13.87
C LEU B 174 29.28 -11.04 -12.48
N ILE B 175 28.07 -10.58 -12.20
CA ILE B 175 27.43 -10.84 -10.93
C ILE B 175 27.01 -12.29 -10.92
N LEU B 176 26.47 -12.79 -12.02
CA LEU B 176 26.08 -14.19 -12.08
C LEU B 176 27.32 -15.08 -12.05
N THR B 177 28.36 -14.74 -12.77
CA THR B 177 29.60 -15.50 -12.70
C THR B 177 30.24 -15.50 -11.32
N ILE B 178 30.23 -14.37 -10.61
CA ILE B 178 30.99 -14.26 -9.36
C ILE B 178 30.04 -14.23 -8.19
N GLY B 179 29.21 -13.20 -8.12
CA GLY B 179 28.17 -13.12 -7.11
C GLY B 179 27.45 -14.44 -6.88
N TRP B 180 27.02 -15.11 -7.93
CA TRP B 180 26.14 -16.25 -7.74
C TRP B 180 26.94 -17.51 -7.45
N ALA B 181 28.27 -17.41 -7.42
CA ALA B 181 29.08 -18.54 -7.03
C ALA B 181 28.82 -18.87 -5.57
N ILE B 182 28.40 -17.86 -4.83
CA ILE B 182 28.09 -18.06 -3.43
C ILE B 182 27.12 -19.22 -3.27
N TYR B 183 26.19 -19.46 -4.21
CA TYR B 183 25.10 -20.37 -3.95
C TYR B 183 25.59 -21.82 -4.01
N PRO B 184 26.25 -22.26 -5.10
CA PRO B 184 26.95 -23.55 -5.10
C PRO B 184 27.88 -23.76 -3.92
N LEU B 185 28.48 -22.72 -3.42
CA LEU B 185 29.48 -22.91 -2.41
C LEU B 185 28.82 -22.99 -1.04
N GLY B 186 27.81 -22.18 -0.81
CA GLY B 186 26.95 -22.35 0.34
C GLY B 186 26.51 -23.80 0.46
N TYR B 187 25.91 -24.29 -0.63
CA TYR B 187 25.41 -25.65 -0.73
C TYR B 187 26.53 -26.64 -0.48
N PHE B 188 27.62 -26.52 -1.20
CA PHE B 188 28.68 -27.48 -1.03
C PHE B 188 29.07 -27.59 0.44
N ILE B 189 29.22 -26.48 1.13
CA ILE B 189 29.74 -26.53 2.48
C ILE B 189 28.64 -27.02 3.41
N ASN B 190 27.49 -26.37 3.34
CA ASN B 190 26.41 -26.72 4.23
C ASN B 190 26.10 -28.21 4.14
N ASN B 191 26.15 -28.82 2.94
CA ASN B 191 25.63 -30.16 2.75
C ASN B 191 26.76 -31.16 2.49
N LEU B 192 27.55 -30.90 1.48
CA LEU B 192 28.45 -31.93 1.00
C LEU B 192 29.77 -31.88 1.75
N GLY B 193 29.96 -30.82 2.52
CA GLY B 193 31.27 -30.56 3.09
C GLY B 193 31.21 -30.71 4.60
N GLY B 194 32.17 -30.09 5.28
CA GLY B 194 32.22 -30.16 6.73
C GLY B 194 30.86 -29.84 7.34
N GLY B 195 30.17 -28.85 6.77
CA GLY B 195 29.03 -28.24 7.43
C GLY B 195 29.37 -26.81 7.84
N VAL B 196 28.34 -26.02 8.13
CA VAL B 196 28.51 -24.61 8.45
C VAL B 196 27.38 -24.24 9.39
N ASP B 197 27.70 -23.44 10.40
CA ASP B 197 26.70 -22.89 11.30
C ASP B 197 25.60 -22.23 10.46
N ALA B 198 24.35 -22.38 10.87
CA ALA B 198 23.28 -21.80 10.08
C ALA B 198 23.24 -20.31 10.27
N ASN B 199 23.64 -19.85 11.46
CA ASN B 199 23.72 -18.43 11.75
C ASN B 199 24.72 -17.81 10.80
N SER B 200 25.88 -18.45 10.66
CA SER B 200 26.90 -17.89 9.81
C SER B 200 26.38 -17.78 8.39
N LEU B 201 25.72 -18.86 7.93
CA LEU B 201 25.30 -18.96 6.55
C LEU B 201 24.11 -18.03 6.31
N ASN B 202 23.30 -17.75 7.31
CA ASN B 202 22.23 -16.80 7.09
C ASN B 202 22.83 -15.41 6.90
N ILE B 203 23.87 -15.11 7.66
CA ILE B 203 24.53 -13.83 7.58
C ILE B 203 25.12 -13.68 6.18
N ILE B 204 25.84 -14.71 5.74
CA ILE B 204 26.44 -14.70 4.41
C ILE B 204 25.41 -14.54 3.30
N TYR B 205 24.31 -15.24 3.37
CA TYR B 205 23.31 -15.17 2.34
C TYR B 205 22.59 -13.84 2.36
N ASN B 206 22.43 -13.25 3.54
CA ASN B 206 21.82 -11.93 3.68
C ASN B 206 22.73 -10.86 3.09
N LEU B 207 23.98 -10.86 3.51
CA LEU B 207 24.90 -9.88 2.99
C LEU B 207 25.22 -10.07 1.52
N THR B 208 24.96 -11.22 0.90
CA THR B 208 25.29 -11.31 -0.51
C THR B 208 24.10 -10.90 -1.37
N ASP B 209 22.88 -10.89 -0.84
CA ASP B 209 21.72 -10.30 -1.51
C ASP B 209 21.84 -8.78 -1.67
N PHE B 210 22.90 -8.17 -1.15
CA PHE B 210 23.21 -6.80 -1.51
C PHE B 210 23.77 -6.77 -2.92
N LEU B 211 24.73 -7.65 -3.18
CA LEU B 211 25.23 -7.77 -4.52
C LEU B 211 24.20 -8.39 -5.45
N ASN B 212 23.81 -9.59 -5.08
CA ASN B 212 23.17 -10.46 -6.02
C ASN B 212 21.80 -9.86 -6.35
N LYS B 213 21.16 -9.12 -5.43
CA LYS B 213 19.89 -8.52 -5.79
C LYS B 213 19.99 -7.01 -6.03
N ILE B 214 20.71 -6.29 -5.22
CA ILE B 214 20.56 -4.86 -5.29
C ILE B 214 21.48 -4.26 -6.35
N ILE B 215 22.74 -4.61 -6.32
CA ILE B 215 23.63 -4.13 -7.35
C ILE B 215 23.16 -4.66 -8.72
N PHE B 216 22.57 -5.84 -8.71
CA PHE B 216 22.01 -6.36 -9.95
C PHE B 216 20.94 -5.43 -10.47
N GLY B 217 20.13 -4.91 -9.56
CA GLY B 217 19.06 -4.01 -9.90
C GLY B 217 19.57 -2.71 -10.45
N PHE B 218 20.55 -2.12 -9.76
CA PHE B 218 21.07 -0.82 -10.10
C PHE B 218 21.72 -0.87 -11.46
N VAL B 219 22.27 -2.02 -11.82
CA VAL B 219 22.89 -2.17 -13.11
C VAL B 219 21.82 -2.08 -14.19
N VAL B 220 20.65 -2.66 -13.93
CA VAL B 220 19.57 -2.72 -14.90
C VAL B 220 19.04 -1.31 -14.99
N TYR B 221 18.87 -0.67 -13.85
CA TYR B 221 18.34 0.67 -13.77
C TYR B 221 19.23 1.65 -14.53
N ARG B 222 20.54 1.53 -14.41
CA ARG B 222 21.39 2.47 -15.11
C ARG B 222 21.31 2.25 -16.62
N ALA B 223 21.00 1.02 -17.06
CA ALA B 223 20.94 0.78 -18.48
C ALA B 223 19.71 1.46 -19.04
N ALA B 224 18.61 1.29 -18.34
CA ALA B 224 17.37 1.85 -18.79
C ALA B 224 17.50 3.36 -18.81
N MET B 225 18.13 3.91 -17.79
CA MET B 225 18.32 5.35 -17.67
C MET B 225 19.30 5.80 -18.76
N ASN B 226 20.41 5.14 -18.84
CA ASN B 226 21.35 5.56 -19.84
C ASN B 226 20.74 5.63 -21.22
N ASP B 227 20.00 4.60 -21.58
CA ASP B 227 19.47 4.45 -22.91
C ASP B 227 18.41 5.50 -23.14
N THR B 228 17.51 5.67 -22.17
CA THR B 228 16.43 6.61 -22.31
C THR B 228 16.99 7.95 -22.75
N GLN B 229 18.12 8.30 -22.13
CA GLN B 229 18.79 9.57 -22.31
C GLN B 229 19.55 9.64 -23.62
N ALA B 230 20.10 8.54 -24.08
CA ALA B 230 20.86 8.53 -25.31
C ALA B 230 19.93 8.76 -26.48
N ARG B 231 18.67 8.44 -26.27
CA ARG B 231 17.66 8.53 -27.30
C ARG B 231 17.16 9.97 -27.32
N LEU B 232 17.21 10.63 -26.16
CA LEU B 232 16.81 12.01 -26.06
C LEU B 232 17.92 12.89 -26.63
N ASP B 233 19.17 12.53 -26.34
CA ASP B 233 20.32 13.26 -26.83
C ASP B 233 20.44 13.14 -28.34
N GLU B 234 19.92 12.05 -28.94
CA GLU B 234 20.00 11.91 -30.39
C GLU B 234 18.80 12.58 -31.06
N ILE B 235 17.70 12.75 -30.32
CA ILE B 235 16.54 13.49 -30.83
C ILE B 235 16.93 14.95 -30.98
N LYS B 236 17.70 15.48 -30.03
CA LYS B 236 18.18 16.86 -30.09
C LYS B 236 18.96 17.10 -31.39
N LYS B 237 19.75 16.11 -31.84
CA LYS B 237 20.43 16.22 -33.13
C LYS B 237 19.46 15.79 -34.25
N ASN C 2 0.94 17.20 37.38
CA ASN C 2 0.65 15.76 37.14
C ASN C 2 1.82 14.91 37.64
N SER C 3 1.78 13.59 37.37
CA SER C 3 2.89 12.69 37.69
C SER C 3 3.76 12.51 36.44
N THR C 4 5.07 12.75 36.59
CA THR C 4 5.91 12.92 35.43
C THR C 4 5.80 11.66 34.58
N LEU C 5 5.89 11.85 33.26
CA LEU C 5 6.03 10.70 32.39
C LEU C 5 7.42 10.12 32.65
N LEU C 6 7.54 8.79 32.53
CA LEU C 6 8.84 8.14 32.67
C LEU C 6 9.55 8.12 31.32
N PRO C 7 10.90 8.08 31.29
CA PRO C 7 11.62 8.14 30.03
C PRO C 7 11.29 6.93 29.16
N THR C 8 10.93 5.83 29.80
CA THR C 8 10.44 4.66 29.11
C THR C 8 9.17 4.97 28.29
N ASP C 9 8.31 5.85 28.84
CA ASP C 9 7.07 6.26 28.18
C ASP C 9 7.41 7.18 27.01
N ILE C 10 8.42 8.03 27.20
CA ILE C 10 8.87 8.91 26.14
C ILE C 10 9.57 8.13 25.05
N VAL C 11 10.39 7.15 25.40
CA VAL C 11 11.08 6.35 24.40
C VAL C 11 10.10 5.71 23.42
N GLY C 12 8.99 5.20 23.94
CA GLY C 12 8.08 4.42 23.13
C GLY C 12 7.25 5.30 22.24
N GLY C 13 6.91 6.51 22.76
CA GLY C 13 6.03 7.45 22.07
C GLY C 13 6.76 8.16 20.93
N THR C 14 8.04 8.46 21.17
CA THR C 14 8.89 9.02 20.16
C THR C 14 9.17 8.01 19.04
N PHE C 15 9.10 6.71 19.31
CA PHE C 15 9.21 5.78 18.21
C PHE C 15 7.94 5.91 17.35
N TRP C 16 6.80 6.05 17.99
CA TRP C 16 5.57 6.21 17.20
C TRP C 16 5.57 7.54 16.46
N LEU C 17 6.02 8.60 17.14
CA LEU C 17 6.06 9.91 16.54
C LEU C 17 6.90 9.85 15.29
N LEU C 18 8.08 9.25 15.42
CA LEU C 18 9.02 9.17 14.31
C LEU C 18 8.42 8.39 13.17
N SER C 19 7.84 7.27 13.51
CA SER C 19 7.21 6.39 12.55
C SER C 19 6.19 7.16 11.71
N MET C 20 5.32 7.91 12.39
CA MET C 20 4.26 8.66 11.76
C MET C 20 4.81 9.80 10.90
N ALA C 21 5.70 10.60 11.48
CA ALA C 21 6.24 11.72 10.75
C ALA C 21 6.93 11.22 9.48
N LEU C 22 7.60 10.08 9.56
CA LEU C 22 8.42 9.66 8.45
C LEU C 22 7.56 9.06 7.35
N ILE C 23 6.58 8.25 7.70
CA ILE C 23 5.67 7.77 6.66
C ILE C 23 4.95 8.95 6.00
N GLY C 24 4.66 9.99 6.80
CA GLY C 24 4.08 11.21 6.29
C GLY C 24 4.97 11.89 5.26
N ALA C 25 6.19 12.17 5.68
CA ALA C 25 7.18 12.80 4.82
C ALA C 25 7.40 12.02 3.53
N SER C 26 7.44 10.72 3.65
CA SER C 26 7.70 9.86 2.52
C SER C 26 6.63 10.07 1.46
N ILE C 27 5.37 9.87 1.86
CA ILE C 27 4.22 9.94 0.98
C ILE C 27 4.11 11.33 0.37
N PHE C 28 4.35 12.37 1.16
CA PHE C 28 4.37 13.69 0.61
C PHE C 28 5.42 13.91 -0.47
N PHE C 29 6.66 13.48 -0.18
CA PHE C 29 7.73 13.60 -1.13
C PHE C 29 7.43 12.77 -2.38
N LEU C 30 6.74 11.65 -2.23
CA LEU C 30 6.53 10.81 -3.38
C LEU C 30 5.35 11.26 -4.21
N LEU C 31 4.40 11.99 -3.62
CA LEU C 31 3.28 12.48 -4.40
C LEU C 31 3.62 13.82 -5.03
N GLU C 32 4.59 14.52 -4.48
CA GLU C 32 5.02 15.80 -5.00
C GLU C 32 6.12 15.59 -6.05
N ARG C 33 6.46 14.33 -6.32
CA ARG C 33 7.46 13.94 -7.30
C ARG C 33 7.00 14.28 -8.72
N ASN C 34 5.70 14.46 -8.89
CA ASN C 34 5.14 14.57 -10.22
C ASN C 34 4.96 16.03 -10.58
N ARG C 35 5.12 16.91 -9.61
CA ARG C 35 4.87 18.32 -9.81
C ARG C 35 6.18 19.09 -9.97
N VAL C 36 7.31 18.45 -9.75
CA VAL C 36 8.60 19.08 -10.00
C VAL C 36 8.99 18.75 -11.45
N ASP C 37 9.92 19.52 -12.02
CA ASP C 37 10.50 19.16 -13.31
C ASP C 37 10.97 17.71 -13.30
N GLY C 38 11.20 17.15 -14.48
CA GLY C 38 11.63 15.76 -14.55
C GLY C 38 13.08 15.65 -14.13
N ARG C 39 13.82 16.78 -14.19
CA ARG C 39 15.22 16.78 -13.78
C ARG C 39 15.30 16.51 -12.29
N TRP C 40 14.17 16.57 -11.59
CA TRP C 40 14.17 16.50 -10.14
C TRP C 40 13.57 15.20 -9.65
N HIS C 41 13.13 14.35 -10.55
CA HIS C 41 12.37 13.16 -10.23
C HIS C 41 13.14 12.11 -9.44
N THR C 42 14.43 11.88 -9.77
CA THR C 42 15.26 10.97 -9.01
C THR C 42 15.53 11.50 -7.62
N THR C 43 15.75 12.81 -7.51
CA THR C 43 15.96 13.44 -6.22
C THR C 43 14.76 13.20 -5.34
N MET C 44 13.57 13.28 -5.90
CA MET C 44 12.38 13.22 -5.11
C MET C 44 12.06 11.79 -4.74
N THR C 45 12.40 10.85 -5.62
CA THR C 45 12.16 9.45 -5.38
C THR C 45 13.13 8.96 -4.31
N LEU C 46 14.37 9.40 -4.41
CA LEU C 46 15.38 9.04 -3.45
C LEU C 46 15.02 9.64 -2.08
N LEU C 47 14.58 10.88 -2.07
CA LEU C 47 14.13 11.49 -0.86
C LEU C 47 13.05 10.67 -0.17
N GLY C 48 11.97 10.37 -0.91
CA GLY C 48 10.80 9.74 -0.38
C GLY C 48 11.07 8.30 0.03
N VAL C 49 12.05 7.68 -0.62
CA VAL C 49 12.38 6.31 -0.32
C VAL C 49 13.23 6.30 0.93
N THR C 50 14.14 7.26 1.04
CA THR C 50 14.91 7.45 2.27
C THR C 50 13.95 7.56 3.46
N MET C 51 12.89 8.38 3.36
CA MET C 51 11.96 8.54 4.47
C MET C 51 11.24 7.22 4.79
N LEU C 52 10.95 6.43 3.75
CA LEU C 52 10.22 5.21 3.91
C LEU C 52 11.08 4.16 4.60
N ILE C 53 12.36 4.08 4.25
CA ILE C 53 13.22 3.09 4.85
C ILE C 53 13.25 3.39 6.34
N SER C 54 13.40 4.67 6.60
CA SER C 54 13.52 5.17 7.95
C SER C 54 12.29 4.80 8.74
N ALA C 55 11.14 4.91 8.09
CA ALA C 55 9.88 4.68 8.75
C ALA C 55 9.74 3.22 9.10
N ILE C 56 10.21 2.35 8.20
CA ILE C 56 10.13 0.93 8.39
C ILE C 56 11.06 0.50 9.52
N PHE C 57 12.22 1.09 9.61
CA PHE C 57 13.02 0.93 10.79
C PHE C 57 12.19 1.21 12.03
N TYR C 58 11.62 2.40 12.13
CA TYR C 58 10.97 2.81 13.36
C TYR C 58 9.81 1.87 13.67
N TYR C 59 9.20 1.31 12.64
CA TYR C 59 8.17 0.31 12.86
C TYR C 59 8.75 -0.96 13.47
N TYR C 60 9.86 -1.44 12.92
CA TYR C 60 10.56 -2.58 13.47
C TYR C 60 10.96 -2.30 14.90
N VAL C 61 11.42 -1.09 15.19
CA VAL C 61 11.94 -0.83 16.52
C VAL C 61 10.80 -0.74 17.51
N GLN C 62 9.68 -0.14 17.11
CA GLN C 62 8.63 0.10 18.09
C GLN C 62 8.08 -1.26 18.51
N GLY C 63 8.09 -2.23 17.60
CA GLY C 63 7.55 -3.53 17.97
C GLY C 63 8.49 -4.25 18.93
N MET C 64 9.78 -4.09 18.71
CA MET C 64 10.79 -4.68 19.56
C MET C 64 10.60 -4.13 20.97
N TRP C 65 10.27 -2.85 21.05
CA TRP C 65 10.18 -2.11 22.29
C TRP C 65 8.94 -2.52 23.04
N VAL C 66 7.83 -2.53 22.28
CA VAL C 66 6.56 -2.92 22.85
C VAL C 66 6.67 -4.34 23.42
N ASP C 67 7.36 -5.22 22.70
CA ASP C 67 7.47 -6.61 23.13
C ASP C 67 8.42 -6.75 24.30
N THR C 68 9.56 -6.05 24.26
CA THR C 68 10.67 -6.41 25.13
C THR C 68 11.03 -5.29 26.09
N GLY C 69 10.74 -4.04 25.72
CA GLY C 69 11.14 -2.91 26.54
C GLY C 69 12.61 -2.61 26.38
N LYS C 70 13.21 -3.19 25.34
CA LYS C 70 14.59 -2.93 25.03
C LYS C 70 14.64 -2.46 23.58
N ALA C 71 15.49 -1.44 23.36
CA ALA C 71 15.78 -0.93 22.04
C ALA C 71 17.24 -0.59 22.04
N PRO C 72 18.12 -1.56 21.83
CA PRO C 72 19.56 -1.27 21.85
C PRO C 72 19.88 -0.12 20.90
N ILE C 73 20.98 0.57 21.20
CA ILE C 73 21.47 1.62 20.35
C ILE C 73 22.12 1.07 19.09
N VAL C 74 22.77 -0.10 19.17
CA VAL C 74 23.45 -0.73 18.05
C VAL C 74 22.46 -0.99 16.91
N LEU C 75 21.17 -1.07 17.19
CA LEU C 75 20.18 -1.24 16.16
C LEU C 75 20.14 -0.05 15.23
N ARG C 76 20.71 1.09 15.64
CA ARG C 76 20.58 2.30 14.85
C ARG C 76 21.41 2.19 13.59
N TYR C 77 22.42 1.32 13.58
CA TYR C 77 23.30 1.17 12.44
C TYR C 77 22.62 0.50 11.26
N LEU C 78 21.54 -0.20 11.50
CA LEU C 78 20.75 -0.75 10.41
C LEU C 78 20.15 0.35 9.57
N ASP C 79 19.56 1.35 10.24
CA ASP C 79 18.99 2.51 9.60
C ASP C 79 20.12 3.29 8.92
N TRP C 80 21.12 3.70 9.69
CA TRP C 80 22.17 4.55 9.18
C TRP C 80 22.99 3.94 8.05
N ILE C 81 23.15 2.62 8.01
CA ILE C 81 23.89 2.06 6.90
C ILE C 81 23.16 2.38 5.60
N LEU C 82 21.83 2.34 5.65
CA LEU C 82 21.06 2.66 4.46
C LEU C 82 20.85 4.16 4.31
N THR C 83 20.26 4.80 5.30
CA THR C 83 19.77 6.17 5.12
C THR C 83 20.90 7.21 5.21
N HIS C 84 22.01 6.95 5.89
CA HIS C 84 23.04 7.98 5.87
C HIS C 84 23.77 8.01 4.55
N SER C 85 23.79 6.86 3.88
CA SER C 85 24.37 6.69 2.55
C SER C 85 23.48 7.37 1.53
N MET C 86 22.17 7.17 1.68
CA MET C 86 21.23 7.79 0.78
C MET C 86 21.28 9.31 0.93
N GLN C 87 21.48 9.80 2.15
CA GLN C 87 21.51 11.24 2.32
C GLN C 87 22.79 11.84 1.81
N VAL C 88 23.90 11.12 1.76
CA VAL C 88 25.17 11.76 1.42
C VAL C 88 25.22 11.85 -0.08
N VAL C 89 24.61 10.90 -0.71
CA VAL C 89 24.69 10.74 -2.15
C VAL C 89 23.66 11.67 -2.78
N MET C 90 22.78 12.22 -1.97
CA MET C 90 21.84 13.24 -2.40
C MET C 90 22.62 14.45 -2.91
N PHE C 91 23.74 14.76 -2.31
CA PHE C 91 24.52 15.88 -2.80
C PHE C 91 24.79 15.64 -4.28
N TYR C 92 25.24 14.45 -4.63
CA TYR C 92 25.52 14.14 -6.02
C TYR C 92 24.25 14.20 -6.86
N VAL C 93 23.18 13.54 -6.42
CA VAL C 93 21.94 13.49 -7.18
C VAL C 93 21.44 14.90 -7.54
N ILE C 94 21.43 15.82 -6.58
CA ILE C 94 20.98 17.19 -6.79
C ILE C 94 21.91 17.91 -7.75
N LEU C 95 23.19 17.56 -7.77
CA LEU C 95 24.13 18.23 -8.68
C LEU C 95 23.93 17.69 -10.09
N THR C 96 23.68 16.41 -10.18
CA THR C 96 23.47 15.87 -11.49
C THR C 96 22.12 16.33 -12.01
N ALA C 97 21.28 16.96 -11.19
CA ALA C 97 20.02 17.46 -11.73
C ALA C 97 20.28 18.73 -12.52
N VAL C 98 21.37 19.46 -12.29
CA VAL C 98 21.44 20.84 -12.74
C VAL C 98 22.77 21.20 -13.38
N THR C 99 23.72 20.26 -13.41
CA THR C 99 25.08 20.56 -13.84
C THR C 99 25.69 19.24 -14.24
N LYS C 100 26.95 19.26 -14.69
CA LYS C 100 27.66 18.04 -15.03
C LYS C 100 28.68 17.78 -13.91
N VAL C 101 28.73 16.52 -13.46
CA VAL C 101 29.60 16.19 -12.35
C VAL C 101 30.18 14.79 -12.59
N SER C 102 31.47 14.62 -12.23
CA SER C 102 32.12 13.32 -12.40
C SER C 102 31.39 12.27 -11.58
N SER C 103 31.22 11.07 -12.14
CA SER C 103 30.51 10.01 -11.44
C SER C 103 31.36 9.53 -10.29
N ALA C 104 32.66 9.86 -10.35
CA ALA C 104 33.58 9.56 -9.26
C ALA C 104 33.04 10.13 -7.97
N LEU C 105 32.47 11.32 -8.05
CA LEU C 105 31.99 11.96 -6.87
C LEU C 105 30.97 11.06 -6.17
N PHE C 106 30.07 10.44 -6.91
CA PHE C 106 29.11 9.57 -6.26
C PHE C 106 29.77 8.58 -5.32
N TRP C 107 31.02 8.17 -5.63
CA TRP C 107 31.63 7.03 -4.98
C TRP C 107 32.44 7.52 -3.81
N ARG C 108 33.21 8.57 -4.03
CA ARG C 108 33.78 9.30 -2.93
C ARG C 108 32.73 9.45 -1.82
N LEU C 109 31.62 10.08 -2.18
CA LEU C 109 30.62 10.35 -1.20
C LEU C 109 30.14 9.09 -0.52
N LEU C 110 29.86 8.03 -1.27
CA LEU C 110 29.20 6.86 -0.70
C LEU C 110 30.19 6.09 0.18
N ILE C 111 31.47 6.11 -0.16
CA ILE C 111 32.47 5.43 0.62
C ILE C 111 32.59 6.14 1.95
N GLY C 112 32.72 7.44 1.93
CA GLY C 112 32.77 8.17 3.20
C GLY C 112 31.59 7.77 4.09
N ALA C 113 30.39 7.78 3.53
CA ALA C 113 29.25 7.43 4.35
C ALA C 113 29.45 6.02 4.91
N LEU C 114 29.81 5.04 4.07
CA LEU C 114 29.94 3.65 4.54
C LEU C 114 31.07 3.53 5.57
N VAL C 115 32.18 4.21 5.36
CA VAL C 115 33.24 4.17 6.35
C VAL C 115 32.74 4.71 7.68
N MET C 116 31.99 5.80 7.62
CA MET C 116 31.57 6.48 8.83
C MET C 116 30.57 5.61 9.60
N VAL C 117 29.66 4.92 8.91
CA VAL C 117 28.72 4.06 9.61
C VAL C 117 29.37 2.75 10.02
N ILE C 118 30.14 2.12 9.13
CA ILE C 118 30.62 0.77 9.38
C ILE C 118 31.71 0.79 10.43
N GLY C 119 32.48 1.86 10.50
CA GLY C 119 33.54 1.96 11.48
C GLY C 119 32.94 2.09 12.88
N GLU C 120 31.95 2.95 13.02
CA GLU C 120 31.30 3.17 14.29
C GLU C 120 30.53 1.92 14.72
N PHE C 121 30.00 1.13 13.75
CA PHE C 121 29.33 -0.12 14.03
C PHE C 121 30.30 -1.20 14.50
N LEU C 122 31.53 -1.21 14.02
CA LEU C 122 32.46 -2.19 14.52
C LEU C 122 32.83 -1.90 15.99
N GLY C 123 33.20 -0.67 16.32
CA GLY C 123 33.43 -0.32 17.71
C GLY C 123 32.21 -0.55 18.61
N ALA C 124 31.01 -0.34 18.09
CA ALA C 124 29.82 -0.45 18.91
C ALA C 124 29.50 -1.91 19.24
N ALA C 125 29.69 -2.79 18.26
CA ALA C 125 29.35 -4.20 18.37
C ALA C 125 30.54 -5.02 18.86
N GLY C 126 31.63 -4.41 19.34
CA GLY C 126 32.67 -5.18 19.98
C GLY C 126 33.70 -5.79 19.02
N TYR C 127 33.60 -5.58 17.71
CA TYR C 127 34.53 -6.21 16.79
C TYR C 127 35.88 -5.49 16.78
N MET C 128 35.93 -4.19 17.09
CA MET C 128 37.22 -3.53 17.23
C MET C 128 37.12 -2.53 18.37
N SER C 129 38.24 -1.91 18.74
CA SER C 129 38.23 -1.06 19.91
C SER C 129 37.21 0.04 19.66
N ALA C 130 36.45 0.40 20.71
CA ALA C 130 35.55 1.54 20.63
C ALA C 130 36.34 2.80 20.28
N THR C 131 37.56 2.92 20.79
CA THR C 131 38.33 4.07 20.38
C THR C 131 38.46 4.11 18.88
N LEU C 132 38.70 2.97 18.26
CA LEU C 132 39.14 2.98 16.89
C LEU C 132 37.93 3.22 16.01
N GLY C 133 36.80 2.66 16.41
CA GLY C 133 35.58 2.88 15.66
C GLY C 133 35.12 4.33 15.71
N PHE C 134 35.49 5.05 16.76
CA PHE C 134 35.21 6.49 16.86
C PHE C 134 36.05 7.24 15.84
N ILE C 135 37.36 7.11 15.96
CA ILE C 135 38.28 7.69 15.02
C ILE C 135 37.87 7.41 13.58
N ILE C 136 37.51 6.18 13.25
CA ILE C 136 37.18 5.87 11.87
C ILE C 136 35.87 6.56 11.52
N GLY C 137 34.88 6.50 12.39
CA GLY C 137 33.61 7.17 12.12
C GLY C 137 33.77 8.68 11.93
N VAL C 138 34.64 9.29 12.75
CA VAL C 138 34.91 10.71 12.69
C VAL C 138 35.73 11.01 11.43
N VAL C 139 36.46 10.04 10.91
CA VAL C 139 37.27 10.32 9.76
C VAL C 139 36.37 10.25 8.54
N GLY C 140 35.52 9.25 8.52
CA GLY C 140 34.58 9.11 7.45
C GLY C 140 33.66 10.31 7.33
N TRP C 141 33.50 11.09 8.40
CA TRP C 141 32.59 12.24 8.45
C TRP C 141 33.31 13.53 8.01
N LEU C 142 34.48 13.78 8.57
CA LEU C 142 35.32 14.87 8.14
C LEU C 142 35.68 14.73 6.67
N TYR C 143 35.71 13.52 6.12
CA TYR C 143 35.93 13.39 4.70
C TYR C 143 34.73 13.96 3.98
N ILE C 144 33.54 13.42 4.28
CA ILE C 144 32.34 13.94 3.65
C ILE C 144 32.25 15.47 3.72
N LEU C 145 32.69 16.07 4.83
CA LEU C 145 32.67 17.51 5.00
C LEU C 145 33.68 18.12 4.08
N GLY C 146 34.86 17.55 3.98
CA GLY C 146 35.81 18.12 3.03
C GLY C 146 35.29 18.03 1.60
N GLU C 147 34.57 16.95 1.28
CA GLU C 147 34.00 16.89 -0.05
C GLU C 147 33.14 18.12 -0.30
N ILE C 148 32.23 18.41 0.64
CA ILE C 148 31.15 19.35 0.40
C ILE C 148 31.53 20.77 0.76
N TYR C 149 32.60 20.96 1.49
CA TYR C 149 33.04 22.32 1.79
C TYR C 149 34.16 22.71 0.84
N MET C 150 35.09 21.79 0.54
CA MET C 150 36.30 22.20 -0.14
C MET C 150 36.58 21.39 -1.39
N GLY C 151 35.71 20.45 -1.76
CA GLY C 151 36.03 19.47 -2.79
C GLY C 151 35.19 19.67 -4.04
N GLU C 152 35.03 18.63 -4.86
CA GLU C 152 34.37 18.79 -6.15
C GLU C 152 32.94 19.23 -5.95
N ALA C 153 32.14 18.43 -5.22
CA ALA C 153 30.78 18.85 -4.89
C ALA C 153 30.70 20.35 -4.57
N SER C 154 31.62 20.89 -3.78
CA SER C 154 31.58 22.32 -3.49
C SER C 154 31.72 23.13 -4.76
N ARG C 155 32.73 22.82 -5.58
CA ARG C 155 33.02 23.59 -6.78
C ARG C 155 31.86 23.50 -7.74
N CYS C 156 31.46 22.27 -8.11
CA CYS C 156 30.28 22.01 -8.93
C CYS C 156 29.10 22.87 -8.50
N ASN C 157 28.98 23.10 -7.20
CA ASN C 157 27.87 23.82 -6.65
C ASN C 157 28.06 25.28 -7.03
N ILE C 158 29.25 25.82 -6.81
CA ILE C 158 29.53 27.22 -7.09
C ILE C 158 29.38 27.49 -8.58
N GLU C 159 29.80 26.54 -9.40
CA GLU C 159 29.83 26.69 -10.85
C GLU C 159 28.52 26.24 -11.49
N SER C 160 27.53 25.80 -10.71
CA SER C 160 26.26 25.36 -11.29
C SER C 160 25.53 26.58 -11.83
N GLY C 161 25.45 27.63 -11.01
CA GLY C 161 24.70 28.83 -11.34
C GLY C 161 23.25 28.73 -10.87
N ASN C 162 22.81 27.54 -10.45
CA ASN C 162 21.42 27.33 -10.02
C ASN C 162 21.29 27.91 -8.61
N GLU C 163 20.32 28.78 -8.40
CA GLU C 163 20.16 29.41 -7.11
C GLU C 163 19.37 28.51 -6.15
N ALA C 164 18.69 27.50 -6.67
CA ALA C 164 17.98 26.56 -5.82
C ALA C 164 18.96 25.61 -5.19
N THR C 165 19.97 25.27 -5.98
CA THR C 165 20.97 24.35 -5.54
C THR C 165 21.92 25.09 -4.61
N HIS C 166 22.17 26.37 -4.87
CA HIS C 166 23.00 27.12 -3.95
C HIS C 166 22.39 26.96 -2.56
N MET C 167 21.08 27.11 -2.46
CA MET C 167 20.43 27.09 -1.17
C MET C 167 20.37 25.69 -0.59
N ALA C 168 20.07 24.67 -1.40
CA ALA C 168 20.06 23.30 -0.87
C ALA C 168 21.43 22.93 -0.31
N PHE C 169 22.46 23.17 -1.09
CA PHE C 169 23.79 22.76 -0.72
C PHE C 169 24.14 23.35 0.63
N ASN C 170 23.86 24.63 0.82
CA ASN C 170 24.20 25.31 2.04
C ASN C 170 23.44 24.73 3.21
N GLY C 171 22.17 24.39 3.00
CA GLY C 171 21.32 23.98 4.08
C GLY C 171 21.59 22.54 4.46
N LEU C 172 21.86 21.72 3.45
CA LEU C 172 22.14 20.32 3.65
C LEU C 172 23.51 20.20 4.29
N ARG C 173 24.38 21.14 3.97
CA ARG C 173 25.72 21.10 4.46
C ARG C 173 25.74 21.49 5.92
N LEU C 174 24.87 22.41 6.28
CA LEU C 174 24.81 22.87 7.65
C LEU C 174 24.19 21.81 8.56
N ILE C 175 23.30 20.99 8.01
CA ILE C 175 22.69 19.92 8.77
C ILE C 175 23.74 18.85 8.97
N LEU C 176 24.53 18.54 7.94
CA LEU C 176 25.57 17.54 8.10
C LEU C 176 26.67 18.05 9.04
N THR C 177 27.07 19.30 8.91
CA THR C 177 28.03 19.88 9.83
C THR C 177 27.55 19.90 11.28
N ILE C 178 26.27 20.23 11.51
CA ILE C 178 25.81 20.48 12.88
C ILE C 178 24.90 19.34 13.31
N GLY C 179 23.77 19.18 12.64
CA GLY C 179 22.88 18.06 12.88
C GLY C 179 23.62 16.75 13.05
N TRP C 180 24.56 16.43 12.18
CA TRP C 180 25.12 15.08 12.20
C TRP C 180 26.24 14.98 13.20
N ALA C 181 26.55 16.07 13.90
CA ALA C 181 27.53 16.01 14.97
C ALA C 181 27.00 15.15 16.08
N ILE C 182 25.69 15.07 16.18
CA ILE C 182 25.06 14.27 17.20
C ILE C 182 25.62 12.85 17.15
N TYR C 183 25.98 12.31 15.98
CA TYR C 183 26.26 10.88 15.87
C TYR C 183 27.61 10.56 16.49
N PRO C 184 28.71 11.22 16.09
CA PRO C 184 29.99 11.13 16.81
C PRO C 184 29.88 11.36 18.32
N LEU C 185 28.96 12.20 18.73
CA LEU C 185 28.94 12.55 20.13
C LEU C 185 28.11 11.53 20.90
N GLY C 186 27.03 11.07 20.32
CA GLY C 186 26.32 9.92 20.85
C GLY C 186 27.30 8.78 21.13
N TYR C 187 28.05 8.43 20.09
CA TYR C 187 29.04 7.37 20.14
C TYR C 187 30.08 7.68 21.21
N PHE C 188 30.68 8.85 21.17
CA PHE C 188 31.69 9.14 22.14
C PHE C 188 31.18 8.90 23.56
N ILE C 189 29.97 9.36 23.87
CA ILE C 189 29.51 9.29 25.24
C ILE C 189 29.12 7.85 25.55
N ASN C 190 28.26 7.29 24.69
CA ASN C 190 27.78 5.95 24.95
C ASN C 190 28.95 4.98 25.14
N ASN C 191 30.04 5.13 24.38
CA ASN C 191 31.06 4.09 24.33
C ASN C 191 32.34 4.56 25.00
N LEU C 192 32.90 5.65 24.52
CA LEU C 192 34.24 6.01 24.91
C LEU C 192 34.25 6.83 26.19
N GLY C 193 33.07 7.25 26.60
CA GLY C 193 32.98 8.23 27.65
C GLY C 193 32.33 7.62 28.88
N GLY C 194 31.80 8.49 29.74
CA GLY C 194 31.14 8.02 30.95
C GLY C 194 30.18 6.88 30.66
N GLY C 195 29.43 7.02 29.57
CA GLY C 195 28.26 6.19 29.33
C GLY C 195 27.00 7.04 29.44
N VAL C 196 25.89 6.51 28.91
CA VAL C 196 24.64 7.25 28.83
C VAL C 196 23.51 6.23 28.88
N ASP C 197 22.46 6.57 29.62
CA ASP C 197 21.26 5.75 29.66
C ASP C 197 20.80 5.50 28.23
N ALA C 198 20.34 4.30 27.93
CA ALA C 198 19.93 4.00 26.58
C ALA C 198 18.60 4.66 26.28
N ASN C 199 17.77 4.81 27.31
CA ASN C 199 16.50 5.49 27.18
C ASN C 199 16.77 6.93 26.76
N SER C 200 17.72 7.56 27.44
CA SER C 200 18.00 8.95 27.14
C SER C 200 18.45 9.06 25.69
N LEU C 201 19.35 8.16 25.29
CA LEU C 201 19.98 8.23 23.99
C LEU C 201 18.97 7.84 22.91
N ASN C 202 18.00 7.00 23.21
CA ASN C 202 17.01 6.72 22.19
C ASN C 202 16.17 7.96 21.95
N ILE C 203 15.86 8.68 23.02
CA ILE C 203 15.07 9.89 22.94
C ILE C 203 15.82 10.89 22.07
N ILE C 204 17.10 11.09 22.40
CA ILE C 204 17.93 12.02 21.64
C ILE C 204 18.04 11.66 20.17
N TYR C 205 18.22 10.39 19.85
CA TYR C 205 18.38 9.99 18.47
C TYR C 205 17.06 10.09 17.74
N ASN C 206 15.95 9.86 18.43
CA ASN C 206 14.62 10.00 17.85
C ASN C 206 14.33 11.47 17.54
N LEU C 207 14.50 12.31 18.53
CA LEU C 207 14.25 13.72 18.33
C LEU C 207 15.22 14.38 17.36
N THR C 208 16.38 13.79 17.05
CA THR C 208 17.25 14.48 16.12
C THR C 208 16.98 14.04 14.69
N ASP C 209 16.34 12.89 14.47
CA ASP C 209 15.82 12.50 13.16
C ASP C 209 14.72 13.42 12.66
N PHE C 210 14.28 14.39 13.45
CA PHE C 210 13.46 15.46 12.93
C PHE C 210 14.30 16.39 12.09
N LEU C 211 15.43 16.79 12.63
CA LEU C 211 16.36 17.59 11.86
C LEU C 211 17.00 16.77 10.75
N ASN C 212 17.67 15.73 11.19
CA ASN C 212 18.63 15.09 10.35
C ASN C 212 17.89 14.41 9.20
N LYS C 213 16.64 13.98 9.39
CA LYS C 213 15.93 13.40 8.26
C LYS C 213 14.87 14.31 7.67
N ILE C 214 14.10 14.98 8.50
CA ILE C 214 12.92 15.61 7.96
C ILE C 214 13.25 17.00 7.43
N ILE C 215 13.90 17.82 8.20
CA ILE C 215 14.31 19.11 7.70
C ILE C 215 15.27 18.92 6.52
N PHE C 216 16.04 17.86 6.55
CA PHE C 216 16.90 17.57 5.42
C PHE C 216 16.07 17.37 4.16
N GLY C 217 14.95 16.68 4.33
CA GLY C 217 14.06 16.40 3.23
C GLY C 217 13.43 17.66 2.70
N PHE C 218 12.91 18.50 3.59
CA PHE C 218 12.19 19.69 3.20
C PHE C 218 13.10 20.65 2.48
N VAL C 219 14.39 20.61 2.81
CA VAL C 219 15.33 21.46 2.14
C VAL C 219 15.47 21.02 0.69
N VAL C 220 15.44 19.71 0.45
CA VAL C 220 15.63 19.16 -0.87
C VAL C 220 14.37 19.48 -1.63
N TYR C 221 13.23 19.29 -0.99
CA TYR C 221 11.95 19.53 -1.60
C TYR C 221 11.80 20.99 -2.01
N ARG C 222 12.24 21.92 -1.20
CA ARG C 222 12.10 23.30 -1.59
C ARG C 222 13.00 23.63 -2.77
N ALA C 223 14.12 22.92 -2.92
CA ALA C 223 15.00 23.22 -4.02
C ALA C 223 14.34 22.78 -5.32
N ALA C 224 13.80 21.58 -5.28
CA ALA C 224 13.19 21.04 -6.46
C ALA C 224 12.00 21.91 -6.84
N MET C 225 11.24 22.35 -5.85
CA MET C 225 10.09 23.21 -6.07
C MET C 225 10.58 24.58 -6.55
N ASN C 226 11.49 25.16 -5.83
CA ASN C 226 11.94 26.43 -6.26
C ASN C 226 12.35 26.44 -7.72
N ASP C 227 13.16 25.47 -8.10
CA ASP C 227 13.77 25.42 -9.41
C ASP C 227 12.69 25.20 -10.45
N THR C 228 11.79 24.24 -10.19
CA THR C 228 10.76 23.91 -11.15
C THR C 228 10.06 25.19 -11.57
N GLN C 229 9.82 26.05 -10.59
CA GLN C 229 9.10 27.30 -10.74
C GLN C 229 9.92 28.37 -11.42
N ALA C 230 11.22 28.40 -11.18
CA ALA C 230 12.09 29.40 -11.76
C ALA C 230 12.18 29.19 -13.27
N ARG C 231 11.95 27.94 -13.66
CA ARG C 231 12.06 27.54 -15.04
C ARG C 231 10.75 27.87 -15.73
N LEU C 232 9.66 27.86 -14.97
CA LEU C 232 8.35 28.22 -15.50
C LEU C 232 8.27 29.73 -15.64
N ASP C 233 8.81 30.43 -14.64
CA ASP C 233 8.81 31.88 -14.64
C ASP C 233 9.69 32.42 -15.77
N GLU C 234 10.72 31.67 -16.20
CA GLU C 234 11.58 32.14 -17.26
C GLU C 234 11.00 31.76 -18.62
N ILE C 235 10.16 30.71 -18.67
CA ILE C 235 9.47 30.33 -19.89
C ILE C 235 8.47 31.40 -20.25
N LYS C 236 7.79 31.96 -19.24
CA LYS C 236 6.85 33.05 -19.45
C LYS C 236 7.52 34.24 -20.14
N LYS C 237 8.79 34.53 -19.80
CA LYS C 237 9.54 35.57 -20.50
C LYS C 237 10.16 34.96 -21.78
N ASN D 2 -32.20 -3.10 25.50
CA ASN D 2 -30.99 -3.97 25.57
C ASN D 2 -30.18 -3.60 26.83
N SER D 3 -29.00 -4.21 27.00
CA SER D 3 -28.09 -3.88 28.09
C SER D 3 -27.04 -2.88 27.60
N THR D 4 -26.90 -1.77 28.32
CA THR D 4 -26.19 -0.64 27.76
C THR D 4 -24.79 -1.09 27.38
N LEU D 5 -24.25 -0.50 26.32
CA LEU D 5 -22.85 -0.67 26.03
C LEU D 5 -22.07 0.05 27.13
N LEU D 6 -20.90 -0.48 27.49
CA LEU D 6 -20.04 0.18 28.46
C LEU D 6 -19.13 1.18 27.77
N PRO D 7 -18.65 2.24 28.45
CA PRO D 7 -17.84 3.25 27.79
C PRO D 7 -16.55 2.65 27.27
N THR D 8 -16.09 1.59 27.92
CA THR D 8 -14.94 0.84 27.45
C THR D 8 -15.20 0.26 26.03
N ASP D 9 -16.45 -0.16 25.77
CA ASP D 9 -16.84 -0.71 24.47
C ASP D 9 -16.91 0.42 23.45
N ILE D 10 -17.37 1.59 23.89
CA ILE D 10 -17.43 2.75 23.02
C ILE D 10 -16.03 3.27 22.72
N VAL D 11 -15.15 3.30 23.72
CA VAL D 11 -13.80 3.78 23.51
C VAL D 11 -13.09 3.01 22.39
N GLY D 12 -13.29 1.69 22.38
CA GLY D 12 -12.53 0.86 21.48
C GLY D 12 -13.08 0.94 20.07
N GLY D 13 -14.42 1.11 19.96
CA GLY D 13 -15.12 1.14 18.68
C GLY D 13 -14.89 2.45 17.95
N THR D 14 -14.85 3.53 18.72
CA THR D 14 -14.55 4.84 18.20
C THR D 14 -13.08 4.91 17.75
N PHE D 15 -12.19 4.11 18.30
CA PHE D 15 -10.85 4.09 17.74
C PHE D 15 -10.92 3.44 16.35
N TRP D 16 -11.71 2.39 16.21
CA TRP D 16 -11.83 1.76 14.90
C TRP D 16 -12.53 2.70 13.92
N LEU D 17 -13.59 3.35 14.40
CA LEU D 17 -14.34 4.26 13.56
C LEU D 17 -13.42 5.31 13.01
N LEU D 18 -12.62 5.91 13.91
CA LEU D 18 -11.72 6.98 13.52
C LEU D 18 -10.70 6.49 12.53
N SER D 19 -10.15 5.36 12.80
CA SER D 19 -9.15 4.73 11.96
C SER D 19 -9.69 4.59 10.53
N MET D 20 -10.91 4.05 10.42
CA MET D 20 -11.53 3.80 9.13
C MET D 20 -11.86 5.11 8.40
N ALA D 21 -12.51 6.02 9.10
CA ALA D 21 -12.90 7.27 8.49
C ALA D 21 -11.65 8.01 7.98
N LEU D 22 -10.56 7.91 8.72
CA LEU D 22 -9.41 8.73 8.39
C LEU D 22 -8.64 8.12 7.23
N ILE D 23 -8.48 6.81 7.21
CA ILE D 23 -7.85 6.21 6.04
C ILE D 23 -8.71 6.45 4.79
N GLY D 24 -10.03 6.49 4.98
CA GLY D 24 -10.96 6.83 3.91
C GLY D 24 -10.72 8.22 3.36
N ALA D 25 -10.78 9.18 4.27
CA ALA D 25 -10.55 10.58 3.92
C ALA D 25 -9.21 10.79 3.24
N SER D 26 -8.20 10.12 3.73
CA SER D 26 -6.87 10.26 3.21
C SER D 26 -6.84 9.88 1.74
N ILE D 27 -7.27 8.63 1.46
CA ILE D 27 -7.24 8.05 0.13
C ILE D 27 -8.09 8.88 -0.82
N PHE D 28 -9.25 9.34 -0.36
CA PHE D 28 -10.05 10.21 -1.19
C PHE D 28 -9.37 11.52 -1.55
N PHE D 29 -8.79 12.19 -0.55
CA PHE D 29 -8.07 13.42 -0.79
C PHE D 29 -6.87 13.17 -1.69
N LEU D 30 -6.25 12.01 -1.59
CA LEU D 30 -5.06 11.80 -2.38
C LEU D 30 -5.39 11.38 -3.80
N LEU D 31 -6.57 10.82 -4.05
CA LEU D 31 -6.94 10.45 -5.40
C LEU D 31 -7.61 11.60 -6.11
N GLU D 32 -8.16 12.55 -5.35
CA GLU D 32 -8.81 13.70 -5.93
C GLU D 32 -7.78 14.82 -6.12
N ARG D 33 -6.52 14.54 -5.80
CA ARG D 33 -5.40 15.46 -5.96
C ARG D 33 -5.12 15.74 -7.42
N ASN D 34 -5.59 14.86 -8.30
CA ASN D 34 -5.19 14.92 -9.69
C ASN D 34 -6.28 15.61 -10.49
N ARG D 35 -7.42 15.87 -9.87
CA ARG D 35 -8.54 16.47 -10.56
C ARG D 35 -8.67 17.95 -10.25
N VAL D 36 -7.90 18.45 -9.29
CA VAL D 36 -7.88 19.87 -9.00
C VAL D 36 -6.77 20.49 -9.86
N ASP D 37 -6.81 21.81 -10.06
CA ASP D 37 -5.70 22.52 -10.67
C ASP D 37 -4.39 22.16 -10.00
N GLY D 38 -3.28 22.46 -10.65
CA GLY D 38 -1.99 22.13 -10.09
C GLY D 38 -1.66 23.08 -8.97
N ARG D 39 -2.32 24.25 -8.94
CA ARG D 39 -2.10 25.23 -7.88
C ARG D 39 -2.59 24.65 -6.56
N TRP D 40 -3.33 23.54 -6.62
CA TRP D 40 -3.98 23.02 -5.44
C TRP D 40 -3.35 21.72 -4.99
N HIS D 41 -2.34 21.24 -5.71
CA HIS D 41 -1.78 19.92 -5.51
C HIS D 41 -1.08 19.73 -4.15
N THR D 42 -0.34 20.74 -3.69
CA THR D 42 0.28 20.71 -2.38
C THR D 42 -0.74 20.72 -1.28
N THR D 43 -1.80 21.51 -1.45
CA THR D 43 -2.88 21.56 -0.50
C THR D 43 -3.50 20.19 -0.34
N MET D 44 -3.66 19.48 -1.44
CA MET D 44 -4.36 18.23 -1.41
C MET D 44 -3.47 17.12 -0.87
N THR D 45 -2.18 17.22 -1.13
CA THR D 45 -1.23 16.24 -0.66
C THR D 45 -1.07 16.40 0.86
N LEU D 46 -0.99 17.64 1.30
CA LEU D 46 -0.87 17.93 2.70
C LEU D 46 -2.15 17.50 3.43
N LEU D 47 -3.30 17.78 2.85
CA LEU D 47 -4.55 17.32 3.41
C LEU D 47 -4.54 15.82 3.63
N GLY D 48 -4.26 15.05 2.56
CA GLY D 48 -4.38 13.62 2.56
C GLY D 48 -3.32 12.98 3.45
N VAL D 49 -2.20 13.66 3.61
CA VAL D 49 -1.14 13.12 4.42
C VAL D 49 -1.49 13.38 5.87
N THR D 50 -2.04 14.54 6.17
CA THR D 50 -2.56 14.84 7.49
C THR D 50 -3.53 13.73 7.92
N MET D 51 -4.48 13.35 7.05
CA MET D 51 -5.45 12.32 7.40
C MET D 51 -4.75 10.96 7.65
N LEU D 52 -3.69 10.69 6.90
CA LEU D 52 -3.00 9.43 6.99
C LEU D 52 -2.22 9.34 8.31
N ILE D 53 -1.60 10.44 8.72
CA ILE D 53 -0.82 10.41 9.93
C ILE D 53 -1.79 10.10 11.06
N SER D 54 -2.91 10.77 10.97
CA SER D 54 -3.94 10.68 11.97
C SER D 54 -4.42 9.23 12.06
N ALA D 55 -4.55 8.61 10.91
CA ALA D 55 -5.07 7.26 10.85
C ALA D 55 -4.09 6.30 11.47
N ILE D 56 -2.81 6.53 11.25
CA ILE D 56 -1.76 5.68 11.76
C ILE D 56 -1.68 5.82 13.28
N PHE D 57 -1.86 7.01 13.80
CA PHE D 57 -2.06 7.15 15.20
C PHE D 57 -3.16 6.23 15.69
N TYR D 58 -4.36 6.35 15.12
CA TYR D 58 -5.50 5.62 15.65
C TYR D 58 -5.25 4.12 15.55
N TYR D 59 -4.47 3.70 14.57
CA TYR D 59 -4.09 2.30 14.49
C TYR D 59 -3.19 1.91 15.66
N TYR D 60 -2.18 2.73 15.94
CA TYR D 60 -1.31 2.53 17.07
C TYR D 60 -2.12 2.50 18.35
N VAL D 61 -3.11 3.39 18.48
CA VAL D 61 -3.80 3.48 19.74
C VAL D 61 -4.73 2.29 19.91
N GLN D 62 -5.36 1.84 18.83
CA GLN D 62 -6.36 0.80 19.00
C GLN D 62 -5.63 -0.48 19.43
N GLY D 63 -4.40 -0.65 19.00
CA GLY D 63 -3.69 -1.86 19.37
C GLY D 63 -3.30 -1.81 20.85
N MET D 64 -2.91 -0.63 21.30
CA MET D 64 -2.55 -0.42 22.68
C MET D 64 -3.74 -0.77 23.55
N TRP D 65 -4.93 -0.41 23.07
CA TRP D 65 -6.18 -0.51 23.81
C TRP D 65 -6.60 -1.96 23.86
N VAL D 66 -6.55 -2.59 22.69
CA VAL D 66 -6.91 -3.98 22.59
C VAL D 66 -6.00 -4.80 23.51
N ASP D 67 -4.72 -4.47 23.55
CA ASP D 67 -3.78 -5.22 24.35
C ASP D 67 -3.95 -4.94 25.84
N THR D 68 -4.15 -3.67 26.20
CA THR D 68 -3.95 -3.25 27.57
C THR D 68 -5.23 -2.73 28.20
N GLY D 69 -6.13 -2.20 27.40
CA GLY D 69 -7.34 -1.59 27.94
C GLY D 69 -7.06 -0.21 28.50
N LYS D 70 -5.89 0.31 28.16
CA LYS D 70 -5.51 1.65 28.55
C LYS D 70 -5.16 2.41 27.29
N ALA D 71 -5.60 3.67 27.27
CA ALA D 71 -5.29 4.61 26.21
C ALA D 71 -5.10 5.94 26.87
N PRO D 72 -3.92 6.21 27.44
CA PRO D 72 -3.71 7.48 28.13
C PRO D 72 -4.10 8.66 27.22
N ILE D 73 -4.45 9.77 27.84
CA ILE D 73 -4.74 10.98 27.10
C ILE D 73 -3.46 11.65 26.59
N VAL D 74 -2.36 11.55 27.33
CA VAL D 74 -1.08 12.14 26.98
C VAL D 74 -0.61 11.62 25.61
N LEU D 75 -1.09 10.45 25.19
CA LEU D 75 -0.74 9.92 23.90
C LEU D 75 -1.25 10.81 22.78
N ARG D 76 -2.20 11.70 23.08
CA ARG D 76 -2.84 12.50 22.05
C ARG D 76 -1.87 13.52 21.49
N TYR D 77 -0.84 13.86 22.26
CA TYR D 77 0.12 14.87 21.85
C TYR D 77 1.04 14.39 20.74
N LEU D 78 1.15 13.10 20.56
CA LEU D 78 1.88 12.55 19.44
C LEU D 78 1.22 12.92 18.13
N ASP D 79 -0.12 12.75 18.08
CA ASP D 79 -0.93 13.09 16.94
C ASP D 79 -0.88 14.62 16.77
N TRP D 80 -1.27 15.35 17.79
CA TRP D 80 -1.39 16.79 17.69
C TRP D 80 -0.08 17.50 17.39
N ILE D 81 1.07 16.99 17.83
CA ILE D 81 2.29 17.66 17.49
C ILE D 81 2.45 17.69 15.96
N LEU D 82 2.05 16.59 15.32
CA LEU D 82 2.14 16.55 13.87
C LEU D 82 0.93 17.19 13.22
N THR D 83 -0.26 16.71 13.50
CA THR D 83 -1.44 17.08 12.72
C THR D 83 -1.96 18.47 13.09
N HIS D 84 -1.75 18.99 14.29
CA HIS D 84 -2.25 20.34 14.51
C HIS D 84 -1.39 21.38 13.82
N SER D 85 -0.11 21.03 13.62
CA SER D 85 0.85 21.85 12.91
C SER D 85 0.53 21.82 11.43
N MET D 86 0.21 20.63 10.92
CA MET D 86 -0.16 20.53 9.53
C MET D 86 -1.45 21.28 9.25
N GLN D 87 -2.39 21.27 10.20
CA GLN D 87 -3.62 21.97 9.92
C GLN D 87 -3.46 23.47 10.00
N VAL D 88 -2.50 24.00 10.76
CA VAL D 88 -2.46 25.43 10.97
C VAL D 88 -1.77 26.02 9.75
N VAL D 89 -0.86 25.26 9.22
CA VAL D 89 0.00 25.71 8.16
C VAL D 89 -0.78 25.61 6.85
N MET D 90 -1.88 24.90 6.87
CA MET D 90 -2.79 24.83 5.75
C MET D 90 -3.27 26.23 5.40
N PHE D 91 -3.49 27.08 6.39
CA PHE D 91 -3.91 28.42 6.06
C PHE D 91 -2.90 29.01 5.09
N TYR D 92 -1.62 28.89 5.39
CA TYR D 92 -0.59 29.43 4.52
C TYR D 92 -0.63 28.73 3.16
N VAL D 93 -0.64 27.39 3.15
CA VAL D 93 -0.61 26.65 1.90
C VAL D 93 -1.72 27.09 0.94
N ILE D 94 -2.94 27.22 1.43
CA ILE D 94 -4.09 27.62 0.64
C ILE D 94 -3.92 29.05 0.14
N LEU D 95 -3.22 29.90 0.91
CA LEU D 95 -3.04 31.28 0.47
C LEU D 95 -1.95 31.33 -0.61
N THR D 96 -0.95 30.51 -0.44
CA THR D 96 0.06 30.51 -1.45
C THR D 96 -0.47 29.85 -2.71
N ALA D 97 -1.64 29.22 -2.66
CA ALA D 97 -2.18 28.67 -3.90
C ALA D 97 -2.74 29.78 -4.77
N VAL D 98 -3.11 30.93 -4.21
CA VAL D 98 -3.99 31.84 -4.95
C VAL D 98 -3.53 33.29 -4.88
N THR D 99 -2.48 33.58 -4.13
CA THR D 99 -2.09 34.95 -3.86
C THR D 99 -0.62 34.91 -3.46
N LYS D 100 -0.04 36.08 -3.17
CA LYS D 100 1.35 36.14 -2.71
C LYS D 100 1.32 36.45 -1.21
N VAL D 101 2.13 35.70 -0.47
CA VAL D 101 2.13 35.85 0.98
C VAL D 101 3.56 35.69 1.49
N SER D 102 3.93 36.49 2.50
CA SER D 102 5.25 36.41 3.09
C SER D 102 5.48 35.02 3.66
N SER D 103 6.68 34.47 3.47
CA SER D 103 6.98 33.13 3.96
C SER D 103 7.06 33.17 5.46
N ALA D 104 7.23 34.39 6.01
CA ALA D 104 7.22 34.60 7.45
C ALA D 104 5.95 34.02 8.03
N LEU D 105 4.85 34.21 7.33
CA LEU D 105 3.59 33.75 7.84
C LEU D 105 3.66 32.25 8.12
N PHE D 106 4.24 31.47 7.23
CA PHE D 106 4.34 30.05 7.50
C PHE D 106 4.89 29.76 8.89
N TRP D 107 5.75 30.64 9.41
CA TRP D 107 6.56 30.32 10.58
C TRP D 107 5.82 30.82 11.80
N ARG D 108 5.31 32.05 11.73
CA ARG D 108 4.35 32.50 12.71
C ARG D 108 3.36 31.36 13.00
N LEU D 109 2.69 30.92 11.95
CA LEU D 109 1.66 29.94 12.12
C LEU D 109 2.21 28.68 12.78
N LEU D 110 3.35 28.18 12.34
CA LEU D 110 3.82 26.88 12.79
C LEU D 110 4.30 26.97 14.23
N ILE D 111 4.86 28.11 14.62
CA ILE D 111 5.34 28.29 15.97
C ILE D 111 4.14 28.30 16.90
N GLY D 112 3.13 29.07 16.57
CA GLY D 112 1.93 29.05 17.40
C GLY D 112 1.44 27.63 17.60
N ALA D 113 1.34 26.86 16.53
CA ALA D 113 0.87 25.51 16.69
C ALA D 113 1.79 24.76 17.64
N LEU D 114 3.13 24.83 17.45
CA LEU D 114 4.05 24.07 18.30
C LEU D 114 3.99 24.56 19.75
N VAL D 115 3.88 25.85 19.97
CA VAL D 115 3.75 26.33 21.32
C VAL D 115 2.50 25.77 21.97
N MET D 116 1.41 25.75 21.21
CA MET D 116 0.13 25.36 21.76
C MET D 116 0.15 23.86 22.11
N VAL D 117 0.78 23.02 21.27
CA VAL D 117 0.83 21.60 21.60
C VAL D 117 1.91 21.31 22.64
N ILE D 118 3.09 21.90 22.51
CA ILE D 118 4.21 21.51 23.35
C ILE D 118 4.00 22.03 24.77
N GLY D 119 3.35 23.17 24.91
CA GLY D 119 3.11 23.72 26.23
C GLY D 119 2.13 22.85 26.99
N GLU D 120 1.05 22.45 26.33
CA GLU D 120 0.05 21.63 26.99
C GLU D 120 0.60 20.21 27.24
N PHE D 121 1.55 19.74 26.42
CA PHE D 121 2.24 18.47 26.65
C PHE D 121 3.16 18.54 27.85
N LEU D 122 3.80 19.66 28.11
CA LEU D 122 4.64 19.74 29.29
C LEU D 122 3.80 19.68 30.57
N GLY D 123 2.75 20.49 30.68
CA GLY D 123 1.84 20.38 31.81
C GLY D 123 1.19 18.99 31.96
N ALA D 124 0.92 18.32 30.85
CA ALA D 124 0.24 17.05 30.92
C ALA D 124 1.16 15.95 31.44
N ALA D 125 2.42 15.98 31.01
CA ALA D 125 3.39 14.96 31.32
C ALA D 125 4.19 15.31 32.58
N GLY D 126 3.79 16.32 33.34
CA GLY D 126 4.42 16.55 34.63
C GLY D 126 5.71 17.37 34.59
N TYR D 127 6.16 17.84 33.42
CA TYR D 127 7.41 18.57 33.36
C TYR D 127 7.25 20.00 33.85
N MET D 128 6.07 20.60 33.76
CA MET D 128 5.85 21.91 34.35
C MET D 128 4.45 21.96 34.91
N SER D 129 4.11 23.04 35.63
CA SER D 129 2.83 23.06 36.31
C SER D 129 1.75 22.90 35.26
N ALA D 130 0.70 22.14 35.59
CA ALA D 130 -0.46 22.03 34.74
C ALA D 130 -1.07 23.40 34.50
N THR D 131 -1.04 24.26 35.51
CA THR D 131 -1.53 25.60 35.26
C THR D 131 -0.78 26.22 34.12
N LEU D 132 0.53 26.04 34.08
CA LEU D 132 1.33 26.86 33.20
C LEU D 132 1.20 26.31 31.79
N GLY D 133 1.10 25.00 31.69
CA GLY D 133 0.92 24.40 30.38
C GLY D 133 -0.43 24.76 29.76
N PHE D 134 -1.42 25.07 30.58
CA PHE D 134 -2.72 25.53 30.11
C PHE D 134 -2.56 26.93 29.50
N ILE D 135 -2.11 27.86 30.34
CA ILE D 135 -1.82 29.20 29.90
C ILE D 135 -1.02 29.22 28.61
N ILE D 136 0.02 28.41 28.51
CA ILE D 136 0.86 28.45 27.32
C ILE D 136 0.06 27.89 26.16
N GLY D 137 -0.62 26.78 26.35
CA GLY D 137 -1.42 26.21 25.29
C GLY D 137 -2.50 27.16 24.78
N VAL D 138 -3.13 27.88 25.70
CA VAL D 138 -4.17 28.84 25.40
C VAL D 138 -3.54 30.07 24.74
N VAL D 139 -2.27 30.32 24.98
CA VAL D 139 -1.67 31.50 24.39
C VAL D 139 -1.30 31.16 22.97
N GLY D 140 -0.74 29.99 22.80
CA GLY D 140 -0.38 29.54 21.48
C GLY D 140 -1.58 29.45 20.56
N TRP D 141 -2.81 29.37 21.11
CA TRP D 141 -4.04 29.21 20.34
C TRP D 141 -4.65 30.57 20.00
N LEU D 142 -4.77 31.45 21.00
CA LEU D 142 -5.16 32.82 20.77
C LEU D 142 -4.22 33.52 19.81
N TYR D 143 -2.96 33.11 19.74
CA TYR D 143 -2.07 33.70 18.76
C TYR D 143 -2.55 33.28 17.38
N ILE D 144 -2.63 31.97 17.16
CA ILE D 144 -3.12 31.49 15.87
C ILE D 144 -4.42 32.18 15.45
N LEU D 145 -5.32 32.44 16.40
CA LEU D 145 -6.58 33.10 16.10
C LEU D 145 -6.30 34.53 15.72
N GLY D 146 -5.43 35.22 16.42
CA GLY D 146 -5.13 36.57 16.00
C GLY D 146 -4.52 36.59 14.60
N GLU D 147 -3.70 35.58 14.28
CA GLU D 147 -3.17 35.55 12.93
C GLU D 147 -4.30 35.58 11.93
N ILE D 148 -5.29 34.69 12.12
CA ILE D 148 -6.26 34.39 11.09
C ILE D 148 -7.47 35.29 11.16
N TYR D 149 -7.66 36.00 12.26
CA TYR D 149 -8.77 36.92 12.33
C TYR D 149 -8.28 38.33 12.07
N MET D 150 -7.11 38.69 12.56
CA MET D 150 -6.71 40.10 12.54
C MET D 150 -5.35 40.34 11.91
N GLY D 151 -4.67 39.29 11.43
CA GLY D 151 -3.27 39.39 11.06
C GLY D 151 -3.07 39.24 9.56
N GLU D 152 -1.88 38.86 9.12
CA GLU D 152 -1.56 38.88 7.69
C GLU D 152 -2.46 37.88 6.97
N ALA D 153 -2.43 36.61 7.36
CA ALA D 153 -3.35 35.62 6.80
C ALA D 153 -4.76 36.21 6.58
N SER D 154 -5.30 36.96 7.55
CA SER D 154 -6.61 37.55 7.34
C SER D 154 -6.59 38.50 6.16
N ARG D 155 -5.63 39.42 6.12
CA ARG D 155 -5.56 40.45 5.10
C ARG D 155 -5.38 39.79 3.73
N CYS D 156 -4.33 38.97 3.58
CA CYS D 156 -4.08 38.18 2.38
C CYS D 156 -5.36 37.54 1.86
N ASN D 157 -6.22 37.12 2.78
CA ASN D 157 -7.42 36.43 2.43
C ASN D 157 -8.37 37.45 1.80
N ILE D 158 -8.53 38.59 2.45
CA ILE D 158 -9.44 39.61 1.96
C ILE D 158 -8.98 40.14 0.61
N GLU D 159 -7.66 40.25 0.45
CA GLU D 159 -7.07 40.84 -0.74
C GLU D 159 -6.80 39.78 -1.81
N SER D 160 -7.14 38.51 -1.58
CA SER D 160 -6.91 37.47 -2.58
C SER D 160 -7.85 37.70 -3.76
N GLY D 161 -9.14 37.90 -3.44
CA GLY D 161 -10.17 38.02 -4.44
C GLY D 161 -10.78 36.67 -4.80
N ASN D 162 -10.15 35.56 -4.34
CA ASN D 162 -10.63 34.23 -4.65
C ASN D 162 -11.82 33.94 -3.77
N GLU D 163 -12.94 33.54 -4.36
CA GLU D 163 -14.14 33.31 -3.58
C GLU D 163 -14.13 31.90 -2.97
N ALA D 164 -13.26 31.02 -3.45
CA ALA D 164 -13.14 29.70 -2.89
C ALA D 164 -12.38 29.79 -1.59
N THR D 165 -11.40 30.68 -1.59
CA THR D 165 -10.55 30.86 -0.45
C THR D 165 -11.32 31.67 0.58
N HIS D 166 -12.17 32.61 0.13
CA HIS D 166 -12.97 33.34 1.10
C HIS D 166 -13.72 32.31 1.93
N MET D 167 -14.29 31.31 1.28
CA MET D 167 -15.10 30.34 1.97
C MET D 167 -14.27 29.39 2.82
N ALA D 168 -13.13 28.90 2.31
CA ALA D 168 -12.30 28.03 3.12
C ALA D 168 -11.83 28.74 4.38
N PHE D 169 -11.33 29.94 4.23
CA PHE D 169 -10.76 30.66 5.34
C PHE D 169 -11.79 30.79 6.44
N ASN D 170 -13.01 31.15 6.08
CA ASN D 170 -14.08 31.36 7.04
C ASN D 170 -14.42 30.06 7.74
N GLY D 171 -14.43 28.97 7.00
CA GLY D 171 -14.90 27.72 7.55
C GLY D 171 -13.84 27.06 8.40
N LEU D 172 -12.59 27.21 7.97
CA LEU D 172 -11.46 26.65 8.70
C LEU D 172 -11.25 27.46 9.95
N ARG D 173 -11.59 28.72 9.88
CA ARG D 173 -11.39 29.61 10.99
C ARG D 173 -12.41 29.33 12.06
N LEU D 174 -13.62 28.99 11.62
CA LEU D 174 -14.69 28.71 12.55
C LEU D 174 -14.47 27.37 13.27
N ILE D 175 -13.80 26.44 12.60
CA ILE D 175 -13.49 25.16 13.19
C ILE D 175 -12.40 25.37 14.22
N LEU D 176 -11.40 26.19 13.89
CA LEU D 176 -10.34 26.46 14.85
C LEU D 176 -10.88 27.27 16.03
N THR D 177 -11.71 28.26 15.79
CA THR D 177 -12.34 29.01 16.86
C THR D 177 -13.23 28.15 17.75
N ILE D 178 -14.00 27.21 17.18
CA ILE D 178 -15.02 26.52 17.95
C ILE D 178 -14.59 25.08 18.15
N GLY D 179 -14.48 24.33 17.07
CA GLY D 179 -13.95 22.97 17.12
C GLY D 179 -12.75 22.83 18.03
N TRP D 180 -11.76 23.71 17.92
CA TRP D 180 -10.50 23.47 18.61
C TRP D 180 -10.58 23.96 20.04
N ALA D 181 -11.72 24.54 20.43
CA ALA D 181 -11.90 24.92 21.82
C ALA D 181 -11.92 23.68 22.69
N ILE D 182 -12.30 22.56 22.09
CA ILE D 182 -12.35 21.31 22.81
C ILE D 182 -11.01 21.06 23.48
N TYR D 183 -9.87 21.47 22.89
CA TYR D 183 -8.58 21.00 23.36
C TYR D 183 -8.20 21.71 24.66
N PRO D 184 -8.21 23.05 24.73
CA PRO D 184 -8.08 23.76 26.01
C PRO D 184 -9.06 23.28 27.08
N LEU D 185 -10.23 22.85 26.69
CA LEU D 185 -11.22 22.52 27.70
C LEU D 185 -11.02 21.10 28.18
N GLY D 186 -10.69 20.20 27.27
CA GLY D 186 -10.23 18.87 27.66
C GLY D 186 -9.15 18.99 28.72
N TYR D 187 -8.10 19.75 28.38
CA TYR D 187 -6.97 19.99 29.23
C TYR D 187 -7.43 20.60 30.56
N PHE D 188 -8.17 21.68 30.50
CA PHE D 188 -8.57 22.32 31.72
C PHE D 188 -9.22 21.32 32.67
N ILE D 189 -10.12 20.48 32.15
CA ILE D 189 -10.89 19.63 33.03
C ILE D 189 -10.01 18.47 33.48
N ASN D 190 -9.40 17.80 32.51
CA ASN D 190 -8.59 16.64 32.84
C ASN D 190 -7.54 17.01 33.89
N ASN D 191 -6.93 18.21 33.81
CA ASN D 191 -5.75 18.51 34.61
C ASN D 191 -6.07 19.55 35.68
N LEU D 192 -6.55 20.69 35.27
CA LEU D 192 -6.60 21.82 36.19
C LEU D 192 -7.91 21.81 36.98
N GLY D 193 -8.82 20.95 36.57
CA GLY D 193 -10.16 21.04 37.08
C GLY D 193 -10.49 19.79 37.90
N GLY D 194 -11.78 19.53 38.04
CA GLY D 194 -12.22 18.37 38.81
C GLY D 194 -11.45 17.11 38.41
N GLY D 195 -11.25 16.96 37.09
CA GLY D 195 -10.82 15.69 36.53
C GLY D 195 -11.95 15.09 35.70
N VAL D 196 -11.60 14.13 34.86
CA VAL D 196 -12.56 13.53 33.93
C VAL D 196 -12.09 12.12 33.68
N ASP D 197 -13.05 11.19 33.63
CA ASP D 197 -12.78 9.81 33.26
C ASP D 197 -12.01 9.79 31.94
N ALA D 198 -11.03 8.92 31.81
CA ALA D 198 -10.24 8.90 30.60
C ALA D 198 -11.05 8.28 29.47
N ASN D 199 -11.93 7.34 29.83
CA ASN D 199 -12.81 6.73 28.85
C ASN D 199 -13.69 7.81 28.23
N SER D 200 -14.25 8.65 29.10
CA SER D 200 -15.13 9.68 28.60
C SER D 200 -14.37 10.58 27.65
N LEU D 201 -13.15 10.97 28.06
CA LEU D 201 -12.38 11.94 27.32
C LEU D 201 -11.83 11.31 26.05
N ASN D 202 -11.60 10.01 26.02
CA ASN D 202 -11.18 9.41 24.78
C ASN D 202 -12.32 9.46 23.77
N ILE D 203 -13.53 9.22 24.27
CA ILE D 203 -14.72 9.24 23.43
C ILE D 203 -14.86 10.63 22.85
N ILE D 204 -14.79 11.64 23.71
CA ILE D 204 -14.93 13.02 23.29
C ILE D 204 -13.87 13.43 22.26
N TYR D 205 -12.63 13.04 22.47
CA TYR D 205 -11.58 13.42 21.55
C TYR D 205 -11.70 12.68 20.25
N ASN D 206 -12.21 11.45 20.29
CA ASN D 206 -12.44 10.67 19.08
C ASN D 206 -13.56 11.27 18.25
N LEU D 207 -14.69 11.50 18.90
CA LEU D 207 -15.80 12.09 18.19
C LEU D 207 -15.55 13.52 17.75
N THR D 208 -14.57 14.24 18.27
CA THR D 208 -14.40 15.60 17.79
C THR D 208 -13.42 15.64 16.62
N ASP D 209 -12.58 14.62 16.45
CA ASP D 209 -11.77 14.46 15.24
C ASP D 209 -12.61 14.23 13.98
N PHE D 210 -13.92 14.11 14.11
CA PHE D 210 -14.78 14.16 12.96
C PHE D 210 -14.87 15.59 12.46
N LEU D 211 -15.11 16.51 13.38
CA LEU D 211 -15.08 17.91 13.02
C LEU D 211 -13.68 18.37 12.70
N ASN D 212 -12.84 18.23 13.70
CA ASN D 212 -11.61 18.96 13.72
C ASN D 212 -10.73 18.40 12.61
N LYS D 213 -10.85 17.13 12.23
CA LYS D 213 -10.04 16.67 11.12
C LYS D 213 -10.82 16.47 9.82
N ILE D 214 -12.01 15.93 9.89
CA ILE D 214 -12.61 15.48 8.65
C ILE D 214 -13.38 16.63 8.00
N ILE D 215 -14.22 17.31 8.73
CA ILE D 215 -14.90 18.46 8.17
C ILE D 215 -13.88 19.52 7.78
N PHE D 216 -12.78 19.59 8.52
CA PHE D 216 -11.71 20.49 8.15
C PHE D 216 -11.19 20.15 6.76
N GLY D 217 -11.05 18.87 6.51
CA GLY D 217 -10.57 18.38 5.24
C GLY D 217 -11.51 18.71 4.11
N PHE D 218 -12.80 18.42 4.31
CA PHE D 218 -13.80 18.58 3.28
C PHE D 218 -13.93 20.04 2.91
N VAL D 219 -13.67 20.92 3.86
CA VAL D 219 -13.74 22.34 3.57
C VAL D 219 -12.62 22.70 2.61
N VAL D 220 -11.45 22.10 2.79
CA VAL D 220 -10.28 22.41 1.99
C VAL D 220 -10.56 21.83 0.62
N TYR D 221 -11.07 20.63 0.59
CA TYR D 221 -11.36 19.93 -0.64
C TYR D 221 -12.39 20.70 -1.47
N ARG D 222 -13.41 21.24 -0.85
CA ARG D 222 -14.39 21.96 -1.64
C ARG D 222 -13.80 23.24 -2.20
N ALA D 223 -12.79 23.82 -1.54
CA ALA D 223 -12.22 25.04 -2.04
C ALA D 223 -11.42 24.73 -3.30
N ALA D 224 -10.64 23.68 -3.21
CA ALA D 224 -9.81 23.31 -4.32
C ALA D 224 -10.70 22.95 -5.49
N MET D 225 -11.77 22.24 -5.23
CA MET D 225 -12.72 21.83 -6.26
C MET D 225 -13.44 23.07 -6.78
N ASN D 226 -13.98 23.84 -5.88
CA ASN D 226 -14.67 24.99 -6.37
C ASN D 226 -13.83 25.82 -7.32
N ASP D 227 -12.59 26.09 -6.92
CA ASP D 227 -11.72 26.99 -7.64
C ASP D 227 -11.36 26.37 -8.97
N THR D 228 -10.99 25.09 -8.96
CA THR D 228 -10.57 24.43 -10.18
C THR D 228 -11.61 24.65 -11.25
N GLN D 229 -12.88 24.56 -10.84
CA GLN D 229 -14.04 24.67 -11.69
C GLN D 229 -14.31 26.10 -12.13
N ALA D 230 -14.04 27.06 -11.27
CA ALA D 230 -14.31 28.45 -11.58
C ALA D 230 -13.36 28.92 -12.65
N ARG D 231 -12.22 28.24 -12.73
CA ARG D 231 -11.17 28.59 -13.65
C ARG D 231 -11.51 27.96 -14.99
N LEU D 232 -12.21 26.83 -14.96
CA LEU D 232 -12.64 26.16 -16.17
C LEU D 232 -13.82 26.92 -16.76
N ASP D 233 -14.72 27.35 -15.88
CA ASP D 233 -15.90 28.10 -16.29
C ASP D 233 -15.51 29.45 -16.89
N GLU D 234 -14.37 30.03 -16.47
CA GLU D 234 -13.96 31.31 -17.01
C GLU D 234 -13.16 31.11 -18.30
N ILE D 235 -12.55 29.93 -18.47
CA ILE D 235 -11.85 29.62 -19.71
C ILE D 235 -12.88 29.49 -20.84
N LYS D 236 -14.03 28.91 -20.54
CA LYS D 236 -15.11 28.79 -21.50
C LYS D 236 -15.53 30.17 -22.02
N LYS D 237 -15.54 31.19 -21.16
CA LYS D 237 -15.81 32.56 -21.60
C LYS D 237 -14.51 33.19 -22.13
N ASN E 2 -20.08 -35.74 4.50
CA ASN E 2 -19.03 -35.21 5.43
C ASN E 2 -19.70 -34.82 6.76
N SER E 3 -18.94 -34.22 7.68
CA SER E 3 -19.46 -33.69 8.94
C SER E 3 -19.72 -32.20 8.77
N THR E 4 -20.94 -31.76 9.08
CA THR E 4 -21.36 -30.43 8.68
C THR E 4 -20.37 -29.42 9.24
N LEU E 5 -20.16 -28.34 8.48
CA LEU E 5 -19.42 -27.24 9.04
C LEU E 5 -20.30 -26.61 10.12
N LEU E 6 -19.68 -26.08 11.18
CA LEU E 6 -20.41 -25.40 12.23
C LEU E 6 -20.59 -23.93 11.86
N PRO E 7 -21.65 -23.25 12.35
CA PRO E 7 -21.91 -21.87 11.96
C PRO E 7 -20.76 -20.97 12.40
N THR E 8 -20.08 -21.37 13.47
CA THR E 8 -18.88 -20.67 13.89
C THR E 8 -17.80 -20.69 12.80
N ASP E 9 -17.71 -21.80 12.04
CA ASP E 9 -16.76 -21.96 10.96
C ASP E 9 -17.19 -21.10 9.78
N ILE E 10 -18.50 -21.02 9.55
CA ILE E 10 -19.03 -20.19 8.50
C ILE E 10 -18.88 -18.71 8.85
N VAL E 11 -19.13 -18.34 10.10
CA VAL E 11 -18.99 -16.95 10.50
C VAL E 11 -17.60 -16.40 10.20
N GLY E 12 -16.59 -17.22 10.46
CA GLY E 12 -15.23 -16.74 10.38
C GLY E 12 -14.76 -16.65 8.95
N GLY E 13 -15.24 -17.60 8.11
CA GLY E 13 -14.84 -17.71 6.71
C GLY E 13 -15.48 -16.61 5.86
N THR E 14 -16.73 -16.29 6.18
CA THR E 14 -17.44 -15.21 5.55
C THR E 14 -16.82 -13.86 5.93
N PHE E 15 -16.17 -13.74 7.08
CA PHE E 15 -15.46 -12.50 7.33
C PHE E 15 -14.27 -12.42 6.38
N TRP E 16 -13.59 -13.53 6.15
CA TRP E 16 -12.49 -13.50 5.21
C TRP E 16 -12.97 -13.27 3.79
N LEU E 17 -14.06 -13.93 3.43
CA LEU E 17 -14.61 -13.80 2.10
C LEU E 17 -14.92 -12.34 1.84
N LEU E 18 -15.60 -11.70 2.81
CA LEU E 18 -16.01 -10.33 2.66
C LEU E 18 -14.80 -9.43 2.54
N SER E 19 -13.85 -9.66 3.39
CA SER E 19 -12.62 -8.91 3.42
C SER E 19 -11.97 -8.91 2.03
N MET E 20 -11.83 -10.11 1.46
CA MET E 20 -11.19 -10.30 0.16
C MET E 20 -11.99 -9.64 -0.96
N ALA E 21 -13.29 -9.93 -1.01
CA ALA E 21 -14.11 -9.40 -2.07
C ALA E 21 -14.06 -7.87 -2.03
N LEU E 22 -14.02 -7.30 -0.84
CA LEU E 22 -14.16 -5.86 -0.73
C LEU E 22 -12.85 -5.17 -1.09
N ILE E 23 -11.73 -5.70 -0.63
CA ILE E 23 -10.46 -5.12 -1.07
C ILE E 23 -10.31 -5.25 -2.59
N GLY E 24 -10.85 -6.34 -3.15
CA GLY E 24 -10.87 -6.54 -4.59
C GLY E 24 -11.66 -5.47 -5.29
N ALA E 25 -12.91 -5.32 -4.88
CA ALA E 25 -13.80 -4.31 -5.44
C ALA E 25 -13.21 -2.91 -5.34
N SER E 26 -12.59 -2.61 -4.22
CA SER E 26 -12.03 -1.32 -3.98
C SER E 26 -10.99 -0.99 -5.04
N ILE E 27 -9.98 -1.87 -5.13
CA ILE E 27 -8.84 -1.71 -6.02
C ILE E 27 -9.32 -1.65 -7.47
N PHE E 28 -10.27 -2.49 -7.84
CA PHE E 28 -10.82 -2.42 -9.16
C PHE E 28 -11.48 -1.08 -9.48
N PHE E 29 -12.33 -0.61 -8.56
CA PHE E 29 -12.99 0.65 -8.74
C PHE E 29 -11.98 1.80 -8.76
N LEU E 30 -10.89 1.68 -8.03
CA LEU E 30 -9.96 2.78 -7.99
C LEU E 30 -9.02 2.77 -9.17
N LEU E 31 -8.80 1.63 -9.82
CA LEU E 31 -7.95 1.60 -10.99
C LEU E 31 -8.75 1.90 -12.24
N GLU E 32 -10.04 1.68 -12.19
CA GLU E 32 -10.91 1.94 -13.32
C GLU E 32 -11.41 3.39 -13.28
N ARG E 33 -10.94 4.13 -12.28
CA ARG E 33 -11.28 5.55 -12.08
C ARG E 33 -10.67 6.41 -13.18
N ASN E 34 -9.67 5.88 -13.87
CA ASN E 34 -8.90 6.69 -14.80
C ASN E 34 -9.42 6.48 -16.21
N ARG E 35 -10.29 5.49 -16.39
CA ARG E 35 -10.78 5.14 -17.70
C ARG E 35 -12.17 5.69 -17.94
N VAL E 36 -12.81 6.23 -16.91
CA VAL E 36 -14.11 6.87 -17.07
C VAL E 36 -13.85 8.34 -17.36
N ASP E 37 -14.83 9.05 -17.92
CA ASP E 37 -14.76 10.48 -18.05
C ASP E 37 -14.39 11.12 -16.71
N GLY E 38 -13.96 12.38 -16.75
CA GLY E 38 -13.57 13.05 -15.53
C GLY E 38 -14.79 13.41 -14.72
N ARG E 39 -15.96 13.49 -15.38
CA ARG E 39 -17.21 13.81 -14.69
C ARG E 39 -17.55 12.68 -13.72
N TRP E 40 -16.85 11.55 -13.83
CA TRP E 40 -17.21 10.37 -13.08
C TRP E 40 -16.19 10.06 -12.02
N HIS E 41 -15.14 10.85 -11.92
CA HIS E 41 -13.99 10.55 -11.08
C HIS E 41 -14.30 10.57 -9.58
N THR E 42 -15.12 11.51 -9.11
CA THR E 42 -15.55 11.53 -7.72
C THR E 42 -16.44 10.36 -7.39
N THR E 43 -17.31 9.99 -8.31
CA THR E 43 -18.17 8.83 -8.13
C THR E 43 -17.32 7.60 -7.93
N MET E 44 -16.25 7.48 -8.69
CA MET E 44 -15.47 6.27 -8.67
C MET E 44 -14.55 6.25 -7.46
N THR E 45 -14.10 7.41 -7.01
CA THR E 45 -13.25 7.50 -5.85
C THR E 45 -14.08 7.18 -4.60
N LEU E 46 -15.28 7.74 -4.57
CA LEU E 46 -16.17 7.51 -3.46
C LEU E 46 -16.57 6.04 -3.42
N LEU E 47 -16.88 5.47 -4.57
CA LEU E 47 -17.18 4.06 -4.64
C LEU E 47 -16.05 3.23 -4.03
N GLY E 48 -14.84 3.43 -4.54
CA GLY E 48 -13.70 2.60 -4.19
C GLY E 48 -13.29 2.79 -2.74
N VAL E 49 -13.58 3.98 -2.21
CA VAL E 49 -13.20 4.26 -0.84
C VAL E 49 -14.23 3.63 0.06
N THR E 50 -15.50 3.69 -0.32
CA THR E 50 -16.55 2.97 0.38
C THR E 50 -16.16 1.50 0.53
N MET E 51 -15.70 0.85 -0.56
CA MET E 51 -15.34 -0.56 -0.49
C MET E 51 -14.16 -0.78 0.47
N LEU E 52 -13.24 0.17 0.52
CA LEU E 52 -12.04 0.05 1.33
C LEU E 52 -12.39 0.17 2.80
N ILE E 53 -13.30 1.09 3.15
CA ILE E 53 -13.64 1.27 4.55
C ILE E 53 -14.24 -0.04 5.03
N SER E 54 -15.08 -0.57 4.17
CA SER E 54 -15.83 -1.77 4.45
C SER E 54 -14.84 -2.91 4.69
N ALA E 55 -13.80 -2.94 3.89
CA ALA E 55 -12.83 -4.01 3.94
C ALA E 55 -12.05 -3.94 5.23
N ILE E 56 -11.74 -2.72 5.66
CA ILE E 56 -10.98 -2.50 6.87
C ILE E 56 -11.81 -2.87 8.10
N PHE E 57 -13.10 -2.59 8.06
CA PHE E 57 -13.98 -3.15 9.05
C PHE E 57 -13.80 -4.66 9.13
N TYR E 58 -13.98 -5.35 8.02
CA TYR E 58 -14.00 -6.80 8.03
C TYR E 58 -12.67 -7.34 8.51
N TYR E 59 -11.59 -6.60 8.28
CA TYR E 59 -10.30 -6.98 8.80
C TYR E 59 -10.28 -6.86 10.33
N TYR E 60 -10.77 -5.74 10.84
CA TYR E 60 -10.88 -5.53 12.27
C TYR E 60 -11.75 -6.61 12.88
N VAL E 61 -12.83 -6.98 12.21
CA VAL E 61 -13.77 -7.90 12.82
C VAL E 61 -13.19 -9.30 12.81
N GLN E 62 -12.47 -9.67 11.76
CA GLN E 62 -12.03 -11.05 11.66
C GLN E 62 -10.98 -11.27 12.75
N GLY E 63 -10.23 -10.25 13.10
CA GLY E 63 -9.20 -10.42 14.11
C GLY E 63 -9.84 -10.57 15.49
N MET E 64 -10.90 -9.83 15.72
CA MET E 64 -11.64 -9.89 16.96
C MET E 64 -12.18 -11.30 17.13
N TRP E 65 -12.60 -11.89 16.02
CA TRP E 65 -13.28 -13.18 15.99
C TRP E 65 -12.26 -14.27 16.21
N VAL E 66 -11.16 -14.17 15.47
CA VAL E 66 -10.09 -15.14 15.60
C VAL E 66 -9.59 -15.14 17.03
N ASP E 67 -9.48 -13.97 17.65
CA ASP E 67 -8.97 -13.88 19.00
C ASP E 67 -9.98 -14.36 20.02
N THR E 68 -11.25 -13.99 19.86
CA THR E 68 -12.21 -14.08 20.94
C THR E 68 -13.34 -15.04 20.63
N GLY E 69 -13.67 -15.22 19.35
CA GLY E 69 -14.80 -16.04 18.98
C GLY E 69 -16.11 -15.30 19.21
N LYS E 70 -16.00 -13.99 19.37
CA LYS E 70 -17.17 -13.15 19.52
C LYS E 70 -17.06 -12.06 18.45
N ALA E 71 -18.20 -11.76 17.83
CA ALA E 71 -18.33 -10.68 16.89
C ALA E 71 -19.70 -10.08 17.13
N PRO E 72 -19.83 -9.20 18.12
CA PRO E 72 -21.14 -8.62 18.42
C PRO E 72 -21.76 -8.03 17.16
N ILE E 73 -23.08 -7.97 17.14
CA ILE E 73 -23.80 -7.33 16.05
C ILE E 73 -23.69 -5.81 16.12
N VAL E 74 -23.63 -5.23 17.32
CA VAL E 74 -23.55 -3.79 17.54
C VAL E 74 -22.31 -3.23 16.85
N LEU E 75 -21.30 -4.05 16.60
CA LEU E 75 -20.11 -3.61 15.89
C LEU E 75 -20.45 -3.18 14.48
N ARG E 76 -21.61 -3.58 13.96
CA ARG E 76 -21.94 -3.34 12.56
C ARG E 76 -22.21 -1.86 12.33
N TYR E 77 -22.55 -1.14 13.39
CA TYR E 77 -22.87 0.27 13.27
C TYR E 77 -21.64 1.14 13.01
N LEU E 78 -20.47 0.63 13.30
CA LEU E 78 -19.26 1.31 12.95
C LEU E 78 -19.10 1.41 11.44
N ASP E 79 -19.34 0.28 10.75
CA ASP E 79 -19.30 0.20 9.30
C ASP E 79 -20.43 1.07 8.76
N TRP E 80 -21.66 0.79 9.15
CA TRP E 80 -22.82 1.46 8.60
C TRP E 80 -22.85 2.96 8.84
N ILE E 81 -22.29 3.46 9.94
CA ILE E 81 -22.29 4.89 10.12
C ILE E 81 -21.50 5.54 8.98
N LEU E 82 -20.42 4.89 8.57
CA LEU E 82 -19.65 5.42 7.46
C LEU E 82 -20.21 5.01 6.12
N THR E 83 -20.33 3.71 5.86
CA THR E 83 -20.60 3.24 4.50
C THR E 83 -22.08 3.41 4.13
N HIS E 84 -23.04 3.44 5.05
CA HIS E 84 -24.40 3.65 4.57
C HIS E 84 -24.63 5.09 4.17
N SER E 85 -23.86 5.99 4.78
CA SER E 85 -23.87 7.41 4.49
C SER E 85 -23.22 7.65 3.14
N MET E 86 -22.10 6.95 2.90
CA MET E 86 -21.43 7.09 1.63
C MET E 86 -22.31 6.53 0.51
N GLN E 87 -23.06 5.47 0.78
CA GLN E 87 -23.87 4.93 -0.30
C GLN E 87 -25.07 5.81 -0.57
N VAL E 88 -25.59 6.57 0.39
CA VAL E 88 -26.85 7.26 0.16
C VAL E 88 -26.51 8.53 -0.62
N VAL E 89 -25.34 9.03 -0.35
CA VAL E 89 -24.92 10.30 -0.88
C VAL E 89 -24.42 10.08 -2.30
N MET E 90 -24.20 8.84 -2.66
CA MET E 90 -23.87 8.45 -4.02
C MET E 90 -24.99 8.90 -4.96
N PHE E 91 -26.22 8.83 -4.52
CA PHE E 91 -27.30 9.29 -5.39
C PHE E 91 -26.98 10.72 -5.80
N TYR E 92 -26.63 11.57 -4.87
CA TYR E 92 -26.31 12.95 -5.19
C TYR E 92 -25.08 13.02 -6.08
N VAL E 93 -24.00 12.33 -5.71
CA VAL E 93 -22.77 12.42 -6.48
C VAL E 93 -22.99 12.07 -7.96
N ILE E 94 -23.72 11.00 -8.25
CA ILE E 94 -24.00 10.56 -9.60
C ILE E 94 -24.87 11.59 -10.32
N LEU E 95 -25.73 12.32 -9.59
CA LEU E 95 -26.57 13.31 -10.24
C LEU E 95 -25.74 14.55 -10.55
N THR E 96 -24.85 14.87 -9.65
CA THR E 96 -24.03 16.02 -9.93
C THR E 96 -23.04 15.68 -11.03
N ALA E 97 -22.91 14.42 -11.42
CA ALA E 97 -22.01 14.14 -12.53
C ALA E 97 -22.65 14.55 -13.85
N VAL E 98 -23.98 14.65 -13.93
CA VAL E 98 -24.62 14.67 -15.24
C VAL E 98 -25.69 15.74 -15.37
N THR E 99 -25.98 16.47 -14.29
CA THR E 99 -27.10 17.39 -14.28
C THR E 99 -26.81 18.38 -13.17
N LYS E 100 -27.71 19.37 -12.98
CA LYS E 100 -27.55 20.33 -11.90
C LYS E 100 -28.57 19.98 -10.81
N VAL E 101 -28.09 19.97 -9.57
CA VAL E 101 -28.95 19.57 -8.46
C VAL E 101 -28.62 20.41 -7.23
N SER E 102 -29.66 20.77 -6.46
CA SER E 102 -29.47 21.60 -5.28
C SER E 102 -28.56 20.88 -4.30
N SER E 103 -27.64 21.62 -3.67
CA SER E 103 -26.70 21.02 -2.73
C SER E 103 -27.46 20.59 -1.49
N ALA E 104 -28.66 21.16 -1.31
CA ALA E 104 -29.54 20.77 -0.23
C ALA E 104 -29.76 19.28 -0.26
N LEU E 105 -29.91 18.73 -1.45
CA LEU E 105 -30.18 17.32 -1.57
C LEU E 105 -29.07 16.53 -0.87
N PHE E 106 -27.82 16.90 -1.07
CA PHE E 106 -26.77 16.17 -0.38
C PHE E 106 -27.06 15.98 1.10
N TRP E 107 -27.75 16.94 1.72
CA TRP E 107 -27.83 17.03 3.17
C TRP E 107 -29.07 16.28 3.61
N ARG E 108 -30.18 16.53 2.94
CA ARG E 108 -31.33 15.66 3.09
C ARG E 108 -30.86 14.21 3.13
N LEU E 109 -30.19 13.81 2.06
CA LEU E 109 -29.79 12.44 1.95
C LEU E 109 -28.94 12.01 3.12
N LEU E 110 -27.95 12.81 3.52
CA LEU E 110 -26.98 12.35 4.50
C LEU E 110 -27.62 12.31 5.89
N ILE E 111 -28.57 13.20 6.15
CA ILE E 111 -29.23 13.22 7.43
C ILE E 111 -30.06 11.95 7.55
N GLY E 112 -30.85 11.65 6.53
CA GLY E 112 -31.62 10.41 6.57
C GLY E 112 -30.70 9.23 6.89
N ALA E 113 -29.58 9.12 6.20
CA ALA E 113 -28.70 8.01 6.48
C ALA E 113 -28.28 8.04 7.94
N LEU E 114 -27.83 9.21 8.45
CA LEU E 114 -27.35 9.26 9.84
C LEU E 114 -28.48 8.97 10.82
N VAL E 115 -29.68 9.46 10.58
CA VAL E 115 -30.78 9.15 11.46
C VAL E 115 -31.02 7.66 11.48
N MET E 116 -30.97 7.04 10.31
CA MET E 116 -31.32 5.64 10.20
C MET E 116 -30.28 4.78 10.91
N VAL E 117 -28.99 5.13 10.82
CA VAL E 117 -27.98 4.34 11.52
C VAL E 117 -27.92 4.69 12.99
N ILE E 118 -27.98 5.97 13.34
CA ILE E 118 -27.73 6.38 14.71
C ILE E 118 -28.91 6.01 15.59
N GLY E 119 -30.11 6.01 15.03
CA GLY E 119 -31.29 5.66 15.80
C GLY E 119 -31.26 4.18 16.16
N GLU E 120 -30.94 3.35 15.17
CA GLU E 120 -30.88 1.92 15.39
C GLU E 120 -29.72 1.56 16.31
N PHE E 121 -28.63 2.35 16.30
CA PHE E 121 -27.51 2.17 17.20
C PHE E 121 -27.86 2.54 18.63
N LEU E 122 -28.71 3.52 18.84
CA LEU E 122 -29.09 3.82 20.21
C LEU E 122 -29.94 2.70 20.81
N GLY E 123 -30.99 2.24 20.11
CA GLY E 123 -31.73 1.08 20.58
C GLY E 123 -30.87 -0.18 20.75
N ALA E 124 -29.86 -0.36 19.92
CA ALA E 124 -29.08 -1.58 19.99
C ALA E 124 -28.15 -1.58 21.19
N ALA E 125 -27.58 -0.42 21.49
CA ALA E 125 -26.61 -0.27 22.56
C ALA E 125 -27.27 0.12 23.89
N GLY E 126 -28.59 0.06 24.00
CA GLY E 126 -29.22 0.24 25.29
C GLY E 126 -29.46 1.70 25.69
N TYR E 127 -29.12 2.69 24.87
CA TYR E 127 -29.30 4.07 25.25
C TYR E 127 -30.75 4.51 25.15
N MET E 128 -31.56 3.90 24.28
CA MET E 128 -32.98 4.20 24.27
C MET E 128 -33.73 2.92 23.97
N SER E 129 -35.06 2.95 24.05
CA SER E 129 -35.82 1.72 23.92
C SER E 129 -35.51 1.14 22.56
N ALA E 130 -35.38 -0.19 22.50
CA ALA E 130 -35.22 -0.88 21.24
C ALA E 130 -36.41 -0.59 20.34
N THR E 131 -37.61 -0.47 20.91
CA THR E 131 -38.71 -0.10 20.07
C THR E 131 -38.42 1.20 19.35
N LEU E 132 -37.84 2.16 20.07
CA LEU E 132 -37.84 3.52 19.54
C LEU E 132 -36.73 3.59 18.50
N GLY E 133 -35.65 2.89 18.74
CA GLY E 133 -34.57 2.88 17.78
C GLY E 133 -34.97 2.21 16.48
N PHE E 134 -35.94 1.29 16.53
CA PHE E 134 -36.48 0.66 15.33
C PHE E 134 -37.26 1.69 14.53
N ILE E 135 -38.29 2.25 15.16
CA ILE E 135 -39.08 3.30 14.57
C ILE E 135 -38.21 4.39 13.95
N ILE E 136 -37.18 4.84 14.66
CA ILE E 136 -36.38 5.92 14.13
C ILE E 136 -35.58 5.40 12.94
N GLY E 137 -34.99 4.23 13.06
CA GLY E 137 -34.23 3.67 11.95
C GLY E 137 -35.10 3.46 10.70
N VAL E 138 -36.33 3.01 10.90
CA VAL E 138 -37.28 2.78 9.83
C VAL E 138 -37.75 4.11 9.29
N VAL E 139 -37.69 5.18 10.07
CA VAL E 139 -38.17 6.45 9.58
C VAL E 139 -37.08 7.06 8.73
N GLY E 140 -35.87 6.96 9.24
CA GLY E 140 -34.74 7.46 8.49
C GLY E 140 -34.58 6.77 7.14
N TRP E 141 -35.17 5.57 6.97
CA TRP E 141 -35.03 4.78 5.75
C TRP E 141 -36.16 5.11 4.77
N LEU E 142 -37.40 5.12 5.25
CA LEU E 142 -38.53 5.56 4.46
C LEU E 142 -38.33 7.00 3.99
N TYR E 143 -37.58 7.81 4.72
CA TYR E 143 -37.30 9.14 4.23
C TYR E 143 -36.42 9.01 2.99
N ILE E 144 -35.27 8.36 3.14
CA ILE E 144 -34.39 8.17 2.00
C ILE E 144 -35.14 7.62 0.78
N LEU E 145 -36.11 6.72 0.98
CA LEU E 145 -36.89 6.16 -0.09
C LEU E 145 -37.76 7.24 -0.67
N GLY E 146 -38.40 8.03 0.15
CA GLY E 146 -39.20 9.10 -0.42
C GLY E 146 -38.34 10.07 -1.22
N GLU E 147 -37.12 10.32 -0.76
CA GLU E 147 -36.25 11.18 -1.56
C GLU E 147 -36.13 10.62 -2.96
N ILE E 148 -35.80 9.33 -3.07
CA ILE E 148 -35.34 8.76 -4.32
C ILE E 148 -36.49 8.23 -5.16
N TYR E 149 -37.67 8.06 -4.59
CA TYR E 149 -38.80 7.63 -5.37
C TYR E 149 -39.66 8.82 -5.74
N MET E 150 -39.83 9.78 -4.83
CA MET E 150 -40.86 10.79 -5.04
C MET E 150 -40.31 12.21 -4.90
N GLY E 151 -39.02 12.38 -4.62
CA GLY E 151 -38.47 13.67 -4.21
C GLY E 151 -37.55 14.25 -5.27
N GLU E 152 -36.66 15.16 -4.88
CA GLU E 152 -35.87 15.90 -5.86
C GLU E 152 -34.99 14.93 -6.63
N ALA E 153 -34.13 14.18 -5.94
CA ALA E 153 -33.34 13.14 -6.59
C ALA E 153 -34.14 12.39 -7.67
N SER E 154 -35.38 12.02 -7.39
CA SER E 154 -36.18 11.34 -8.41
C SER E 154 -36.36 12.24 -9.63
N ARG E 155 -36.80 13.49 -9.42
CA ARG E 155 -37.09 14.40 -10.50
C ARG E 155 -35.82 14.67 -11.30
N CYS E 156 -34.77 15.15 -10.64
CA CYS E 156 -33.45 15.35 -11.23
C CYS E 156 -33.06 14.18 -12.13
N ASN E 157 -33.45 12.98 -11.73
CA ASN E 157 -33.08 11.80 -12.45
C ASN E 157 -33.88 11.77 -13.74
N ILE E 158 -35.19 12.00 -13.64
CA ILE E 158 -36.06 11.96 -14.81
C ILE E 158 -35.68 13.06 -15.79
N GLU E 159 -35.30 14.22 -15.27
CA GLU E 159 -35.00 15.39 -16.07
C GLU E 159 -33.53 15.45 -16.48
N SER E 160 -32.72 14.45 -16.11
CA SER E 160 -31.32 14.46 -16.48
C SER E 160 -31.20 14.23 -17.98
N GLY E 161 -31.90 13.19 -18.45
CA GLY E 161 -31.80 12.77 -19.84
C GLY E 161 -30.71 11.73 -20.05
N ASN E 162 -29.84 11.53 -19.05
CA ASN E 162 -28.75 10.57 -19.15
C ASN E 162 -29.34 9.18 -18.99
N GLU E 163 -29.07 8.28 -19.94
CA GLU E 163 -29.64 6.95 -19.87
C GLU E 163 -28.80 6.03 -18.99
N ALA E 164 -27.57 6.43 -18.67
CA ALA E 164 -26.74 5.65 -17.77
C ALA E 164 -27.22 5.86 -16.35
N THR E 165 -27.64 7.09 -16.09
CA THR E 165 -28.09 7.46 -14.79
C THR E 165 -29.50 6.93 -14.61
N HIS E 166 -30.30 6.90 -15.68
CA HIS E 166 -31.61 6.30 -15.53
C HIS E 166 -31.44 4.90 -14.96
N MET E 167 -30.48 4.16 -15.51
CA MET E 167 -30.30 2.78 -15.10
C MET E 167 -29.67 2.68 -13.71
N ALA E 168 -28.68 3.49 -13.38
CA ALA E 168 -28.10 3.44 -12.04
C ALA E 168 -29.15 3.74 -10.99
N PHE E 169 -29.90 4.81 -11.19
CA PHE E 169 -30.85 5.24 -10.20
C PHE E 169 -31.81 4.13 -9.89
N ASN E 170 -32.31 3.47 -10.94
CA ASN E 170 -33.28 2.42 -10.77
C ASN E 170 -32.69 1.24 -10.03
N GLY E 171 -31.44 0.92 -10.31
CA GLY E 171 -30.83 -0.27 -9.77
C GLY E 171 -30.41 -0.05 -8.34
N LEU E 172 -29.93 1.16 -8.06
CA LEU E 172 -29.47 1.52 -6.73
C LEU E 172 -30.71 1.67 -5.85
N ARG E 173 -31.80 2.08 -6.44
CA ARG E 173 -33.00 2.30 -5.71
C ARG E 173 -33.62 0.99 -5.31
N LEU E 174 -33.50 0.01 -6.19
CA LEU E 174 -34.07 -1.30 -5.94
C LEU E 174 -33.27 -2.03 -4.86
N ILE E 175 -31.97 -1.76 -4.78
CA ILE E 175 -31.14 -2.37 -3.78
C ILE E 175 -31.48 -1.74 -2.44
N LEU E 176 -31.67 -0.42 -2.41
CA LEU E 176 -32.04 0.23 -1.16
C LEU E 176 -33.44 -0.18 -0.73
N THR E 177 -34.38 -0.26 -1.65
CA THR E 177 -35.72 -0.73 -1.33
C THR E 177 -35.73 -2.18 -0.84
N ILE E 178 -34.94 -3.07 -1.43
CA ILE E 178 -35.06 -4.50 -1.15
C ILE E 178 -33.86 -4.96 -0.35
N GLY E 179 -32.69 -4.87 -0.94
CA GLY E 179 -31.45 -5.17 -0.24
C GLY E 179 -31.41 -4.60 1.17
N TRP E 180 -31.76 -3.33 1.34
CA TRP E 180 -31.52 -2.69 2.62
C TRP E 180 -32.65 -2.97 3.59
N ALA E 181 -33.67 -3.73 3.15
CA ALA E 181 -34.73 -4.13 4.05
C ALA E 181 -34.15 -5.07 5.09
N ILE E 182 -33.07 -5.75 4.73
CA ILE E 182 -32.42 -6.65 5.65
C ILE E 182 -32.12 -5.94 6.96
N TYR E 183 -31.83 -4.64 6.96
CA TYR E 183 -31.27 -4.01 8.15
C TYR E 183 -32.37 -3.78 9.19
N PRO E 184 -33.50 -3.13 8.86
CA PRO E 184 -34.67 -3.11 9.73
C PRO E 184 -35.11 -4.49 10.22
N LEU E 185 -34.93 -5.51 9.42
CA LEU E 185 -35.47 -6.79 9.80
C LEU E 185 -34.49 -7.52 10.71
N GLY E 186 -33.21 -7.41 10.41
CA GLY E 186 -32.19 -7.85 11.34
C GLY E 186 -32.46 -7.29 12.72
N TYR E 187 -32.60 -5.96 12.79
CA TYR E 187 -32.86 -5.23 14.00
C TYR E 187 -34.15 -5.72 14.64
N PHE E 188 -35.23 -5.74 13.90
CA PHE E 188 -36.48 -6.15 14.48
C PHE E 188 -36.33 -7.50 15.18
N ILE E 189 -35.68 -8.46 14.54
CA ILE E 189 -35.65 -9.80 15.09
C ILE E 189 -34.67 -9.83 16.24
N ASN E 190 -33.44 -9.37 15.99
CA ASN E 190 -32.43 -9.42 17.00
C ASN E 190 -32.92 -8.75 18.29
N ASN E 191 -33.67 -7.64 18.20
CA ASN E 191 -33.94 -6.83 19.37
C ASN E 191 -35.41 -6.91 19.76
N LEU E 192 -36.29 -6.56 18.85
CA LEU E 192 -37.67 -6.35 19.23
C LEU E 192 -38.46 -7.66 19.19
N GLY E 193 -37.84 -8.68 18.63
CA GLY E 193 -38.58 -9.89 18.31
C GLY E 193 -38.07 -11.04 19.15
N GLY E 194 -38.32 -12.26 18.67
CA GLY E 194 -37.90 -13.43 19.39
C GLY E 194 -36.43 -13.32 19.83
N GLY E 195 -35.60 -12.80 18.93
CA GLY E 195 -34.15 -12.91 19.06
C GLY E 195 -33.61 -13.84 17.99
N VAL E 196 -32.29 -13.77 17.77
CA VAL E 196 -31.64 -14.51 16.70
C VAL E 196 -30.22 -14.78 17.15
N ASP E 197 -29.74 -15.99 16.87
CA ASP E 197 -28.36 -16.36 17.12
C ASP E 197 -27.46 -15.31 16.46
N ALA E 198 -26.38 -14.93 17.13
CA ALA E 198 -25.51 -13.92 16.57
C ALA E 198 -24.70 -14.49 15.43
N ASN E 199 -24.39 -15.79 15.51
CA ASN E 199 -23.69 -16.47 14.44
C ASN E 199 -24.54 -16.41 13.19
N SER E 200 -25.82 -16.70 13.34
CA SER E 200 -26.69 -16.73 12.18
C SER E 200 -26.72 -15.33 11.56
N LEU E 201 -26.86 -14.32 12.42
CA LEU E 201 -27.04 -12.97 11.95
C LEU E 201 -25.74 -12.41 11.39
N ASN E 202 -24.59 -12.89 11.86
CA ASN E 202 -23.37 -12.43 11.26
C ASN E 202 -23.26 -12.98 9.84
N ILE E 203 -23.69 -14.23 9.67
CA ILE E 203 -23.65 -14.87 8.38
C ILE E 203 -24.54 -14.09 7.43
N ILE E 204 -25.77 -13.82 7.87
CA ILE E 204 -26.72 -13.07 7.06
C ILE E 204 -26.21 -11.68 6.67
N TYR E 205 -25.62 -10.96 7.61
CA TYR E 205 -25.15 -9.64 7.31
C TYR E 205 -23.94 -9.67 6.41
N ASN E 206 -23.12 -10.71 6.54
CA ASN E 206 -21.95 -10.88 5.67
C ASN E 206 -22.38 -11.19 4.25
N LEU E 207 -23.25 -12.18 4.11
CA LEU E 207 -23.71 -12.53 2.79
C LEU E 207 -24.58 -11.46 2.15
N THR E 208 -25.13 -10.49 2.88
CA THR E 208 -25.93 -9.50 2.19
C THR E 208 -25.09 -8.31 1.76
N ASP E 209 -23.91 -8.10 2.35
CA ASP E 209 -22.94 -7.13 1.86
C ASP E 209 -22.38 -7.50 0.48
N PHE E 210 -22.75 -8.64 -0.07
CA PHE E 210 -22.49 -8.91 -1.47
C PHE E 210 -23.44 -8.07 -2.32
N LEU E 211 -24.71 -8.11 -1.98
CA LEU E 211 -25.65 -7.27 -2.65
C LEU E 211 -25.44 -5.80 -2.31
N ASN E 212 -25.56 -5.55 -1.03
CA ASN E 212 -25.77 -4.21 -0.57
C ASN E 212 -24.50 -3.42 -0.84
N LYS E 213 -23.32 -4.03 -0.84
CA LYS E 213 -22.14 -3.25 -1.17
C LYS E 213 -21.59 -3.53 -2.57
N ILE E 214 -21.54 -4.77 -2.98
CA ILE E 214 -20.76 -5.06 -4.16
C ILE E 214 -21.62 -4.86 -5.42
N ILE E 215 -22.79 -5.44 -5.47
CA ILE E 215 -23.64 -5.21 -6.61
C ILE E 215 -24.00 -3.72 -6.68
N PHE E 216 -24.07 -3.07 -5.54
CA PHE E 216 -24.31 -1.64 -5.54
C PHE E 216 -23.18 -0.92 -6.26
N GLY E 217 -21.96 -1.38 -6.03
CA GLY E 217 -20.78 -0.81 -6.65
C GLY E 217 -20.78 -1.02 -8.14
N PHE E 218 -21.05 -2.25 -8.57
CA PHE E 218 -20.98 -2.62 -9.97
C PHE E 218 -22.02 -1.86 -10.76
N VAL E 219 -23.13 -1.52 -10.12
CA VAL E 219 -24.16 -0.76 -10.79
C VAL E 219 -23.64 0.63 -11.08
N VAL E 220 -22.87 1.20 -10.16
CA VAL E 220 -22.37 2.55 -10.27
C VAL E 220 -21.30 2.50 -11.34
N TYR E 221 -20.46 1.48 -11.28
CA TYR E 221 -19.38 1.33 -12.22
C TYR E 221 -19.91 1.18 -13.65
N ARG E 222 -20.97 0.44 -13.85
CA ARG E 222 -21.46 0.28 -15.20
C ARG E 222 -22.04 1.60 -15.71
N ALA E 223 -22.53 2.47 -14.81
CA ALA E 223 -23.10 3.71 -15.27
C ALA E 223 -21.98 4.61 -15.77
N ALA E 224 -20.93 4.67 -14.98
CA ALA E 224 -19.82 5.52 -15.32
C ALA E 224 -19.22 5.02 -16.63
N MET E 225 -19.11 3.71 -16.78
CA MET E 225 -18.55 3.12 -17.98
C MET E 225 -19.53 3.34 -19.13
N ASN E 226 -20.76 3.00 -18.92
CA ASN E 226 -21.67 3.20 -20.00
C ASN E 226 -21.62 4.60 -20.57
N ASP E 227 -21.65 5.58 -19.67
CA ASP E 227 -21.76 6.97 -20.05
C ASP E 227 -20.48 7.40 -20.75
N THR E 228 -19.33 7.04 -20.16
CA THR E 228 -18.05 7.45 -20.73
C THR E 228 -18.04 7.11 -22.21
N GLN E 229 -18.56 5.93 -22.52
CA GLN E 229 -18.58 5.35 -23.85
C GLN E 229 -19.61 6.00 -24.74
N ALA E 230 -20.74 6.40 -24.20
CA ALA E 230 -21.80 6.98 -24.99
C ALA E 230 -21.37 8.35 -25.49
N ARG E 231 -20.44 8.94 -24.73
CA ARG E 231 -19.96 10.28 -25.00
C ARG E 231 -18.88 10.15 -26.09
N LEU E 232 -18.21 9.02 -26.12
CA LEU E 232 -17.19 8.74 -27.12
C LEU E 232 -17.86 8.37 -28.42
N ASP E 233 -18.92 7.57 -28.33
CA ASP E 233 -19.67 7.14 -29.49
C ASP E 233 -20.37 8.34 -30.15
N GLU E 234 -20.69 9.39 -29.40
CA GLU E 234 -21.34 10.54 -29.98
C GLU E 234 -20.29 11.53 -30.53
N ILE E 235 -19.07 11.47 -29.99
CA ILE E 235 -17.97 12.28 -30.52
C ILE E 235 -17.63 11.79 -31.93
N LYS E 236 -17.66 10.47 -32.13
CA LYS E 236 -17.40 9.89 -33.44
C LYS E 236 -18.38 10.44 -34.49
N LYS E 237 -19.65 10.66 -34.10
CA LYS E 237 -20.60 11.30 -35.00
C LYS E 237 -20.45 12.83 -34.91
C1 LFA F . -18.65 -21.00 -1.19
C2 LFA F . -18.16 -20.00 -0.11
C3 LFA F . -18.01 -20.73 1.22
C4 LFA F . -18.05 -19.79 2.43
C5 LFA F . -17.83 -20.57 3.76
C6 LFA F . -16.46 -21.28 3.87
C7 LFA F . -16.22 -21.56 5.36
C8 LFA F . -15.09 -22.54 5.60
C9 LFA F . -14.22 -22.25 6.82
C10 LFA F . -14.03 -23.55 7.65
C11 LFA F . -12.84 -23.47 8.66
C12 LFA F . -12.82 -24.52 9.83
C13 LFA F . -13.21 -26.02 9.52
C1 LFA G . -18.60 -3.89 -22.09
C2 LFA G . -19.27 -4.88 -21.12
C3 LFA G . -18.55 -4.83 -19.76
C4 LFA G . -17.16 -5.54 -19.71
C5 LFA G . -16.57 -5.51 -18.29
C6 LFA G . -17.37 -6.16 -17.14
C7 LFA G . -16.52 -6.04 -15.85
C8 LFA G . -16.74 -7.23 -14.92
C9 LFA G . -15.56 -7.39 -13.99
C10 LFA G . -15.97 -7.92 -12.62
C11 LFA G . -16.56 -9.32 -12.68
C12 LFA G . -16.35 -10.05 -11.33
C13 LFA G . -17.46 -11.11 -11.12
C14 LFA G . -17.07 -12.20 -10.16
C15 LFA G . -16.90 -11.65 -8.75
C16 LFA G . -17.16 -12.75 -7.71
C17 LFA G . -18.64 -13.06 -7.45
C18 LFA G . -18.78 -13.83 -6.11
C19 LFA G . -20.25 -14.13 -5.71
C20 LFA G . -20.31 -14.83 -4.34
C1 LFA H . -21.90 -5.39 -18.83
C2 LFA H . -21.33 -6.77 -18.54
C3 LFA H . -21.65 -7.21 -17.11
C4 LFA H . -20.67 -6.63 -16.08
C5 LFA H . -21.29 -6.84 -14.70
C6 LFA H . -20.40 -6.35 -13.53
C7 LFA H . -20.19 -7.43 -12.43
C8 LFA H . -21.53 -8.02 -11.98
C9 LFA H . -21.60 -8.34 -10.48
C10 LFA H . -20.42 -9.19 -9.98
C11 LFA H . -20.85 -10.10 -8.80
C1 LFA I . -2.17 -27.73 -19.16
C2 LFA I . -1.64 -26.30 -19.13
C3 LFA I . -1.42 -25.77 -20.57
C4 LFA I . -0.93 -24.30 -20.54
C5 LFA I . -0.82 -23.75 -21.95
C6 LFA I . -0.27 -22.32 -21.89
C7 LFA I . -0.42 -21.48 -23.17
C8 LFA I . -0.17 -22.19 -24.51
C1 LFA J . 2.91 -26.45 -17.69
C2 LFA J . 3.79 -25.31 -18.23
C3 LFA J . 3.15 -24.58 -19.43
C4 LFA J . 4.19 -23.62 -20.02
C5 LFA J . 3.62 -22.68 -21.11
C6 LFA J . 3.31 -21.30 -20.48
C7 LFA J . 2.72 -20.27 -21.48
C8 LFA J . 3.03 -18.83 -20.99
C9 LFA J . 2.45 -17.69 -21.86
C10 LFA J . 2.88 -17.71 -23.34
C1 LFA K . -21.86 -19.25 1.05
C2 LFA K . -21.92 -20.02 2.37
C3 LFA K . -23.36 -20.27 2.86
C4 LFA K . -23.32 -21.15 4.12
C5 LFA K . -24.57 -20.94 4.98
C6 LFA K . -24.61 -22.02 6.08
C7 LFA K . -25.97 -22.05 6.78
C8 LFA K . -26.22 -23.35 7.52
C9 LFA K . -25.83 -23.26 9.00
C10 LFA K . -25.47 -24.65 9.56
C11 LFA K . -26.69 -25.58 9.65
C12 LFA K . -26.36 -26.82 10.49
C13 LFA K . -27.53 -27.80 10.49
C9 LFA L . -25.76 -20.18 -8.67
C10 LFA L . -25.95 -20.97 -7.37
C11 LFA L . -25.49 -22.43 -7.52
C12 LFA L . -25.99 -23.32 -6.37
C13 LFA L . -25.88 -24.82 -6.70
C14 LFA L . -26.43 -25.62 -5.51
C15 LFA L . -27.69 -26.42 -5.87
C16 LFA L . -28.16 -27.20 -4.65
C17 LFA L . -29.06 -28.37 -5.08
C18 LFA L . -29.59 -29.13 -3.85
C19 LFA L . -30.51 -30.31 -4.23
C20 LFA L . -31.01 -31.05 -2.96
C9 LFA M . -27.09 -20.58 -3.30
C10 LFA M . -27.47 -22.06 -3.45
C11 LFA M . -27.64 -22.77 -2.09
C12 LFA M . -28.49 -24.04 -2.26
C13 LFA M . -28.85 -24.62 -0.89
C14 LFA M . -29.16 -26.12 -0.98
C15 LFA M . -28.82 -26.79 0.37
C16 LFA M . -28.95 -28.31 0.26
C17 LFA M . -30.38 -28.75 0.55
C18 LFA M . -30.43 -30.23 0.95
C19 LFA M . -30.37 -30.41 2.47
C20 LFA M . -30.67 -31.87 2.83
C1 LFA N . -30.01 -10.93 -20.13
C2 LFA N . -29.44 -11.80 -19.01
C3 LFA N . -29.84 -13.28 -19.19
C4 LFA N . -29.01 -14.21 -18.28
C5 LFA N . -29.20 -15.68 -18.66
C6 LFA N . -28.52 -16.61 -17.65
C7 LFA N . -28.65 -18.10 -18.05
C8 LFA N . -28.16 -19.03 -16.91
C9 LFA N . -28.11 -20.51 -17.32
C1 LFA O . -13.21 -26.52 -30.94
C2 LFA O . -13.74 -27.67 -31.81
C3 LFA O . -13.77 -28.98 -31.02
C4 LFA O . -15.14 -29.22 -30.36
C5 LFA O . -14.96 -30.03 -29.06
C6 LFA O . -16.31 -30.32 -28.37
C7 LFA O . -16.13 -30.83 -26.92
C8 LFA O . -15.76 -29.70 -25.95
C9 LFA O . -15.99 -30.09 -24.47
C10 LFA O . -17.45 -29.97 -24.02
C11 LFA O . -17.71 -30.42 -22.58
C12 LFA O . -19.19 -30.72 -22.42
C1 LFA P . -13.25 -32.52 -19.34
C2 LFA P . -12.76 -33.36 -20.53
C3 LFA P . -13.40 -32.86 -21.83
C4 LFA P . -12.54 -31.74 -22.36
C5 LFA P . -13.16 -31.04 -23.55
C6 LFA P . -12.91 -31.77 -24.87
C7 LFA P . -11.90 -30.98 -25.73
C8 LFA P . -12.23 -31.14 -27.22
C9 LFA P . -11.35 -30.23 -28.08
C11 LFA Q . -21.42 -36.00 -15.23
C12 LFA Q . -21.72 -36.86 -14.00
C13 LFA Q . -20.67 -36.64 -12.89
C14 LFA Q . -20.10 -37.97 -12.39
C15 LFA Q . -21.04 -38.72 -11.43
C16 LFA Q . -20.56 -40.17 -11.28
C17 LFA Q . -21.15 -40.83 -10.03
C18 LFA Q . -20.37 -40.36 -8.80
C19 LFA Q . -20.38 -41.47 -7.73
C20 LFA Q . -19.20 -42.42 -7.89
C1 LFA R . -15.55 -35.38 -16.37
C2 LFA R . -15.88 -35.84 -14.96
C3 LFA R . -16.49 -37.25 -15.02
C4 LFA R . -16.47 -37.86 -13.62
C5 LFA R . -16.77 -39.35 -13.67
C6 LFA R . -16.19 -40.00 -12.40
C7 LFA R . -16.54 -41.48 -12.33
C8 LFA R . -16.23 -42.07 -10.94
C9 LFA R . -16.33 -43.60 -11.03
C10 LFA R . -16.01 -44.30 -9.70
C1 LFA S . -12.58 -35.03 -13.64
C2 LFA S . -12.08 -35.94 -12.51
C3 LFA S . -13.00 -37.14 -12.33
C4 LFA S . -12.49 -37.95 -11.13
C5 LFA S . -13.03 -39.37 -11.18
C6 LFA S . -12.13 -40.27 -10.32
C7 LFA S . -12.48 -41.76 -10.53
C15 LFA T . 6.39 -11.20 -13.23
C16 LFA T . 5.80 -11.54 -11.84
C17 LFA T . 5.99 -13.03 -11.62
C18 LFA T . 5.69 -13.47 -10.20
C19 LFA T . 6.28 -14.87 -10.01
C20 LFA T . 5.83 -15.93 -11.02
C1 LFA U . 1.48 5.58 -13.15
C2 LFA U . 1.41 4.10 -12.68
C3 LFA U . 0.90 3.97 -11.25
C4 LFA U . 0.13 2.67 -10.93
C5 LFA U . -0.21 2.64 -9.43
C6 LFA U . -1.27 1.59 -9.04
C7 LFA U . -0.72 0.20 -9.16
C8 LFA U . -1.51 -0.75 -8.27
C9 LFA U . -1.14 -0.67 -6.79
C10 LFA U . -2.26 -1.43 -6.06
C11 LFA U . -1.73 -2.11 -4.80
C12 LFA U . -2.86 -2.26 -3.77
C13 LFA U . -2.29 -2.98 -2.55
C14 LFA U . -3.37 -3.75 -1.77
C15 LFA U . -3.80 -2.95 -0.53
C16 LFA U . -4.51 -3.82 0.52
C17 LFA U . -3.62 -4.96 1.04
C1 LFA V . -0.23 3.47 -6.18
C2 LFA V . -0.13 3.56 -4.67
C3 LFA V . -0.13 2.14 -4.13
C4 LFA V . -0.09 2.18 -2.61
C5 LFA V . -0.04 0.76 -2.03
C6 LFA V . -0.01 0.81 -0.51
C7 LFA V . -0.02 -0.60 0.07
C8 LFA V . 0.14 -0.50 1.59
C9 LFA V . 0.01 -1.86 2.30
C1 LFA W . 7.97 -14.56 -24.48
C2 LFA W . 7.56 -13.98 -23.13
C3 LFA W . 6.93 -15.07 -22.26
C4 LFA W . 6.45 -14.44 -20.95
C5 LFA W . 5.51 -15.39 -20.17
C6 LFA W . 5.96 -15.55 -18.71
C7 LFA W . 5.64 -16.97 -18.19
C8 LFA W . 5.86 -16.99 -16.67
C9 LFA W . 5.89 -18.45 -16.18
C10 LFA W . 6.11 -18.54 -14.68
C1 LFA X . 12.57 -24.90 -5.27
C2 LFA X . 11.44 -25.49 -4.43
C3 LFA X . 10.76 -24.40 -3.62
C4 LFA X . 9.73 -25.06 -2.70
C5 LFA X . 10.19 -24.98 -1.24
C6 LFA X . 9.47 -26.04 -0.42
C7 LFA X . 9.30 -25.59 1.01
C8 LFA X . 10.58 -25.47 1.84
C9 LFA X . 10.17 -24.80 3.17
C10 LFA X . 10.75 -25.56 4.33
C11 LFA X . 10.45 -24.93 5.70
C12 LFA X . 11.46 -25.62 6.66
C13 LFA X . 11.13 -25.89 8.15
C14 LFA X . 12.19 -26.95 8.62
C1 LFA Y . 2.02 9.21 -13.13
C2 LFA Y . 3.09 8.66 -12.17
C3 LFA Y . 2.50 8.13 -10.85
C4 LFA Y . 3.41 7.04 -10.29
C5 LFA Y . 2.57 6.05 -9.47
C6 LFA Y . 3.32 4.75 -9.22
C7 LFA Y . 2.62 3.91 -8.13
C8 LFA Y . 2.92 2.43 -8.35
C9 LFA Y . 4.26 2.03 -7.74
C10 LFA Y . 4.02 1.65 -6.27
C11 LFA Y . 3.48 0.22 -6.13
C12 LFA Y . 3.69 -0.25 -4.68
C13 LFA Y . 3.12 -1.66 -4.49
C14 LFA Y . 3.17 -2.05 -3.01
C15 LFA Y . 2.39 -3.34 -2.75
C16 LFA Y . 2.76 -3.94 -1.39
C17 LFA Y . 1.91 -5.16 -0.99
C1 LFA Z . 8.29 -9.23 -26.59
C2 LFA Z . 8.42 -10.65 -25.99
C3 LFA Z . 8.06 -10.64 -24.50
C4 LFA Z . 8.96 -9.73 -23.63
C5 LFA Z . 8.54 -9.67 -22.15
C6 LFA Z . 8.25 -11.02 -21.42
C7 LFA Z . 7.73 -10.64 -20.02
C8 LFA Z . 7.81 -11.77 -19.02
C9 LFA Z . 8.25 -11.26 -17.66
C10 LFA Z . 7.76 -12.15 -16.53
C11 LFA Z . 8.62 -13.40 -16.41
C12 LFA Z . 8.50 -13.94 -14.97
C13 LFA Z . 9.11 -15.34 -14.74
C14 LFA Z . 8.92 -15.70 -13.26
C15 LFA Z . 9.35 -17.14 -13.02
C16 LFA Z . 8.67 -17.76 -11.78
C17 LFA Z . 8.64 -19.30 -11.93
C18 LFA Z . 8.30 -20.03 -10.61
C19 LFA Z . 8.03 -21.53 -10.87
C20 LFA Z . 7.83 -22.30 -9.55
C11 LFA AA . 25.51 7.10 -11.19
C12 LFA AA . 25.78 5.75 -10.52
C13 LFA AA . 24.78 5.43 -9.39
C14 LFA AA . 24.25 3.98 -9.51
C15 LFA AA . 23.56 3.50 -8.22
C16 LFA AA . 24.52 2.70 -7.34
C17 LFA AA . 23.79 2.15 -6.12
C18 LFA AA . 24.67 1.16 -5.38
C19 LFA AA . 23.99 0.80 -4.05
C20 LFA AA . 25.01 0.19 -3.08
C1 LFA BA . 32.03 -20.64 -12.45
C2 LFA BA . 32.92 -20.64 -13.70
C3 LFA BA . 32.92 -19.25 -14.33
C4 LFA BA . 33.11 -19.37 -15.84
C5 LFA BA . 33.03 -18.00 -16.51
C6 LFA BA . 34.06 -17.90 -17.63
C7 LFA BA . 34.28 -16.43 -18.01
C8 LFA BA . 34.94 -16.31 -19.39
C9 LFA BA . 34.93 -14.86 -19.88
C1 LFA CA . 29.59 -23.18 -19.79
C2 LFA CA . 30.56 -22.73 -18.70
C3 LFA CA . 30.55 -21.20 -18.63
C4 LFA CA . 31.06 -20.59 -19.94
C5 LFA CA . 32.00 -19.42 -19.68
C6 LFA CA . 32.36 -18.62 -20.95
C7 LFA CA . 33.57 -19.18 -21.71
C8 LFA CA . 34.29 -18.23 -22.70
C9 LFA CA . 33.59 -16.90 -23.02
C10 LFA CA . 34.46 -16.00 -23.94
C11 LFA CA . 34.00 -14.53 -23.97
C1 LFA DA . 9.69 -22.55 -28.16
C2 LFA DA . 9.99 -23.42 -26.93
C3 LFA DA . 11.47 -23.86 -26.88
C4 LFA DA . 11.82 -24.53 -25.55
C5 LFA DA . 13.33 -24.78 -25.42
C6 LFA DA . 13.68 -25.42 -24.06
C7 LFA DA . 15.12 -25.99 -24.07
C8 LFA DA . 15.52 -26.68 -22.76
C1 LFA EA . 13.64 -29.39 -12.72
C2 LFA EA . 14.52 -29.91 -11.57
C3 LFA EA . 15.42 -31.08 -12.01
C4 LFA EA . 15.30 -32.23 -11.02
C5 LFA EA . 15.86 -33.52 -11.62
C6 LFA EA . 15.74 -34.68 -10.62
C7 LFA EA . 16.58 -35.86 -11.13
C8 LFA EA . 16.56 -37.05 -10.16
C9 LFA EA . 17.20 -38.28 -10.85
C10 LFA EA . 17.63 -39.44 -9.92
C11 LFA EA . 16.55 -39.92 -8.95
C1 LFA FA . 8.45 -27.66 -5.09
C2 LFA FA . 8.10 -28.44 -3.79
C3 LFA FA . 8.06 -29.97 -4.01
C4 LFA FA . 7.30 -30.64 -2.87
C5 LFA FA . 7.58 -32.15 -2.83
C6 LFA FA . 6.71 -32.84 -1.74
C7 LFA FA . 6.99 -34.34 -1.65
C8 LFA FA . 6.55 -34.91 -0.30
C9 LFA FA . 6.99 -36.38 -0.10
C10 LFA FA . 7.56 -36.69 1.30
C11 LFA FA . 8.17 -38.12 1.32
C12 LFA FA . 8.57 -38.55 2.73
C1 LFA GA . 10.07 -30.75 -11.01
C2 LFA GA . 11.18 -31.81 -10.92
C3 LFA GA . 11.00 -32.71 -9.69
C4 LFA GA . 11.80 -34.02 -9.90
C5 LFA GA . 11.59 -35.00 -8.74
C6 LFA GA . 12.77 -35.97 -8.66
C7 LFA GA . 12.76 -36.72 -7.32
C8 LFA GA . 13.88 -37.78 -7.28
C9 LFA GA . 13.48 -38.85 -6.24
C10 LFA GA . 14.58 -39.88 -5.99
C11 LFA GA . 14.14 -40.90 -4.93
C12 LFA GA . 15.30 -41.81 -4.54
C1 LFA HA . 26.44 0.79 -11.64
C2 LFA HA . 26.04 0.25 -10.26
C3 LFA HA . 26.91 -0.94 -9.77
C4 LFA HA . 28.40 -0.57 -9.78
C5 LFA HA . 29.33 -1.52 -8.99
C6 LFA HA . 29.12 -1.52 -7.48
C7 LFA HA . 30.37 -2.02 -6.72
C8 LFA HA . 30.64 -3.52 -6.90
C9 LFA HA . 30.96 -4.21 -5.56
C1 LFA IA . 29.44 -3.13 -13.44
C2 LFA IA . 29.05 -3.32 -11.97
C3 LFA IA . 28.84 -4.78 -11.57
C4 LFA IA . 29.79 -5.20 -10.45
C5 LFA IA . 29.81 -6.71 -10.24
C6 LFA IA . 31.01 -7.06 -9.34
C7 LFA IA . 31.16 -8.55 -9.03
C8 LFA IA . 30.00 -9.04 -8.17
C1 LFA JA . 31.32 -23.24 -7.45
C2 LFA JA . 31.69 -23.64 -6.02
C3 LFA JA . 32.25 -25.05 -5.98
C4 LFA JA . 32.47 -25.45 -4.52
C5 LFA JA . 33.49 -26.57 -4.40
C6 LFA JA . 34.05 -26.62 -2.98
C7 LFA JA . 35.31 -27.50 -2.92
C1 LFA KA . 30.05 -30.53 -13.43
C2 LFA KA . 29.88 -30.28 -11.93
C3 LFA KA . 30.33 -31.47 -11.08
C4 LFA KA . 30.36 -30.99 -9.62
C5 LFA KA . 30.32 -32.15 -8.61
C6 LFA KA . 31.62 -32.95 -8.47
C7 LFA KA . 31.36 -34.10 -7.49
C8 LFA KA . 31.37 -33.59 -6.04
C9 LFA KA . 31.72 -34.74 -5.08
C10 LFA KA . 32.16 -34.24 -3.70
C1 LFA LA . 32.11 -24.48 -11.16
C2 LFA LA . 31.50 -25.56 -10.29
C3 LFA LA . 32.58 -26.62 -10.03
C4 LFA LA . 32.06 -27.58 -8.96
C5 LFA LA . 33.15 -28.57 -8.59
C6 LFA LA . 33.67 -28.20 -7.21
C7 LFA LA . 34.71 -29.20 -6.70
C8 LFA LA . 34.05 -30.49 -6.24
C9 LFA LA . 34.43 -30.81 -4.79
C10 LFA LA . 35.90 -31.25 -4.68
C11 LFA LA . 36.12 -32.23 -3.52
C15 LFA MA . 17.68 3.96 -4.05
C16 LFA MA . 17.02 2.85 -3.20
C17 LFA MA . 18.12 2.00 -2.56
C18 LFA MA . 17.64 1.24 -1.35
C19 LFA MA . 18.86 0.90 -0.46
C20 LFA MA . 20.04 0.25 -1.17
C1 LFA NA . 21.27 -6.67 20.35
C2 LFA NA . 20.03 -7.01 19.45
C3 LFA NA . 20.12 -6.63 17.92
C4 LFA NA . 21.47 -6.09 17.36
C5 LFA NA . 21.31 -5.74 15.87
C6 LFA NA . 22.71 -5.66 15.25
C7 LFA NA . 22.74 -5.04 13.84
C8 LFA NA . 23.83 -5.81 13.08
C9 LFA NA . 23.87 -5.44 11.59
C10 LFA NA . 24.38 -4.02 11.37
C11 LFA NA . 24.66 -3.86 9.87
C12 LFA NA . 25.03 -2.41 9.55
C13 LFA NA . 26.46 -2.16 9.99
C14 LFA NA . 26.95 -0.86 9.35
C1 LFA OA . 24.02 10.09 -13.57
C2 LFA OA . 22.77 10.25 -12.68
C3 LFA OA . 22.81 9.16 -11.61
C4 LFA OA . 21.75 9.20 -10.47
C5 LFA OA . 22.07 7.96 -9.57
C6 LFA OA . 20.86 7.57 -8.75
C7 LFA OA . 21.19 6.48 -7.74
C8 LFA OA . 20.44 6.74 -6.46
C9 LFA OA . 20.39 5.52 -5.55
C10 LFA OA . 21.68 5.46 -4.75
C11 LFA OA . 21.47 4.72 -3.41
C12 LFA OA . 22.86 4.39 -2.84
C13 LFA OA . 22.84 4.12 -1.35
C14 LFA OA . 22.19 2.77 -1.10
C15 LFA OA . 22.22 2.45 0.40
C16 LFA OA . 22.89 1.10 0.74
C17 LFA OA . 24.38 1.05 0.37
C18 LFA OA . 25.23 0.08 1.24
C19 LFA OA . 24.48 -0.96 2.11
C20 LFA OA . 25.49 -1.89 2.81
C1 LFA PA . -0.08 10.59 -10.78
C2 LFA PA . -0.49 9.65 -9.63
C3 LFA PA . 0.44 9.65 -8.41
C4 LFA PA . 0.61 8.22 -7.86
C5 LFA PA . 1.90 8.07 -7.02
C6 LFA PA . 1.96 6.78 -6.17
C7 LFA PA . 3.29 6.83 -5.38
C8 LFA PA . 3.10 6.52 -3.88
C9 LFA PA . 3.71 5.16 -3.57
C10 LFA PA . 3.47 4.78 -2.11
C11 LFA PA . 4.51 3.72 -1.69
C12 LFA PA . 3.89 2.78 -0.64
C13 LFA PA . 4.93 1.78 -0.20
C14 LFA PA . 4.41 0.87 0.91
C15 LFA PA . 5.61 0.12 1.54
C16 LFA PA . 5.19 -1.08 2.39
C17 LFA PA . 5.02 -2.31 1.48
C12 LFA QA . 18.95 26.90 5.24
C13 LFA QA . 17.68 26.16 5.74
C14 LFA QA . 17.93 24.83 6.50
C15 LFA QA . 18.62 25.13 7.82
C16 LFA QA . 18.74 23.89 8.68
C17 LFA QA . 19.85 24.20 9.71
C18 LFA QA . 20.01 23.08 10.73
C19 LFA QA . 20.98 23.52 11.81
C20 LFA QA . 21.47 22.30 12.57
C1 LFA RA . 28.00 -6.29 9.10
C2 LFA RA . 27.95 -7.77 9.55
C3 LFA RA . 29.17 -8.16 10.38
C4 LFA RA . 29.09 -9.66 10.70
C5 LFA RA . 30.25 -10.08 11.61
C6 LFA RA . 30.18 -11.57 11.99
C7 LFA RA . 31.25 -11.89 13.03
C8 LFA RA . 30.80 -13.00 14.00
C9 LFA RA . 31.96 -13.49 14.88
C10 LFA RA . 31.85 -13.03 16.35
C11 LFA RA . 32.99 -13.60 17.22
C1 LFA SA . 8.97 15.55 23.32
C2 LFA SA . 10.06 15.96 24.34
C3 LFA SA . 10.06 15.05 25.57
C4 LFA SA . 11.46 14.97 26.16
C5 LFA SA . 11.43 14.36 27.57
C6 LFA SA . 12.76 14.64 28.30
C7 LFA SA . 12.63 14.46 29.81
C8 LFA SA . 13.26 13.12 30.25
C9 LFA SA . 12.63 12.66 31.58
C10 LFA SA . 13.02 13.55 32.76
C11 LFA SA . 12.38 13.00 34.04
C12 LFA SA . 12.82 13.83 35.24
C13 LFA SA . 12.19 13.29 36.53
C1 LFA TA . 33.95 0.65 3.39
C2 LFA TA . 33.63 0.26 4.84
C3 LFA TA . 34.90 0.15 5.70
C4 LFA TA . 34.62 0.50 7.16
C5 LFA TA . 35.61 -0.14 8.13
C6 LFA TA . 37.03 0.18 7.69
C7 LFA TA . 38.10 -0.16 8.75
C8 LFA TA . 37.96 -1.56 9.37
C9 LFA TA . 38.92 -1.67 10.56
C10 LFA TA . 40.40 -1.56 10.18
C11 LFA TA . 41.36 -1.77 11.38
C12 LFA TA . 41.26 -3.16 12.04
C13 LFA TA . 42.43 -3.42 13.03
C1 LFA UA . 33.48 -3.79 5.10
C2 LFA UA . 34.58 -3.53 6.13
C3 LFA UA . 34.50 -4.54 7.28
C4 LFA UA . 35.85 -4.59 8.00
C5 LFA UA . 35.84 -5.69 9.07
C6 LFA UA . 37.26 -6.00 9.56
C7 LFA UA . 37.76 -4.97 10.59
C8 LFA UA . 37.66 -5.50 12.01
C9 LFA UA . 38.84 -6.41 12.39
C10 LFA UA . 39.09 -6.38 13.90
C11 LFA UA . 40.07 -7.49 14.34
C12 LFA UA . 40.35 -7.44 15.85
C1 LFA VA . 13.76 25.84 3.82
C2 LFA VA . 12.76 24.92 4.54
C3 LFA VA . 13.39 24.16 5.72
C4 LFA VA . 14.14 25.11 6.69
C5 LFA VA . 14.03 24.63 8.14
C6 LFA VA . 14.56 25.65 9.17
C7 LFA VA . 14.40 25.07 10.60
C8 LFA VA . 15.54 25.53 11.53
C9 LFA VA . 16.13 24.41 12.42
C10 LFA VA . 15.18 23.87 13.51
C1 LFA WA . 34.52 5.46 -11.34
C2 LFA WA . 35.62 5.91 -10.37
C3 LFA WA . 35.69 5.01 -9.12
C4 LFA WA . 36.77 5.51 -8.14
C5 LFA WA . 36.23 6.51 -7.10
C6 LFA WA . 36.28 5.97 -5.66
C7 LFA WA . 37.38 6.63 -4.83
C8 LFA WA . 37.20 6.29 -3.33
C9 LFA WA . 38.20 7.00 -2.42
C1 LFA XA . 34.04 27.82 2.52
C2 LFA XA . 35.21 27.56 3.49
C3 LFA XA . 35.47 26.05 3.62
C4 LFA XA . 36.28 25.62 4.86
C5 LFA XA . 36.05 24.11 5.09
C6 LFA XA . 36.26 23.65 6.52
C7 LFA XA . 36.72 22.19 6.67
C8 LFA XA . 35.63 21.19 6.27
C9 LFA XA . 35.62 19.86 7.09
C10 LFA XA . 36.96 19.29 7.56
C11 LFA XA . 37.75 18.63 6.44
C1 LFA YA . 32.79 26.83 6.78
C2 LFA YA . 33.69 25.96 7.67
C3 LFA YA . 32.89 24.81 8.28
C4 LFA YA . 33.82 23.93 9.13
C5 LFA YA . 33.53 22.44 8.91
C6 LFA YA . 32.90 21.82 10.15
C7 LFA YA . 33.93 21.33 11.15
C8 LFA YA . 33.21 20.61 12.31
C9 LFA YA . 33.07 19.10 12.06
C11 LFA ZA . 40.60 13.70 14.04
C12 LFA ZA . 40.19 12.24 14.21
C13 LFA ZA . 39.48 12.00 15.54
C14 LFA ZA . 40.50 11.70 16.65
C15 LFA ZA . 39.75 11.21 17.90
C16 LFA ZA . 40.73 11.00 19.07
C17 LFA ZA . 40.16 10.01 20.08
C18 LFA ZA . 41.08 9.96 21.29
C19 LFA ZA . 40.55 9.05 22.38
C20 LFA ZA . 39.30 9.61 23.06
C11 LFA AB . 35.63 17.42 15.23
C12 LFA AB . 35.77 15.90 15.05
C13 LFA AB . 35.70 15.18 16.40
C14 LFA AB . 36.97 15.41 17.23
C15 LFA AB . 36.97 14.41 18.38
C16 LFA AB . 37.72 14.96 19.60
C17 LFA AB . 37.59 13.97 20.77
C18 LFA AB . 38.26 14.52 22.04
C19 LFA AB . 38.37 13.39 23.07
C20 LFA AB . 38.65 13.95 24.47
C14 LFA BB . 32.22 15.97 17.29
C15 LFA BB . 31.98 15.08 18.52
C16 LFA BB . 33.26 14.89 19.32
C17 LFA BB . 32.91 14.41 20.73
C18 LFA BB . 34.14 14.48 21.61
C19 LFA BB . 33.74 14.53 23.09
C20 LFA BB . 35.03 14.64 23.92
C3 LFA CB . 8.28 27.86 1.94
C4 LFA CB . 7.81 27.40 3.32
C5 LFA CB . 7.75 25.86 3.42
C6 LFA CB . 8.79 25.32 4.41
C7 LFA CB . 9.04 23.81 4.26
C8 LFA CB . 8.35 22.99 5.37
C9 LFA CB . 9.20 22.86 6.65
C10 LFA CB . 8.67 21.71 7.52
C11 LFA CB . 9.40 21.70 8.87
C12 LFA CB . 8.81 20.69 9.87
C1 LFA DB . 4.75 16.71 22.25
C2 LFA DB . 5.30 15.43 21.59
C3 LFA DB . 4.98 14.16 22.39
C4 LFA DB . 6.22 13.55 23.07
C5 LFA DB . 6.01 12.08 23.52
C6 LFA DB . 4.69 11.73 24.22
C7 LFA DB . 4.81 10.33 24.81
C8 LFA DB . 3.67 9.90 25.72
C9 LFA DB . 3.42 8.39 25.70
C10 LFA DB . 2.86 7.92 27.06
C11 LFA DB . 2.60 6.39 27.15
C12 LFA DB . 2.14 5.83 28.55
C13 LFA DB . 2.03 6.91 29.67
C14 LFA DB . 1.32 6.56 31.00
C15 LFA EB . 4.27 17.45 5.24
C16 LFA EB . 4.70 15.96 5.32
C17 LFA EB . 4.52 15.30 6.70
C18 LFA EB . 5.55 15.93 7.61
C19 LFA EB . 5.44 15.49 9.04
C20 LFA EB . 6.50 16.30 9.80
C1 LFA FB . 5.89 28.19 -0.67
C2 LFA FB . 4.82 27.20 -1.17
C3 LFA FB . 4.14 26.29 -0.09
C4 LFA FB . 5.09 25.20 0.45
C5 LFA FB . 4.72 24.67 1.83
C6 LFA FB . 5.00 23.17 2.00
C7 LFA FB . 4.40 22.76 3.34
C8 LFA FB . 4.83 21.35 3.61
C9 LFA FB . 4.18 20.85 4.88
C10 LFA FB . 4.73 21.51 6.13
C11 LFA FB . 4.74 20.49 7.31
C12 LFA FB . 4.24 21.14 8.60
C13 LFA FB . 5.04 20.70 9.82
C14 LFA FB . 4.63 19.29 10.25
C15 LFA FB . 5.51 18.76 11.41
C16 LFA FB . 5.65 19.75 12.60
C17 LFA FB . 7.01 19.63 13.31
C18 LFA FB . 6.97 18.58 14.44
C19 LFA FB . 8.02 18.91 15.50
C20 LFA FB . 8.09 17.80 16.56
C1 LFA GB . 8.43 25.60 20.53
C2 LFA GB . 7.61 26.05 21.75
C3 LFA GB . 7.80 25.09 22.95
C4 LFA GB . 6.69 25.23 24.01
C5 LFA GB . 6.98 26.37 24.97
C6 LFA GB . 7.72 25.85 26.22
C7 LFA GB . 7.85 26.96 27.26
C8 LFA GB . 8.37 26.38 28.58
C9 LFA GB . 8.36 27.48 29.66
C10 LFA GB . 8.99 26.90 30.95
C11 LFA GB . 9.01 27.87 32.14
C12 LFA GB . 9.59 27.13 33.37
C13 LFA GB . 9.33 27.83 34.71
C2 LFA HB . 11.28 22.63 36.79
C3 LFA HB . 10.60 23.33 35.61
C4 LFA HB . 11.14 22.80 34.29
C5 LFA HB . 10.53 23.54 33.08
C6 LFA HB . 10.78 22.74 31.79
C7 LFA HB . 10.52 23.58 30.55
C8 LFA HB . 11.18 22.86 29.35
C9 LFA HB . 10.98 23.66 28.05
C10 LFA HB . 11.16 22.74 26.83
C11 LFA HB . 10.61 23.42 25.57
C12 LFA HB . 10.77 22.51 24.34
C13 LFA HB . 10.91 23.36 23.07
C14 LFA HB . 11.12 22.48 21.83
C1 LFA IB . -18.59 22.42 2.94
C2 LFA IB . -18.51 20.96 3.44
C3 LFA IB . -18.35 20.84 4.96
C4 LFA IB . -19.41 21.66 5.75
C5 LFA IB . -19.87 20.92 7.02
C6 LFA IB . -21.02 21.62 7.76
C7 LFA IB . -21.53 20.72 8.90
C8 LFA IB . -21.01 21.15 10.28
C9 LFA IB . -21.38 20.07 11.32
C10 LFA IB . -21.16 20.52 12.76
C1 LFA JB . -18.43 26.56 5.91
C2 LFA JB . -18.34 25.15 6.52
C3 LFA JB . -18.48 25.24 8.03
C4 LFA JB . -17.76 24.08 8.70
C5 LFA JB . -18.34 23.92 10.11
C6 LFA JB . -17.68 24.92 11.06
C7 LFA JB . -18.55 25.17 12.30
C8 LFA JB . -18.55 24.01 13.29
C9 LFA JB . -17.18 23.84 13.95
C1 LFA KB . 11.70 33.48 6.96
C2 LFA KB . 11.64 34.80 7.70
C3 LFA KB . 11.85 34.62 9.22
C4 LFA KB . 10.64 34.03 9.95
C5 LFA KB . 10.46 34.65 11.35
C6 LFA KB . 9.33 33.97 12.14
C7 LFA KB . 9.15 34.61 13.51
C8 LFA KB . 8.08 33.87 14.36
C9 LFA KB . 7.78 34.56 15.70
C15 LFA LB . -12.27 27.36 26.00
C16 LFA LB . -11.22 27.60 27.09
C17 LFA LB . -11.37 26.59 28.25
C18 LFA LB . -11.76 27.31 29.55
C19 LFA LB . -11.80 26.30 30.68
C20 LFA LB . -12.66 26.80 31.86
C2 LFA MB . -13.89 39.85 11.39
C3 LFA MB . -13.10 40.75 12.34
C4 LFA MB . -12.83 40.02 13.67
C5 LFA MB . -12.11 40.91 14.70
C6 LFA MB . -11.94 40.20 16.06
C7 LFA MB . -11.08 38.91 15.98
C8 LFA MB . -10.71 38.43 17.39
C9 LFA MB . -9.92 37.10 17.40
C10 LFA MB . -8.53 37.24 18.07
C11 LFA MB . -8.27 36.23 19.21
C12 LFA MB . -7.07 36.71 20.03
C1 LFA NB . -14.73 37.16 15.09
C2 LFA NB . -14.49 37.27 16.59
C3 LFA NB . -14.28 35.88 17.21
C4 LFA NB . -12.81 35.69 17.54
C5 LFA NB . -12.56 34.40 18.33
C6 LFA NB . -12.97 34.60 19.77
C7 LFA NB . -12.05 33.88 20.74
C8 LFA NB . -12.40 32.40 20.83
C9 LFA NB . -11.41 31.72 21.78
C11 LFA OB . -9.57 30.89 26.01
C12 LFA OB . -9.74 31.53 27.38
C13 LFA OB . -9.27 30.54 28.46
C14 LFA OB . -9.34 31.19 29.84
C15 LFA OB . -10.20 30.33 30.76
C16 LFA OB . -9.98 30.66 32.23
C17 LFA OB . -10.73 29.64 33.07
C18 LFA OB . -10.54 29.91 34.56
C19 LFA OB . -11.54 29.07 35.36
C20 LFA OB . -11.30 29.28 36.86
C1 LFA PB . -6.85 26.92 38.51
C2 LFA PB . -7.23 27.67 37.23
C3 LFA PB . -6.28 28.85 36.96
C4 LFA PB . -6.25 29.19 35.47
C5 LFA PB . -5.51 30.51 35.24
C6 LFA PB . -6.11 31.26 34.04
C7 LFA PB . -5.20 31.14 32.82
C8 LFA PB . -6.03 31.26 31.53
C9 LFA PB . -5.21 31.63 30.28
C10 LFA PB . -4.98 33.16 30.18
C11 LFA PB . -4.90 33.62 28.72
C14 LFA QB . -15.53 10.46 1.49
C15 LFA QB . -14.34 10.34 2.46
C16 LFA QB . -14.30 8.97 3.14
C17 LFA QB . -14.38 9.08 4.65
C18 LFA QB . -15.71 9.68 5.08
C19 LFA QB . -15.67 9.78 6.58
C20 LFA QB . -16.81 10.68 7.04
C1 LFA RB . -21.45 19.41 -1.83
C2 LFA RB . -21.13 18.50 -0.65
C3 LFA RB . -19.67 18.72 -0.26
C4 LFA RB . -19.32 18.34 1.20
C5 LFA RB . -19.09 16.83 1.31
C6 LFA RB . -18.55 16.33 2.66
C7 LFA RB . -19.36 16.86 3.84
C8 LFA RB . -18.83 16.34 5.18
C9 LFA RB . -18.85 14.81 5.26
C10 LFA RB . -19.10 14.34 6.71
C1 LFA SB . -23.69 5.08 15.26
C2 LFA SB . -22.27 4.54 15.11
C3 LFA SB . -21.50 4.79 16.39
C4 LFA SB . -20.66 3.59 16.78
C5 LFA SB . -20.23 3.79 18.24
C6 LFA SB . -19.39 2.63 18.78
C7 LFA SB . -20.11 1.29 18.88
C8 LFA SB . -19.02 0.26 19.13
C9 LFA SB . -19.51 -0.89 19.99
C10 LFA SB . -18.43 -1.96 20.02
C11 LFA SB . -18.89 -3.02 21.05
C12 LFA SB . -17.83 -4.12 21.37
C13 LFA SB . -18.23 -5.07 22.55
C14 LFA SB . -19.78 -5.08 22.84
C15 LFA SB . -20.33 -6.15 23.80
C1 LFA TB . 1.82 2.54 4.97
C2 LFA TB . 0.84 3.59 4.42
C3 LFA TB . 0.93 3.69 2.89
C4 LFA TB . -0.34 4.33 2.33
C5 LFA TB . -0.20 4.64 0.84
C6 LFA TB . -0.89 5.98 0.58
C7 LFA TB . -0.77 6.39 -0.89
C8 LFA TB . -1.82 5.63 -1.71
C9 LFA TB . -2.48 6.53 -2.73
C10 LFA TB . -1.47 7.41 -3.45
C11 LFA TB . -2.16 8.08 -4.62
C12 LFA TB . -1.96 7.25 -5.90
C13 LFA TB . -2.55 8.12 -7.03
C14 LFA TB . -2.64 7.41 -8.40
C15 LFA TB . -3.58 8.16 -9.36
C16 LFA TB . -3.29 7.76 -10.81
C17 LFA TB . -3.16 8.95 -11.79
C1 LFA UB . -20.04 19.26 -8.28
C2 LFA UB . -20.55 20.08 -7.07
C3 LFA UB . -21.05 19.23 -5.87
C4 LFA UB . -19.95 18.36 -5.25
C5 LFA UB . -20.00 16.87 -5.65
C6 LFA UB . -19.08 16.03 -4.72
C7 LFA UB . -19.72 15.80 -3.34
C8 LFA UB . -18.71 15.71 -2.22
C9 LFA UB . -17.89 14.44 -2.27
C10 LFA UB . -18.54 13.30 -1.49
C11 LFA UB . -18.26 13.40 -0.01
C12 LFA UB . -18.43 12.07 0.70
C13 LFA UB . -19.13 12.25 2.07
C14 LFA UB . -19.16 10.97 2.93
C15 LFA UB . -19.99 11.15 4.22
C16 LFA UB . -19.52 10.17 5.35
C1 LFA VB . -2.42 6.22 -13.97
C2 LFA VB . -1.93 5.19 -12.94
C3 LFA VB . -3.06 4.60 -12.09
C4 LFA VB . -2.56 4.43 -10.65
C5 LFA VB . -3.67 4.48 -9.59
C6 LFA VB . -3.07 4.11 -8.21
C7 LFA VB . -3.94 4.56 -7.05
C8 LFA VB . -5.16 3.66 -6.86
C9 LFA VB . -4.79 2.59 -5.84
C10 LFA VB . -4.70 3.17 -4.41
C11 LFA VB . -4.80 2.02 -3.41
C12 LFA VB . -4.89 2.59 -1.99
C13 LFA VB . -4.87 1.43 -0.98
C14 LFA VB . -4.30 1.93 0.34
C15 LFA VB . -4.69 0.98 1.49
C16 LFA VB . -4.27 1.62 2.84
C17 LFA VB . -4.45 0.66 4.03
C1 LFA WB . -21.23 7.40 18.57
C2 LFA WB . -22.09 7.56 19.82
C3 LFA WB . -21.27 7.47 21.12
C4 LFA WB . -22.21 7.41 22.33
C5 LFA WB . -21.43 7.53 23.65
C6 LFA WB . -22.41 7.59 24.83
C7 LFA WB . -21.69 7.46 26.17
C8 LFA WB . -22.67 7.12 27.29
C9 LFA WB . -22.00 6.39 28.47
C10 LFA WB . -22.88 5.26 29.07
C11 LFA WB . -23.96 5.81 30.05
C12 LFA WB . -24.38 4.72 31.05
C2 LFA XB . -36.97 9.76 24.79
C3 LFA XB . -35.66 10.10 24.05
C4 LFA XB . -35.84 10.45 22.56
C5 LFA XB . -34.46 10.38 21.87
C6 LFA XB . -34.49 10.59 20.34
C7 LFA XB . -33.06 10.41 19.79
C8 LFA XB . -33.02 10.70 18.28
C9 LFA XB . -31.61 10.46 17.74
C10 LFA XB . -31.64 10.31 16.21
C11 LFA XB . -30.23 10.30 15.65
C12 LFA XB . -29.95 11.65 14.97
C13 LFA XB . -28.63 11.61 14.18
C14 LFA XB . -28.26 12.99 13.60
C15 LFA XB . -28.88 13.23 12.22
C8 LFA YB . -26.12 12.42 17.56
C9 LFA YB . -27.61 12.54 17.88
C10 LFA YB . -28.11 11.46 18.84
C11 LFA YB . -27.42 11.50 20.21
C12 LFA YB . -28.25 10.89 21.34
C13 LFA YB . -29.65 11.53 21.46
C14 LFA YB . -30.28 11.23 22.83
C15 LFA YB . -30.89 9.82 22.85
C16 LFA YB . -30.76 9.20 24.25
C17 LFA YB . -32.02 9.49 25.08
C18 LFA YB . -31.87 8.85 26.47
C19 LFA YB . -33.23 8.68 27.15
C20 LFA YB . -33.11 7.80 28.39
C12 LFA ZB . -30.07 -2.80 -12.46
C13 LFA ZB . -29.83 -4.20 -11.82
C14 LFA ZB . -29.33 -4.23 -10.36
C15 LFA ZB . -30.22 -5.23 -9.62
C16 LFA ZB . -30.11 -5.25 -8.09
C17 LFA ZB . -31.41 -5.90 -7.54
C18 LFA ZB . -31.36 -6.18 -6.02
C19 LFA ZB . -32.52 -7.09 -5.56
C1 LFA AC . -28.50 -11.08 -6.88
C2 LFA AC . -29.06 -10.15 -7.98
C3 LFA AC . -28.02 -9.86 -9.09
C4 LFA AC . -28.72 -9.05 -10.20
C5 LFA AC . -27.75 -8.55 -11.29
C6 LFA AC . -26.77 -7.47 -10.80
C7 LFA AC . -26.48 -6.45 -11.92
C8 LFA AC . -25.18 -5.63 -11.67
C9 LFA AC . -24.53 -5.10 -12.97
C10 LFA AC . -25.48 -4.37 -13.95
C1 LFA BC . -34.03 17.84 6.97
C2 LFA BC . -32.57 18.26 6.73
C3 LFA BC . -32.46 19.43 5.74
C4 LFA BC . -30.97 19.80 5.56
C5 LFA BC . -30.76 20.78 4.40
C6 LFA BC . -30.53 22.19 4.92
C7 LFA BC . -30.18 23.15 3.77
C8 LFA BC . -28.66 23.28 3.54
C9 LFA BC . -28.41 24.38 2.48
C10 LFA BC . -26.96 24.42 2.00
C12 LFA CC . -42.15 2.24 -6.75
C13 LFA CC . -42.81 1.55 -5.56
C14 LFA CC . -41.81 1.17 -4.47
C15 LFA CC . -42.17 1.92 -3.19
C16 LFA CC . -41.11 1.71 -2.10
C17 LFA CC . -41.49 0.54 -1.22
C18 LFA CC . -40.87 0.70 0.16
C19 LFA CC . -41.02 -0.59 0.95
C20 LFA CC . -40.18 -0.48 2.22
C9 LFA DC . -41.69 6.07 -9.83
C10 LFA DC . -42.98 5.65 -9.13
C11 LFA DC . -43.04 6.17 -7.69
C12 LFA DC . -44.29 5.63 -6.96
C13 LFA DC . -44.35 5.98 -5.46
C14 LFA DC . -43.15 5.39 -4.68
C15 LFA DC . -43.39 5.41 -3.17
C16 LFA DC . -42.06 5.20 -2.40
C17 LFA DC . -42.19 5.78 -0.98
C18 LFA DC . -41.16 5.21 0.00
C19 LFA DC . -41.68 5.39 1.42
C20 LFA DC . -41.95 6.86 1.73
C14 LFA EC . -38.69 -4.58 6.26
C15 LFA EC . -39.20 -4.01 7.59
C16 LFA EC . -38.98 -5.02 8.72
C17 LFA EC . -40.24 -5.12 9.59
C18 LFA EC . -40.17 -6.38 10.43
C19 LFA EC . -41.48 -6.54 11.19
C20 LFA EC . -41.66 -7.98 11.67
C1 LFA FC . -43.56 3.56 11.18
C2 LFA FC . -42.43 2.56 11.36
C3 LFA FC . -42.44 1.82 12.71
C4 LFA FC . -43.78 1.13 13.00
C5 LFA FC . -43.61 -0.06 13.96
C6 LFA FC . -43.62 0.41 15.41
C7 LFA FC . -43.11 -0.66 16.36
C8 LFA FC . -44.14 -1.76 16.46
C9 LFA FC . -44.00 -2.56 17.78
C10 LFA FC . -43.03 -3.74 17.64
C1 LFA GC . -45.35 -6.68 14.80
C2 LFA GC . -44.63 -6.13 13.57
C3 LFA GC . -44.47 -4.61 13.73
C4 LFA GC . -43.48 -4.05 12.70
C5 LFA GC . -44.17 -3.86 11.34
C6 LFA GC . -43.99 -2.43 10.82
C7 LFA GC . -42.57 -2.23 10.29
C8 LFA GC . -42.62 -1.28 9.09
C9 LFA GC . -41.26 -1.35 8.37
C10 LFA GC . -41.16 -0.41 7.18
C11 LFA GC . -42.36 -0.54 6.23
C14 LFA HC . -13.99 -7.39 -10.17
C15 LFA HC . -13.63 -6.70 -8.83
C16 LFA HC . -13.43 -7.68 -7.66
C17 LFA HC . -14.76 -8.36 -7.41
C18 LFA HC . -14.69 -9.02 -6.06
C19 LFA HC . -15.70 -10.16 -6.03
C20 LFA HC . -17.13 -9.70 -6.30
#